data_2K50
#
_entry.id   2K50
#
_entity_poly.entity_id   1
_entity_poly.type   'polypeptide(L)'
_entity_poly.pdbx_seq_one_letter_code
;MKPEHRMDTISKLEEGAETPVTGRVMKISSPRTFTTRKGREGKLANVIIADDTGELRAVFWTENIKLLKKFREGDVIRIK
DVNIRGGFGGRKEAHLMPRSTVEVLDPLEHHHHHH
;
_entity_poly.pdbx_strand_id   A
#
# COMPACT_ATOMS: atom_id res chain seq x y z
N MET A 1 1.58 -22.50 -4.98
CA MET A 1 1.75 -21.22 -4.24
C MET A 1 2.98 -21.29 -3.31
N LYS A 2 3.68 -20.15 -3.16
CA LYS A 2 4.77 -20.06 -2.17
C LYS A 2 4.19 -19.87 -0.75
N PRO A 3 4.86 -20.43 0.29
CA PRO A 3 4.34 -20.48 1.67
C PRO A 3 3.89 -19.11 2.23
N GLU A 4 2.78 -19.13 2.99
CA GLU A 4 2.21 -17.91 3.60
C GLU A 4 3.22 -17.20 4.52
N HIS A 5 4.09 -17.99 5.17
CA HIS A 5 5.08 -17.43 6.10
C HIS A 5 6.20 -16.67 5.37
N ARG A 6 6.19 -16.68 4.04
CA ARG A 6 7.19 -15.95 3.27
C ARG A 6 6.73 -14.50 3.00
N MET A 7 7.49 -13.54 3.52
CA MET A 7 7.21 -12.12 3.30
C MET A 7 8.29 -11.47 2.40
N ASP A 8 7.94 -11.27 1.14
CA ASP A 8 8.86 -10.69 0.16
C ASP A 8 9.01 -9.16 0.32
N THR A 9 10.17 -8.64 -0.07
CA THR A 9 10.44 -7.19 -0.02
C THR A 9 10.02 -6.53 -1.34
N ILE A 10 10.05 -5.19 -1.38
CA ILE A 10 9.59 -4.44 -2.56
C ILE A 10 10.25 -4.93 -3.87
N SER A 11 11.56 -5.22 -3.83
CA SER A 11 12.27 -5.75 -5.00
C SER A 11 11.83 -7.18 -5.33
N LYS A 12 11.39 -7.92 -4.31
CA LYS A 12 11.01 -9.33 -4.48
C LYS A 12 9.49 -9.51 -4.70
N LEU A 13 8.72 -8.44 -4.52
CA LEU A 13 7.26 -8.48 -4.71
C LEU A 13 6.87 -9.02 -6.09
N GLU A 14 6.07 -10.08 -6.09
CA GLU A 14 5.63 -10.74 -7.33
C GLU A 14 4.33 -10.11 -7.87
N GLU A 15 4.30 -9.82 -9.18
CA GLU A 15 3.09 -9.27 -9.80
C GLU A 15 1.97 -10.32 -9.87
N GLY A 16 0.75 -9.92 -9.51
CA GLY A 16 -0.37 -10.85 -9.43
C GLY A 16 -0.42 -11.60 -8.10
N ALA A 17 0.50 -11.28 -7.20
CA ALA A 17 0.58 -11.93 -5.88
C ALA A 17 -0.18 -11.13 -4.80
N GLU A 18 -0.63 -11.83 -3.77
CA GLU A 18 -1.31 -11.20 -2.64
C GLU A 18 -0.42 -11.31 -1.38
N THR A 19 0.13 -10.17 -0.96
CA THR A 19 1.09 -10.15 0.17
C THR A 19 1.05 -8.80 0.92
N PRO A 20 1.39 -8.79 2.22
CA PRO A 20 1.58 -7.53 2.97
C PRO A 20 2.91 -6.82 2.60
N VAL A 21 2.93 -5.49 2.67
CA VAL A 21 4.13 -4.70 2.32
C VAL A 21 4.53 -3.74 3.45
N THR A 22 5.80 -3.32 3.46
CA THR A 22 6.32 -2.40 4.48
C THR A 22 7.29 -1.38 3.88
N GLY A 23 7.23 -0.14 4.34
CA GLY A 23 8.14 0.90 3.85
C GLY A 23 7.97 2.25 4.54
N ARG A 24 8.94 3.14 4.32
CA ARG A 24 8.88 4.51 4.87
C ARG A 24 8.13 5.46 3.92
N VAL A 25 7.09 6.11 4.43
CA VAL A 25 6.27 7.02 3.61
C VAL A 25 7.07 8.27 3.21
N MET A 26 7.45 8.35 1.93
CA MET A 26 8.16 9.51 1.41
C MET A 26 7.17 10.58 0.92
N LYS A 27 6.23 10.19 0.05
CA LYS A 27 5.26 11.13 -0.53
C LYS A 27 3.83 10.58 -0.46
N ILE A 28 2.87 11.47 -0.23
CA ILE A 28 1.44 11.12 -0.21
C ILE A 28 0.66 11.98 -1.22
N SER A 29 -0.13 11.34 -2.07
CA SER A 29 -0.97 12.06 -3.04
C SER A 29 -2.46 11.97 -2.67
N SER A 30 -3.19 13.05 -2.93
CA SER A 30 -4.63 13.11 -2.62
C SER A 30 -5.45 12.10 -3.44
N PRO A 31 -6.58 11.62 -2.90
CA PRO A 31 -7.45 10.65 -3.58
C PRO A 31 -8.00 11.16 -4.93
N ARG A 32 -7.99 10.27 -5.92
CA ARG A 32 -8.60 10.54 -7.22
C ARG A 32 -10.03 9.98 -7.25
N THR A 33 -11.01 10.86 -7.44
CA THR A 33 -12.43 10.47 -7.34
C THR A 33 -12.98 9.92 -8.67
N PHE A 34 -13.77 8.85 -8.59
CA PHE A 34 -14.42 8.25 -9.76
C PHE A 34 -15.87 7.80 -9.42
N THR A 35 -16.73 7.75 -10.44
CA THR A 35 -18.13 7.39 -10.22
C THR A 35 -18.34 5.86 -10.23
N THR A 36 -18.53 5.28 -9.05
CA THR A 36 -18.78 3.83 -8.93
C THR A 36 -20.28 3.53 -8.77
N ARG A 37 -20.68 2.33 -9.19
CA ARG A 37 -22.09 1.92 -9.15
C ARG A 37 -22.50 1.43 -7.75
N LYS A 38 -21.52 1.27 -6.85
CA LYS A 38 -21.78 0.91 -5.45
C LYS A 38 -22.61 2.00 -4.72
N GLY A 39 -22.65 3.20 -5.29
CA GLY A 39 -23.36 4.31 -4.66
C GLY A 39 -22.47 5.12 -3.71
N ARG A 40 -21.19 4.76 -3.66
CA ARG A 40 -20.23 5.43 -2.79
C ARG A 40 -19.42 6.48 -3.59
N GLU A 41 -18.81 7.42 -2.90
CA GLU A 41 -18.08 8.52 -3.55
C GLU A 41 -16.97 8.02 -4.50
N GLY A 42 -16.31 6.91 -4.14
CA GLY A 42 -15.34 6.27 -5.04
C GLY A 42 -14.05 7.07 -5.21
N LYS A 43 -12.95 6.56 -4.64
CA LYS A 43 -11.64 7.24 -4.72
C LYS A 43 -10.47 6.25 -4.70
N LEU A 44 -9.34 6.69 -5.25
CA LEU A 44 -8.09 5.92 -5.19
C LEU A 44 -6.89 6.88 -5.00
N ALA A 45 -6.06 6.61 -4.00
CA ALA A 45 -4.94 7.50 -3.67
C ALA A 45 -3.59 6.80 -3.83
N ASN A 46 -2.58 7.54 -4.29
CA ASN A 46 -1.24 6.98 -4.50
C ASN A 46 -0.23 7.49 -3.44
N VAL A 47 0.20 6.58 -2.57
CA VAL A 47 1.22 6.90 -1.55
C VAL A 47 2.55 6.18 -1.84
N ILE A 48 3.63 6.94 -1.92
CA ILE A 48 4.94 6.38 -2.24
C ILE A 48 5.75 6.02 -0.98
N ILE A 49 5.95 4.72 -0.76
CA ILE A 49 6.77 4.24 0.35
C ILE A 49 8.11 3.70 -0.14
N ALA A 50 9.17 3.90 0.63
CA ALA A 50 10.51 3.48 0.22
C ALA A 50 11.13 2.45 1.18
N ASP A 51 11.72 1.41 0.61
CA ASP A 51 12.45 0.39 1.36
C ASP A 51 13.88 0.23 0.79
N ASP A 52 14.74 -0.46 1.53
CA ASP A 52 16.13 -0.68 1.11
C ASP A 52 16.21 -1.32 -0.29
N THR A 53 15.21 -2.13 -0.64
CA THR A 53 15.21 -2.87 -1.91
C THR A 53 14.47 -2.13 -3.05
N GLY A 54 13.89 -0.96 -2.77
CA GLY A 54 13.15 -0.24 -3.82
C GLY A 54 11.99 0.60 -3.29
N GLU A 55 11.42 1.44 -4.15
CA GLU A 55 10.26 2.28 -3.82
C GLU A 55 8.96 1.68 -4.40
N LEU A 56 7.86 1.75 -3.64
CA LEU A 56 6.59 1.13 -4.05
C LEU A 56 5.44 2.16 -4.02
N ARG A 57 4.51 2.02 -4.97
CA ARG A 57 3.32 2.87 -5.04
C ARG A 57 2.09 2.18 -4.42
N ALA A 58 1.71 2.60 -3.21
CA ALA A 58 0.53 2.06 -2.54
C ALA A 58 -0.76 2.76 -2.98
N VAL A 59 -1.76 1.99 -3.39
CA VAL A 59 -3.03 2.54 -3.88
C VAL A 59 -4.16 2.35 -2.85
N PHE A 60 -4.60 3.46 -2.26
CA PHE A 60 -5.68 3.44 -1.26
C PHE A 60 -7.05 3.68 -1.91
N TRP A 61 -7.84 2.61 -2.01
CA TRP A 61 -9.20 2.68 -2.57
C TRP A 61 -10.20 3.28 -1.57
N THR A 62 -11.38 3.68 -2.09
CA THR A 62 -12.43 4.38 -1.30
C THR A 62 -12.56 3.88 0.15
N GLU A 63 -12.45 2.57 0.37
CA GLU A 63 -12.57 2.02 1.73
C GLU A 63 -11.29 2.26 2.56
N ASN A 64 -10.14 2.27 1.90
CA ASN A 64 -8.85 2.50 2.57
C ASN A 64 -8.54 4.00 2.71
N ILE A 65 -9.32 4.85 2.05
CA ILE A 65 -9.16 6.32 2.19
C ILE A 65 -9.18 6.75 3.66
N LYS A 66 -10.01 6.08 4.47
CA LYS A 66 -10.12 6.40 5.90
C LYS A 66 -8.80 6.15 6.67
N LEU A 67 -7.89 5.40 6.05
CA LEU A 67 -6.58 5.11 6.67
C LEU A 67 -5.60 6.28 6.50
N LEU A 68 -5.87 7.16 5.53
CA LEU A 68 -4.99 8.30 5.25
C LEU A 68 -4.92 9.30 6.42
N LYS A 69 -5.89 9.21 7.33
CA LYS A 69 -5.91 10.09 8.51
C LYS A 69 -5.01 9.53 9.63
N LYS A 70 -4.44 8.34 9.44
CA LYS A 70 -3.66 7.66 10.48
C LYS A 70 -2.17 8.06 10.47
N PHE A 71 -1.57 8.17 9.29
CA PHE A 71 -0.12 8.43 9.17
C PHE A 71 0.17 9.73 8.41
N ARG A 72 1.41 10.22 8.55
CA ARG A 72 1.84 11.46 7.90
C ARG A 72 2.87 11.20 6.80
N GLU A 73 3.08 12.19 5.94
CA GLU A 73 4.08 12.10 4.86
C GLU A 73 5.50 12.17 5.45
N GLY A 74 5.97 11.07 6.02
CA GLY A 74 7.27 11.04 6.70
C GLY A 74 7.38 9.95 7.76
N ASP A 75 6.25 9.30 8.08
CA ASP A 75 6.26 8.17 9.02
C ASP A 75 6.53 6.84 8.29
N VAL A 76 6.64 5.76 9.05
CA VAL A 76 6.84 4.41 8.48
C VAL A 76 5.56 3.59 8.64
N ILE A 77 5.15 2.84 7.61
CA ILE A 77 3.92 2.05 7.68
C ILE A 77 4.09 0.63 7.13
N ARG A 78 3.37 -0.31 7.73
CA ARG A 78 3.24 -1.66 7.19
C ARG A 78 1.78 -1.93 6.78
N ILE A 79 1.57 -2.11 5.47
CA ILE A 79 0.23 -2.33 4.93
C ILE A 79 -0.05 -3.82 4.75
N LYS A 80 -1.13 -4.31 5.37
CA LYS A 80 -1.45 -5.74 5.32
C LYS A 80 -2.54 -6.06 4.28
N ASP A 81 -2.36 -7.18 3.58
CA ASP A 81 -3.33 -7.68 2.59
C ASP A 81 -3.46 -6.75 1.36
N VAL A 82 -2.51 -6.84 0.42
CA VAL A 82 -2.58 -6.06 -0.82
C VAL A 82 -2.22 -6.90 -2.06
N ASN A 83 -2.67 -6.46 -3.22
CA ASN A 83 -2.36 -7.12 -4.50
C ASN A 83 -1.33 -6.31 -5.31
N ILE A 84 -0.20 -6.94 -5.62
CA ILE A 84 0.87 -6.30 -6.38
C ILE A 84 0.57 -6.34 -7.88
N ARG A 85 0.44 -5.17 -8.53
CA ARG A 85 0.14 -5.11 -9.96
C ARG A 85 1.41 -4.94 -10.80
N GLY A 86 2.08 -3.78 -10.67
CA GLY A 86 3.31 -3.53 -11.42
C GLY A 86 3.05 -2.85 -12.77
N GLY A 87 2.65 -1.59 -12.73
CA GLY A 87 2.29 -0.87 -13.96
C GLY A 87 3.44 -0.09 -14.57
N PHE A 88 4.67 -0.41 -14.17
CA PHE A 88 5.85 0.28 -14.70
C PHE A 88 7.12 -0.56 -14.49
N GLY A 89 8.05 -0.47 -15.45
CA GLY A 89 9.33 -1.15 -15.32
C GLY A 89 10.22 -0.59 -14.21
N GLY A 90 9.93 -1.01 -12.98
CA GLY A 90 10.70 -0.53 -11.82
C GLY A 90 9.83 -0.36 -10.58
N ARG A 91 9.35 0.86 -10.35
CA ARG A 91 8.49 1.15 -9.21
C ARG A 91 7.08 0.54 -9.40
N LYS A 92 6.86 -0.64 -8.80
CA LYS A 92 5.57 -1.32 -8.88
C LYS A 92 4.51 -0.64 -8.00
N GLU A 93 3.34 -1.28 -7.89
CA GLU A 93 2.21 -0.72 -7.14
C GLU A 93 1.45 -1.80 -6.37
N ALA A 94 0.90 -1.44 -5.22
CA ALA A 94 0.15 -2.37 -4.37
C ALA A 94 -1.28 -1.84 -4.08
N HIS A 95 -2.28 -2.59 -4.51
CA HIS A 95 -3.68 -2.18 -4.32
C HIS A 95 -4.28 -2.75 -3.04
N LEU A 96 -4.83 -1.86 -2.20
CA LEU A 96 -5.39 -2.23 -0.90
C LEU A 96 -6.84 -2.72 -1.01
N MET A 97 -7.30 -3.40 0.03
CA MET A 97 -8.66 -3.97 0.09
C MET A 97 -9.44 -3.39 1.28
N PRO A 98 -10.78 -3.50 1.30
CA PRO A 98 -11.60 -3.00 2.43
C PRO A 98 -11.08 -3.43 3.81
N ARG A 99 -10.61 -4.67 3.91
CA ARG A 99 -10.15 -5.23 5.20
C ARG A 99 -8.66 -4.94 5.48
N SER A 100 -8.00 -4.21 4.58
CA SER A 100 -6.57 -3.90 4.73
C SER A 100 -6.33 -2.79 5.76
N THR A 101 -5.50 -3.08 6.76
CA THR A 101 -5.15 -2.09 7.79
C THR A 101 -3.69 -1.63 7.64
N VAL A 102 -3.38 -0.46 8.19
CA VAL A 102 -2.01 0.08 8.17
C VAL A 102 -1.52 0.40 9.59
N GLU A 103 -0.26 0.10 9.87
CA GLU A 103 0.32 0.36 11.20
C GLU A 103 1.64 1.16 11.07
N VAL A 104 1.87 2.09 12.01
CA VAL A 104 3.07 2.94 12.00
C VAL A 104 4.26 2.27 12.70
N LEU A 105 5.34 2.05 11.95
CA LEU A 105 6.51 1.32 12.46
C LEU A 105 7.76 2.23 12.59
N ASP A 106 8.93 1.58 12.72
CA ASP A 106 10.21 2.19 13.11
C ASP A 106 10.33 2.21 14.67
N PRO A 107 9.50 2.97 15.42
CA PRO A 107 9.22 2.63 16.82
C PRO A 107 8.18 1.50 16.87
N LEU A 108 8.68 0.26 16.78
CA LEU A 108 7.81 -0.92 16.60
C LEU A 108 6.70 -0.99 17.66
N GLU A 109 5.45 -1.09 17.22
CA GLU A 109 4.31 -1.16 18.12
C GLU A 109 4.19 -2.53 18.81
N HIS A 110 3.99 -3.59 18.01
CA HIS A 110 3.84 -4.95 18.55
C HIS A 110 5.08 -5.83 18.26
N MET A 1 2.66 -27.13 -0.11
CA MET A 1 2.57 -26.44 1.20
C MET A 1 2.84 -24.93 1.05
N LYS A 2 4.09 -24.57 0.73
CA LYS A 2 4.50 -23.17 0.56
C LYS A 2 4.20 -22.32 1.81
N PRO A 3 5.16 -22.22 2.74
CA PRO A 3 4.98 -21.42 3.98
C PRO A 3 4.60 -19.95 3.69
N GLU A 4 3.38 -19.58 4.07
CA GLU A 4 2.84 -18.23 3.84
C GLU A 4 3.69 -17.13 4.51
N HIS A 5 4.38 -17.49 5.59
CA HIS A 5 5.16 -16.51 6.37
C HIS A 5 6.46 -16.11 5.64
N ARG A 6 6.33 -15.29 4.62
CA ARG A 6 7.50 -14.79 3.86
C ARG A 6 7.28 -13.32 3.44
N MET A 7 8.12 -12.42 3.95
CA MET A 7 8.02 -11.00 3.62
C MET A 7 8.77 -10.69 2.31
N ASP A 8 8.04 -10.68 1.20
CA ASP A 8 8.62 -10.40 -0.12
C ASP A 8 8.94 -8.90 -0.26
N THR A 9 10.24 -8.56 -0.18
CA THR A 9 10.70 -7.14 -0.20
C THR A 9 10.25 -6.40 -1.46
N ILE A 10 10.36 -5.06 -1.45
CA ILE A 10 9.85 -4.22 -2.54
C ILE A 10 10.55 -4.51 -3.88
N SER A 11 11.87 -4.75 -3.84
CA SER A 11 12.59 -5.21 -5.05
C SER A 11 11.92 -6.45 -5.63
N LYS A 12 11.46 -7.33 -4.75
CA LYS A 12 10.71 -8.52 -5.13
C LYS A 12 9.25 -8.18 -5.51
N LEU A 13 8.37 -8.10 -4.49
CA LEU A 13 6.92 -7.93 -4.70
C LEU A 13 6.44 -8.57 -6.01
N GLU A 14 6.50 -9.89 -6.06
CA GLU A 14 6.22 -10.63 -7.28
C GLU A 14 4.79 -10.40 -7.79
N GLU A 15 4.69 -9.77 -8.97
CA GLU A 15 3.39 -9.40 -9.57
C GLU A 15 2.37 -10.55 -9.56
N GLY A 16 1.14 -10.24 -9.19
CA GLY A 16 0.10 -11.26 -9.10
C GLY A 16 0.00 -11.91 -7.71
N ALA A 17 0.89 -11.53 -6.80
CA ALA A 17 0.90 -12.12 -5.45
C ALA A 17 0.10 -11.28 -4.44
N GLU A 18 -0.43 -11.95 -3.42
CA GLU A 18 -1.12 -11.28 -2.32
C GLU A 18 -0.30 -11.39 -1.02
N THR A 19 0.26 -10.26 -0.58
CA THR A 19 1.16 -10.25 0.59
C THR A 19 1.09 -8.91 1.34
N PRO A 20 1.39 -8.92 2.66
CA PRO A 20 1.58 -7.66 3.42
C PRO A 20 2.89 -6.95 3.03
N VAL A 21 2.88 -5.62 3.02
CA VAL A 21 4.04 -4.83 2.61
C VAL A 21 4.45 -3.81 3.70
N THR A 22 5.68 -3.31 3.62
CA THR A 22 6.18 -2.30 4.56
C THR A 22 7.15 -1.34 3.85
N GLY A 23 7.07 -0.04 4.18
CA GLY A 23 7.96 0.93 3.55
C GLY A 23 7.96 2.29 4.22
N ARG A 24 8.99 3.09 3.90
CA ARG A 24 9.15 4.43 4.46
C ARG A 24 8.35 5.46 3.63
N VAL A 25 7.32 6.04 4.22
CA VAL A 25 6.42 6.95 3.50
C VAL A 25 7.16 8.19 2.98
N MET A 26 7.38 8.24 1.66
CA MET A 26 8.09 9.35 1.02
C MET A 26 7.11 10.38 0.44
N LYS A 27 6.10 9.91 -0.29
CA LYS A 27 5.10 10.78 -0.92
C LYS A 27 3.67 10.31 -0.62
N ILE A 28 2.77 11.26 -0.36
CA ILE A 28 1.34 10.96 -0.18
C ILE A 28 0.48 11.78 -1.14
N SER A 29 -0.16 11.11 -2.09
CA SER A 29 -1.06 11.77 -3.05
C SER A 29 -2.50 11.75 -2.54
N SER A 30 -3.14 12.91 -2.51
CA SER A 30 -4.52 13.05 -2.00
C SER A 30 -5.51 12.19 -2.80
N PRO A 31 -6.61 11.75 -2.15
CA PRO A 31 -7.62 10.87 -2.77
C PRO A 31 -8.09 11.35 -4.15
N ARG A 32 -7.88 10.52 -5.17
CA ARG A 32 -8.27 10.83 -6.55
C ARG A 32 -9.66 10.26 -6.83
N THR A 33 -10.62 11.14 -7.10
CA THR A 33 -12.03 10.75 -7.24
C THR A 33 -12.39 10.36 -8.67
N PHE A 34 -13.25 9.35 -8.80
CA PHE A 34 -13.77 8.88 -10.09
C PHE A 34 -15.24 8.47 -9.94
N THR A 35 -15.99 8.42 -11.04
CA THR A 35 -17.39 8.03 -10.97
C THR A 35 -17.56 6.50 -11.01
N THR A 36 -17.85 5.92 -9.85
CA THR A 36 -17.99 4.46 -9.70
C THR A 36 -19.45 4.02 -9.89
N ARG A 37 -19.74 2.75 -9.60
CA ARG A 37 -21.09 2.20 -9.73
C ARG A 37 -22.07 2.87 -8.73
N LYS A 38 -23.35 2.90 -9.11
CA LYS A 38 -24.43 3.49 -8.30
C LYS A 38 -24.30 3.18 -6.79
N GLY A 39 -24.10 4.23 -5.98
CA GLY A 39 -24.09 4.08 -4.53
C GLY A 39 -22.99 4.87 -3.83
N ARG A 40 -21.75 4.70 -4.28
CA ARG A 40 -20.59 5.34 -3.63
C ARG A 40 -19.96 6.44 -4.50
N GLU A 41 -19.20 7.32 -3.86
CA GLU A 41 -18.49 8.40 -4.54
C GLU A 41 -17.38 7.88 -5.48
N GLY A 42 -16.53 6.97 -4.98
CA GLY A 42 -15.47 6.40 -5.80
C GLY A 42 -14.15 7.18 -5.73
N LYS A 43 -13.14 6.60 -5.06
CA LYS A 43 -11.83 7.27 -4.90
C LYS A 43 -10.68 6.26 -4.84
N LEU A 44 -9.49 6.74 -5.19
CA LEU A 44 -8.25 5.96 -5.05
C LEU A 44 -7.06 6.90 -4.77
N ALA A 45 -6.22 6.55 -3.82
CA ALA A 45 -5.08 7.40 -3.43
C ALA A 45 -3.73 6.70 -3.65
N ASN A 46 -2.72 7.47 -4.04
CA ASN A 46 -1.37 6.91 -4.28
C ASN A 46 -0.40 7.30 -3.15
N VAL A 47 0.00 6.33 -2.35
CA VAL A 47 1.01 6.56 -1.31
C VAL A 47 2.34 5.88 -1.67
N ILE A 48 3.37 6.69 -1.89
CA ILE A 48 4.67 6.17 -2.32
C ILE A 48 5.58 5.92 -1.12
N ILE A 49 5.79 4.64 -0.80
CA ILE A 49 6.67 4.23 0.30
C ILE A 49 7.99 3.67 -0.24
N ALA A 50 9.10 3.96 0.43
CA ALA A 50 10.43 3.62 -0.09
C ALA A 50 11.20 2.67 0.84
N ASP A 51 11.87 1.70 0.23
CA ASP A 51 12.79 0.81 0.94
C ASP A 51 14.18 0.90 0.30
N ASP A 52 15.20 0.37 0.96
CA ASP A 52 16.56 0.39 0.42
C ASP A 52 16.65 -0.34 -0.93
N THR A 53 15.70 -1.25 -1.20
CA THR A 53 15.70 -2.04 -2.43
C THR A 53 14.76 -1.46 -3.51
N GLY A 54 14.02 -0.40 -3.18
CA GLY A 54 13.08 0.19 -4.14
C GLY A 54 11.83 0.80 -3.49
N GLU A 55 11.07 1.58 -4.25
CA GLU A 55 9.85 2.21 -3.75
C GLU A 55 8.59 1.48 -4.25
N LEU A 56 7.46 1.74 -3.60
CA LEU A 56 6.19 1.07 -3.92
C LEU A 56 5.01 2.07 -3.95
N ARG A 57 4.09 1.87 -4.88
CA ARG A 57 2.87 2.67 -4.96
C ARG A 57 1.70 1.97 -4.24
N ALA A 58 1.42 2.41 -3.01
CA ALA A 58 0.30 1.87 -2.24
C ALA A 58 -1.02 2.55 -2.63
N VAL A 59 -1.93 1.80 -3.26
CA VAL A 59 -3.19 2.35 -3.74
C VAL A 59 -4.32 2.18 -2.71
N PHE A 60 -4.72 3.30 -2.08
CA PHE A 60 -5.81 3.29 -1.11
C PHE A 60 -7.16 3.61 -1.79
N TRP A 61 -7.97 2.58 -1.99
CA TRP A 61 -9.30 2.73 -2.57
C TRP A 61 -10.28 3.42 -1.61
N THR A 62 -11.39 3.94 -2.13
CA THR A 62 -12.39 4.68 -1.32
C THR A 62 -12.65 4.07 0.07
N GLU A 63 -12.62 2.74 0.17
CA GLU A 63 -12.85 2.06 1.46
C GLU A 63 -11.68 2.26 2.43
N ASN A 64 -10.46 2.41 1.91
CA ASN A 64 -9.26 2.54 2.73
C ASN A 64 -8.83 4.01 2.94
N ILE A 65 -9.60 4.96 2.41
CA ILE A 65 -9.28 6.39 2.57
C ILE A 65 -9.14 6.78 4.05
N LYS A 66 -9.97 6.18 4.90
CA LYS A 66 -9.92 6.40 6.36
C LYS A 66 -8.51 6.14 6.95
N LEU A 67 -7.72 5.30 6.28
CA LEU A 67 -6.39 4.93 6.78
C LEU A 67 -5.36 6.07 6.59
N LEU A 68 -5.63 6.96 5.63
CA LEU A 68 -4.69 8.04 5.28
C LEU A 68 -4.40 8.99 6.47
N LYS A 69 -5.36 9.14 7.37
CA LYS A 69 -5.21 10.04 8.52
C LYS A 69 -4.39 9.41 9.67
N LYS A 70 -4.04 8.13 9.53
CA LYS A 70 -3.23 7.45 10.55
C LYS A 70 -1.75 7.84 10.47
N PHE A 71 -1.22 7.93 9.25
CA PHE A 71 0.20 8.21 9.03
C PHE A 71 0.41 9.51 8.27
N ARG A 72 1.59 10.11 8.44
CA ARG A 72 1.93 11.37 7.78
C ARG A 72 3.10 11.18 6.81
N GLU A 73 3.22 12.08 5.83
CA GLU A 73 4.26 11.96 4.80
C GLU A 73 5.67 12.08 5.43
N GLY A 74 6.24 10.93 5.77
CA GLY A 74 7.56 10.90 6.41
C GLY A 74 7.73 9.75 7.40
N ASP A 75 6.62 9.14 7.83
CA ASP A 75 6.66 8.01 8.76
C ASP A 75 6.92 6.69 8.02
N VAL A 76 6.86 5.56 8.76
CA VAL A 76 7.04 4.23 8.17
C VAL A 76 5.82 3.34 8.44
N ILE A 77 5.21 2.80 7.39
CA ILE A 77 3.95 2.04 7.54
C ILE A 77 4.06 0.58 7.07
N ARG A 78 3.32 -0.28 7.74
CA ARG A 78 3.16 -1.69 7.33
C ARG A 78 1.70 -1.96 6.93
N ILE A 79 1.48 -2.27 5.66
CA ILE A 79 0.13 -2.54 5.16
C ILE A 79 -0.13 -4.05 5.08
N LYS A 80 -1.24 -4.51 5.65
CA LYS A 80 -1.52 -5.94 5.75
C LYS A 80 -2.54 -6.42 4.69
N ASP A 81 -2.13 -7.43 3.92
CA ASP A 81 -2.97 -8.06 2.89
C ASP A 81 -3.29 -7.12 1.71
N VAL A 82 -2.42 -7.14 0.69
CA VAL A 82 -2.63 -6.35 -0.53
C VAL A 82 -2.25 -7.15 -1.79
N ASN A 83 -2.76 -6.73 -2.95
CA ASN A 83 -2.44 -7.38 -4.21
C ASN A 83 -1.42 -6.56 -5.02
N ILE A 84 -0.28 -7.19 -5.33
CA ILE A 84 0.75 -6.54 -6.15
C ILE A 84 0.39 -6.65 -7.63
N ARG A 85 0.01 -5.52 -8.24
CA ARG A 85 -0.40 -5.52 -9.66
C ARG A 85 0.80 -5.43 -10.61
N GLY A 86 1.95 -4.99 -10.10
CA GLY A 86 3.14 -4.88 -10.93
C GLY A 86 3.20 -3.59 -11.74
N GLY A 87 3.71 -2.52 -11.12
CA GLY A 87 3.88 -1.26 -11.82
C GLY A 87 4.99 -1.28 -12.86
N PHE A 88 4.63 -1.06 -14.12
CA PHE A 88 5.59 -1.08 -15.23
C PHE A 88 6.56 0.12 -15.16
N GLY A 89 6.07 1.26 -14.70
CA GLY A 89 6.88 2.47 -14.61
C GLY A 89 7.84 2.49 -13.42
N GLY A 90 8.84 1.60 -13.45
CA GLY A 90 9.86 1.56 -12.41
C GLY A 90 9.36 1.01 -11.07
N ARG A 91 8.55 1.81 -10.39
CA ARG A 91 8.01 1.44 -9.09
C ARG A 91 6.76 0.53 -9.21
N LYS A 92 6.74 -0.58 -8.48
CA LYS A 92 5.58 -1.47 -8.47
C LYS A 92 4.41 -0.83 -7.70
N GLU A 93 3.32 -1.57 -7.54
CA GLU A 93 2.11 -1.02 -6.90
C GLU A 93 1.28 -2.11 -6.20
N ALA A 94 0.73 -1.75 -5.04
CA ALA A 94 -0.06 -2.67 -4.22
C ALA A 94 -1.45 -2.07 -3.91
N HIS A 95 -2.51 -2.75 -4.32
CA HIS A 95 -3.87 -2.27 -4.12
C HIS A 95 -4.49 -2.85 -2.84
N LEU A 96 -5.06 -1.98 -2.01
CA LEU A 96 -5.63 -2.39 -0.72
C LEU A 96 -7.07 -2.91 -0.85
N MET A 97 -7.58 -3.48 0.24
CA MET A 97 -8.93 -4.06 0.28
C MET A 97 -9.73 -3.46 1.44
N PRO A 98 -11.09 -3.42 1.33
CA PRO A 98 -11.97 -2.78 2.33
C PRO A 98 -11.65 -3.11 3.81
N ARG A 99 -11.14 -4.30 4.08
CA ARG A 99 -10.85 -4.73 5.46
C ARG A 99 -9.35 -4.59 5.80
N SER A 100 -8.52 -4.39 4.78
CA SER A 100 -7.06 -4.29 4.95
C SER A 100 -6.69 -3.05 5.78
N THR A 101 -5.83 -3.26 6.78
CA THR A 101 -5.41 -2.18 7.69
C THR A 101 -3.94 -1.81 7.52
N VAL A 102 -3.56 -0.66 8.10
CA VAL A 102 -2.15 -0.22 8.11
C VAL A 102 -1.67 0.03 9.54
N GLU A 103 -0.39 -0.19 9.79
CA GLU A 103 0.19 0.01 11.13
C GLU A 103 1.57 0.71 11.04
N VAL A 104 1.71 1.84 11.74
CA VAL A 104 2.96 2.61 11.73
C VAL A 104 4.04 1.97 12.64
N LEU A 105 5.27 1.96 12.12
CA LEU A 105 6.41 1.40 12.85
C LEU A 105 7.34 2.52 13.37
N ASP A 106 8.22 2.18 14.32
CA ASP A 106 9.10 3.14 15.01
C ASP A 106 8.31 3.99 16.05
N PRO A 107 7.48 5.02 15.68
CA PRO A 107 6.35 5.44 16.55
C PRO A 107 5.29 4.32 16.60
N LEU A 108 5.72 3.17 17.13
CA LEU A 108 5.02 1.90 17.02
C LEU A 108 3.58 1.94 17.57
N GLU A 109 2.61 1.55 16.74
CA GLU A 109 1.21 1.39 17.18
C GLU A 109 0.84 -0.09 17.35
N HIS A 110 1.41 -0.96 16.50
CA HIS A 110 1.11 -2.40 16.51
C HIS A 110 2.37 -3.24 16.80
N MET A 1 11.84 -28.02 5.26
CA MET A 1 13.15 -27.95 4.55
C MET A 1 13.33 -26.60 3.82
N LYS A 2 12.46 -26.30 2.85
CA LYS A 2 12.54 -25.04 2.10
C LYS A 2 11.55 -23.98 2.62
N PRO A 3 12.05 -22.79 2.98
CA PRO A 3 11.19 -21.67 3.40
C PRO A 3 10.34 -21.11 2.24
N GLU A 4 9.02 -21.30 2.34
CA GLU A 4 8.09 -20.76 1.34
C GLU A 4 7.88 -19.26 1.53
N HIS A 5 8.04 -18.50 0.44
CA HIS A 5 7.97 -17.05 0.50
C HIS A 5 6.55 -16.51 0.27
N ARG A 6 6.31 -15.30 0.80
CA ARG A 6 5.04 -14.60 0.67
C ARG A 6 5.15 -13.22 1.33
N MET A 7 5.28 -13.19 2.65
CA MET A 7 5.45 -11.93 3.39
C MET A 7 6.90 -11.44 3.28
N ASP A 8 7.26 -10.99 2.09
CA ASP A 8 8.62 -10.54 1.80
C ASP A 8 8.68 -9.03 1.50
N THR A 9 9.90 -8.51 1.37
CA THR A 9 10.11 -7.08 1.11
C THR A 9 9.89 -6.73 -0.37
N ILE A 10 10.04 -5.45 -0.70
CA ILE A 10 9.81 -4.95 -2.06
C ILE A 10 10.72 -5.65 -3.10
N SER A 11 11.83 -6.21 -2.63
CA SER A 11 12.77 -6.93 -3.50
C SER A 11 12.16 -8.24 -4.06
N LYS A 12 11.13 -8.76 -3.39
CA LYS A 12 10.50 -10.04 -3.80
C LYS A 12 9.06 -9.85 -4.30
N LEU A 13 8.58 -8.62 -4.39
CA LEU A 13 7.18 -8.35 -4.78
C LEU A 13 6.92 -8.61 -6.27
N GLU A 14 6.33 -9.77 -6.57
CA GLU A 14 5.88 -10.10 -7.94
C GLU A 14 4.43 -9.66 -8.15
N GLU A 15 4.12 -9.18 -9.35
CA GLU A 15 2.76 -8.75 -9.68
C GLU A 15 1.79 -9.95 -9.74
N GLY A 16 0.72 -9.87 -8.95
CA GLY A 16 -0.23 -10.97 -8.83
C GLY A 16 -0.15 -11.67 -7.48
N ALA A 17 0.88 -11.33 -6.70
CA ALA A 17 1.09 -11.92 -5.38
C ALA A 17 0.28 -11.20 -4.29
N GLU A 18 -0.25 -11.96 -3.34
CA GLU A 18 -0.99 -11.40 -2.20
C GLU A 18 -0.12 -11.39 -0.93
N THR A 19 0.32 -10.19 -0.53
CA THR A 19 1.20 -10.06 0.63
C THR A 19 1.07 -8.67 1.30
N PRO A 20 1.36 -8.57 2.61
CA PRO A 20 1.55 -7.26 3.27
C PRO A 20 2.86 -6.58 2.83
N VAL A 21 2.85 -5.25 2.73
CA VAL A 21 4.04 -4.50 2.29
C VAL A 21 4.46 -3.44 3.32
N THR A 22 5.72 -2.99 3.21
CA THR A 22 6.27 -2.00 4.15
C THR A 22 7.14 -0.96 3.42
N GLY A 23 7.16 0.27 3.93
CA GLY A 23 7.99 1.31 3.33
C GLY A 23 7.93 2.64 4.06
N ARG A 24 8.88 3.53 3.74
CA ARG A 24 8.94 4.88 4.30
C ARG A 24 8.12 5.85 3.43
N VAL A 25 7.04 6.40 3.97
CA VAL A 25 6.18 7.33 3.23
C VAL A 25 6.93 8.62 2.84
N MET A 26 7.20 8.79 1.55
CA MET A 26 7.91 9.98 1.06
C MET A 26 6.93 11.05 0.55
N LYS A 27 6.06 10.67 -0.38
CA LYS A 27 5.10 11.61 -0.99
C LYS A 27 3.69 11.01 -1.02
N ILE A 28 2.70 11.78 -0.56
CA ILE A 28 1.30 11.34 -0.56
C ILE A 28 0.47 12.15 -1.58
N SER A 29 -0.04 11.48 -2.60
CA SER A 29 -0.94 12.13 -3.58
C SER A 29 -2.38 12.13 -3.07
N SER A 30 -3.09 13.24 -3.33
CA SER A 30 -4.44 13.45 -2.82
C SER A 30 -5.44 12.39 -3.33
N PRO A 31 -6.49 12.08 -2.55
CA PRO A 31 -7.51 11.08 -2.93
C PRO A 31 -8.36 11.55 -4.13
N ARG A 32 -8.31 10.80 -5.22
CA ARG A 32 -9.03 11.15 -6.46
C ARG A 32 -10.41 10.46 -6.51
N THR A 33 -11.46 11.25 -6.69
CA THR A 33 -12.83 10.72 -6.70
C THR A 33 -13.28 10.30 -8.11
N PHE A 34 -13.95 9.16 -8.21
CA PHE A 34 -14.45 8.65 -9.49
C PHE A 34 -15.93 8.25 -9.40
N THR A 35 -16.56 8.06 -10.55
CA THR A 35 -17.97 7.65 -10.60
C THR A 35 -18.11 6.13 -10.49
N THR A 36 -18.59 5.64 -9.35
CA THR A 36 -18.79 4.19 -9.15
C THR A 36 -20.27 3.78 -9.28
N ARG A 37 -20.52 2.47 -9.23
CA ARG A 37 -21.88 1.94 -9.37
C ARG A 37 -22.54 1.70 -8.00
N LYS A 38 -21.75 1.82 -6.93
CA LYS A 38 -22.27 1.66 -5.56
C LYS A 38 -22.79 3.00 -5.02
N GLY A 39 -23.52 2.96 -3.90
CA GLY A 39 -24.05 4.18 -3.29
C GLY A 39 -23.00 4.98 -2.51
N ARG A 40 -21.76 4.99 -3.00
CA ARG A 40 -20.67 5.76 -2.40
C ARG A 40 -19.98 6.68 -3.41
N GLU A 41 -19.27 7.68 -2.90
CA GLU A 41 -18.49 8.61 -3.74
C GLU A 41 -17.40 7.87 -4.54
N GLY A 42 -16.62 7.02 -3.86
CA GLY A 42 -15.54 6.28 -4.52
C GLY A 42 -14.29 7.12 -4.79
N LYS A 43 -13.26 6.93 -3.96
CA LYS A 43 -11.97 7.61 -4.17
C LYS A 43 -10.80 6.61 -4.25
N LEU A 44 -9.67 7.08 -4.77
CA LEU A 44 -8.43 6.28 -4.79
C LEU A 44 -7.21 7.21 -4.59
N ALA A 45 -6.25 6.78 -3.77
CA ALA A 45 -5.08 7.59 -3.45
C ALA A 45 -3.77 6.88 -3.82
N ASN A 46 -2.71 7.67 -4.07
CA ASN A 46 -1.40 7.12 -4.45
C ASN A 46 -0.31 7.60 -3.49
N VAL A 47 0.22 6.67 -2.69
CA VAL A 47 1.30 6.99 -1.75
C VAL A 47 2.63 6.37 -2.19
N ILE A 48 3.66 7.21 -2.31
CA ILE A 48 4.98 6.74 -2.72
C ILE A 48 5.85 6.40 -1.50
N ILE A 49 6.08 5.11 -1.29
CA ILE A 49 6.89 4.64 -0.15
C ILE A 49 8.22 4.05 -0.62
N ALA A 50 9.30 4.35 0.10
CA ALA A 50 10.63 3.84 -0.24
C ALA A 50 11.21 2.98 0.88
N ASP A 51 11.65 1.77 0.56
CA ASP A 51 12.28 0.88 1.53
C ASP A 51 13.73 0.57 1.12
N ASP A 52 14.51 0.02 2.04
CA ASP A 52 15.90 -0.36 1.77
C ASP A 52 16.02 -1.33 0.59
N THR A 53 14.96 -2.08 0.30
CA THR A 53 14.99 -3.08 -0.77
C THR A 53 14.32 -2.60 -2.07
N GLY A 54 13.89 -1.34 -2.10
CA GLY A 54 13.24 -0.80 -3.29
C GLY A 54 12.09 0.16 -2.98
N GLU A 55 11.61 0.88 -4.01
CA GLU A 55 10.47 1.81 -3.85
C GLU A 55 9.17 1.18 -4.41
N LEU A 56 8.03 1.53 -3.81
CA LEU A 56 6.73 1.00 -4.24
C LEU A 56 5.64 2.07 -4.24
N ARG A 57 4.65 1.90 -5.12
CA ARG A 57 3.50 2.81 -5.20
C ARG A 57 2.25 2.19 -4.54
N ALA A 58 1.87 2.70 -3.38
CA ALA A 58 0.69 2.19 -2.66
C ALA A 58 -0.61 2.85 -3.16
N VAL A 59 -1.59 2.01 -3.52
CA VAL A 59 -2.89 2.50 -4.03
C VAL A 59 -4.00 2.29 -2.99
N PHE A 60 -4.45 3.38 -2.37
CA PHE A 60 -5.50 3.31 -1.34
C PHE A 60 -6.89 3.53 -1.94
N TRP A 61 -7.66 2.44 -2.04
CA TRP A 61 -9.03 2.48 -2.56
C TRP A 61 -10.02 3.10 -1.58
N THR A 62 -11.19 3.48 -2.11
CA THR A 62 -12.24 4.21 -1.35
C THR A 62 -12.40 3.77 0.11
N GLU A 63 -12.46 2.46 0.36
CA GLU A 63 -12.72 1.95 1.71
C GLU A 63 -11.45 2.03 2.60
N ASN A 64 -10.29 2.18 1.96
CA ASN A 64 -9.02 2.29 2.67
C ASN A 64 -8.56 3.75 2.84
N ILE A 65 -9.31 4.70 2.24
CA ILE A 65 -8.99 6.13 2.36
C ILE A 65 -8.87 6.56 3.84
N LYS A 66 -9.71 5.96 4.69
CA LYS A 66 -9.70 6.25 6.14
C LYS A 66 -8.32 5.99 6.77
N LEU A 67 -7.51 5.15 6.13
CA LEU A 67 -6.18 4.77 6.64
C LEU A 67 -5.15 5.89 6.43
N LEU A 68 -5.39 6.75 5.43
CA LEU A 68 -4.46 7.83 5.08
C LEU A 68 -4.16 8.75 6.28
N LYS A 69 -5.19 9.07 7.06
CA LYS A 69 -5.04 9.99 8.20
C LYS A 69 -4.38 9.31 9.43
N LYS A 70 -4.16 8.00 9.36
CA LYS A 70 -3.51 7.27 10.46
C LYS A 70 -2.01 7.61 10.56
N PHE A 71 -1.40 7.96 9.42
CA PHE A 71 0.04 8.25 9.38
C PHE A 71 0.33 9.62 8.75
N ARG A 72 1.58 10.07 8.85
CA ARG A 72 2.00 11.34 8.27
C ARG A 72 2.91 11.12 7.06
N GLU A 73 3.03 12.13 6.19
CA GLU A 73 3.95 12.05 5.06
C GLU A 73 5.41 12.08 5.57
N GLY A 74 5.96 10.90 5.85
CA GLY A 74 7.30 10.79 6.42
C GLY A 74 7.45 9.60 7.36
N ASP A 75 6.33 9.06 7.83
CA ASP A 75 6.35 7.91 8.73
C ASP A 75 6.52 6.56 7.99
N VAL A 76 7.20 5.62 8.64
CA VAL A 76 7.29 4.24 8.15
C VAL A 76 5.99 3.48 8.43
N ILE A 77 5.39 2.88 7.40
CA ILE A 77 4.12 2.16 7.55
C ILE A 77 4.19 0.72 7.00
N ARG A 78 3.30 -0.13 7.50
CA ARG A 78 3.14 -1.50 7.00
C ARG A 78 1.69 -1.75 6.59
N ILE A 79 1.46 -1.92 5.29
CA ILE A 79 0.12 -2.20 4.77
C ILE A 79 -0.16 -3.71 4.78
N LYS A 80 -1.28 -4.11 5.38
CA LYS A 80 -1.56 -5.52 5.61
C LYS A 80 -2.40 -6.15 4.46
N ASP A 81 -1.79 -7.12 3.77
CA ASP A 81 -2.44 -7.88 2.69
C ASP A 81 -2.89 -7.00 1.50
N VAL A 82 -2.05 -6.96 0.46
CA VAL A 82 -2.38 -6.26 -0.78
C VAL A 82 -2.06 -7.13 -2.01
N ASN A 83 -2.55 -6.71 -3.17
CA ASN A 83 -2.19 -7.37 -4.43
C ASN A 83 -1.26 -6.48 -5.26
N ILE A 84 -0.09 -7.02 -5.59
CA ILE A 84 0.92 -6.27 -6.35
C ILE A 84 0.59 -6.27 -7.84
N ARG A 85 0.76 -5.11 -8.49
CA ARG A 85 0.55 -5.00 -9.94
C ARG A 85 1.83 -4.48 -10.62
N GLY A 86 1.87 -4.58 -11.95
CA GLY A 86 3.08 -4.23 -12.69
C GLY A 86 2.87 -3.10 -13.70
N GLY A 87 2.94 -1.86 -13.24
CA GLY A 87 2.86 -0.72 -14.14
C GLY A 87 4.20 -0.39 -14.81
N PHE A 88 4.16 0.42 -15.86
CA PHE A 88 5.39 0.84 -16.55
C PHE A 88 6.11 1.96 -15.78
N GLY A 89 7.44 2.02 -15.92
CA GLY A 89 8.24 2.99 -15.19
C GLY A 89 9.11 2.35 -14.11
N GLY A 90 9.28 1.03 -14.16
CA GLY A 90 10.13 0.34 -13.21
C GLY A 90 9.46 0.09 -11.85
N ARG A 91 9.03 1.17 -11.20
CA ARG A 91 8.38 1.08 -9.88
C ARG A 91 6.99 0.44 -9.99
N LYS A 92 6.78 -0.65 -9.24
CA LYS A 92 5.49 -1.35 -9.23
C LYS A 92 4.47 -0.66 -8.30
N GLU A 93 3.28 -1.25 -8.20
CA GLU A 93 2.20 -0.66 -7.40
C GLU A 93 1.48 -1.74 -6.58
N ALA A 94 0.83 -1.33 -5.49
CA ALA A 94 0.16 -2.27 -4.58
C ALA A 94 -1.29 -1.86 -4.30
N HIS A 95 -2.24 -2.69 -4.72
CA HIS A 95 -3.67 -2.38 -4.55
C HIS A 95 -4.24 -3.03 -3.28
N LEU A 96 -4.90 -2.22 -2.46
CA LEU A 96 -5.48 -2.67 -1.18
C LEU A 96 -6.85 -3.33 -1.37
N MET A 97 -7.45 -3.74 -0.26
CA MET A 97 -8.75 -4.42 -0.24
C MET A 97 -9.65 -3.80 0.85
N PRO A 98 -11.00 -3.97 0.74
CA PRO A 98 -11.93 -3.46 1.78
C PRO A 98 -11.59 -3.95 3.20
N ARG A 99 -10.79 -5.02 3.30
CA ARG A 99 -10.38 -5.58 4.59
C ARG A 99 -8.96 -5.13 5.00
N SER A 100 -8.22 -4.56 4.05
CA SER A 100 -6.81 -4.20 4.27
C SER A 100 -6.65 -3.03 5.24
N THR A 101 -5.82 -3.23 6.26
CA THR A 101 -5.52 -2.19 7.25
C THR A 101 -4.03 -1.83 7.24
N VAL A 102 -3.68 -0.66 7.78
CA VAL A 102 -2.28 -0.23 7.87
C VAL A 102 -1.87 0.01 9.32
N GLU A 103 -0.58 -0.16 9.60
CA GLU A 103 -0.03 0.11 10.93
C GLU A 103 1.32 0.84 10.82
N VAL A 104 1.60 1.72 11.76
CA VAL A 104 2.83 2.52 11.70
C VAL A 104 4.01 1.84 12.42
N LEU A 105 5.13 1.74 11.71
CA LEU A 105 6.35 1.14 12.25
C LEU A 105 7.34 2.23 12.71
N ASP A 106 6.98 3.49 12.51
CA ASP A 106 7.78 4.61 12.99
C ASP A 106 7.56 4.80 14.51
N PRO A 107 6.30 4.97 14.98
CA PRO A 107 5.94 4.66 16.36
C PRO A 107 5.55 3.19 16.46
N LEU A 108 6.57 2.33 16.36
CA LEU A 108 6.42 0.89 16.14
C LEU A 108 5.26 0.27 16.93
N GLU A 109 4.27 -0.26 16.19
CA GLU A 109 3.15 -0.98 16.78
C GLU A 109 3.47 -2.49 16.90
N HIS A 110 3.89 -3.10 15.78
CA HIS A 110 4.31 -4.53 15.76
C HIS A 110 5.62 -4.74 14.98
N MET A 1 19.57 -14.66 15.61
CA MET A 1 19.34 -13.79 14.42
C MET A 1 17.89 -13.92 13.93
N LYS A 2 17.52 -13.21 12.87
CA LYS A 2 16.17 -13.31 12.32
C LYS A 2 16.15 -13.84 10.86
N PRO A 3 16.12 -15.17 10.68
CA PRO A 3 15.89 -15.77 9.36
C PRO A 3 14.39 -15.73 8.99
N GLU A 4 14.02 -14.79 8.12
CA GLU A 4 12.62 -14.55 7.78
C GLU A 4 12.10 -15.59 6.77
N HIS A 5 10.88 -16.06 7.01
CA HIS A 5 10.23 -17.06 6.13
C HIS A 5 8.77 -16.68 5.80
N ARG A 6 8.28 -15.60 6.40
CA ARG A 6 6.87 -15.21 6.25
C ARG A 6 6.72 -13.83 5.57
N MET A 7 7.12 -12.77 6.25
CA MET A 7 6.96 -11.41 5.71
C MET A 7 8.10 -11.04 4.74
N ASP A 8 7.76 -10.88 3.46
CA ASP A 8 8.76 -10.55 2.43
C ASP A 8 8.96 -9.04 2.26
N THR A 9 9.93 -8.67 1.43
CA THR A 9 10.26 -7.26 1.17
C THR A 9 9.75 -6.81 -0.20
N ILE A 10 9.94 -5.53 -0.53
CA ILE A 10 9.49 -4.98 -1.82
C ILE A 10 10.21 -5.66 -3.01
N SER A 11 11.47 -6.04 -2.81
CA SER A 11 12.22 -6.78 -3.84
C SER A 11 11.53 -8.11 -4.21
N LYS A 12 10.80 -8.68 -3.25
CA LYS A 12 10.13 -9.97 -3.45
C LYS A 12 8.74 -9.82 -4.11
N LEU A 13 8.31 -8.58 -4.32
CA LEU A 13 6.98 -8.31 -4.91
C LEU A 13 6.95 -8.60 -6.42
N GLU A 14 5.82 -9.13 -6.89
CA GLU A 14 5.66 -9.46 -8.31
C GLU A 14 4.17 -9.40 -8.72
N GLU A 15 3.92 -9.13 -10.00
CA GLU A 15 2.55 -8.97 -10.51
C GLU A 15 1.70 -10.23 -10.31
N GLY A 16 0.57 -10.07 -9.61
CA GLY A 16 -0.30 -11.20 -9.32
C GLY A 16 -0.16 -11.72 -7.90
N ALA A 17 0.93 -11.35 -7.23
CA ALA A 17 1.22 -11.81 -5.87
C ALA A 17 0.49 -10.96 -4.81
N GLU A 18 -0.12 -11.62 -3.82
CA GLU A 18 -0.79 -10.95 -2.72
C GLU A 18 -0.04 -11.18 -1.39
N THR A 19 0.58 -10.12 -0.88
CA THR A 19 1.38 -10.20 0.36
C THR A 19 1.41 -8.85 1.10
N PRO A 20 1.58 -8.85 2.44
CA PRO A 20 1.83 -7.62 3.20
C PRO A 20 3.14 -6.93 2.78
N VAL A 21 3.15 -5.59 2.77
CA VAL A 21 4.32 -4.83 2.31
C VAL A 21 4.78 -3.82 3.38
N THR A 22 6.06 -3.43 3.30
CA THR A 22 6.66 -2.50 4.27
C THR A 22 7.45 -1.40 3.56
N GLY A 23 7.45 -0.18 4.14
CA GLY A 23 8.21 0.91 3.54
C GLY A 23 8.06 2.23 4.29
N ARG A 24 9.07 3.08 4.21
CA ARG A 24 9.03 4.42 4.83
C ARG A 24 8.44 5.45 3.84
N VAL A 25 7.38 6.13 4.26
CA VAL A 25 6.66 7.05 3.37
C VAL A 25 7.55 8.21 2.88
N MET A 26 7.61 8.39 1.56
CA MET A 26 8.33 9.52 0.96
C MET A 26 7.36 10.63 0.56
N LYS A 27 6.38 10.28 -0.30
CA LYS A 27 5.40 11.27 -0.79
C LYS A 27 3.97 10.69 -0.71
N ILE A 28 2.99 11.55 -0.40
CA ILE A 28 1.58 11.17 -0.39
C ILE A 28 0.77 12.03 -1.36
N SER A 29 -0.01 11.40 -2.23
CA SER A 29 -0.86 12.12 -3.18
C SER A 29 -2.31 12.14 -2.73
N SER A 30 -2.99 13.26 -3.00
CA SER A 30 -4.41 13.42 -2.63
C SER A 30 -5.30 12.44 -3.41
N PRO A 31 -6.46 12.05 -2.84
CA PRO A 31 -7.40 11.12 -3.49
C PRO A 31 -7.98 11.64 -4.82
N ARG A 32 -8.14 10.72 -5.78
CA ARG A 32 -8.79 11.01 -7.05
C ARG A 32 -10.22 10.46 -7.06
N THR A 33 -11.20 11.33 -7.28
CA THR A 33 -12.62 10.94 -7.20
C THR A 33 -13.15 10.39 -8.55
N PHE A 34 -13.79 9.23 -8.51
CA PHE A 34 -14.37 8.60 -9.70
C PHE A 34 -15.77 8.04 -9.39
N THR A 35 -16.65 8.01 -10.38
CA THR A 35 -18.02 7.52 -10.18
C THR A 35 -18.10 5.99 -10.34
N THR A 36 -18.31 5.30 -9.21
CA THR A 36 -18.43 3.83 -9.20
C THR A 36 -19.86 3.37 -8.92
N ARG A 37 -20.22 2.19 -9.44
CA ARG A 37 -21.57 1.63 -9.24
C ARG A 37 -21.69 0.88 -7.89
N LYS A 38 -20.62 0.91 -7.10
CA LYS A 38 -20.64 0.31 -5.75
C LYS A 38 -21.62 1.05 -4.80
N GLY A 39 -21.82 2.34 -5.07
CA GLY A 39 -22.70 3.14 -4.21
C GLY A 39 -21.96 4.23 -3.46
N ARG A 40 -20.63 4.12 -3.40
CA ARG A 40 -19.79 5.14 -2.76
C ARG A 40 -19.45 6.28 -3.74
N GLU A 41 -19.02 7.42 -3.20
CA GLU A 41 -18.57 8.54 -4.03
C GLU A 41 -17.39 8.17 -4.95
N GLY A 42 -16.59 7.19 -4.52
CA GLY A 42 -15.51 6.66 -5.37
C GLY A 42 -14.24 7.49 -5.34
N LYS A 43 -13.16 6.93 -4.78
CA LYS A 43 -11.87 7.62 -4.67
C LYS A 43 -10.69 6.63 -4.62
N LEU A 44 -9.54 7.07 -5.12
CA LEU A 44 -8.30 6.30 -5.02
C LEU A 44 -7.09 7.22 -4.75
N ALA A 45 -6.24 6.86 -3.80
CA ALA A 45 -5.08 7.69 -3.43
C ALA A 45 -3.76 6.95 -3.66
N ASN A 46 -2.76 7.67 -4.16
CA ASN A 46 -1.43 7.09 -4.42
C ASN A 46 -0.40 7.55 -3.39
N VAL A 47 0.05 6.63 -2.54
CA VAL A 47 1.10 6.92 -1.55
C VAL A 47 2.42 6.26 -1.94
N ILE A 48 3.44 7.08 -2.15
CA ILE A 48 4.76 6.59 -2.58
C ILE A 48 5.69 6.33 -1.38
N ILE A 49 5.94 5.06 -1.08
CA ILE A 49 6.82 4.67 0.02
C ILE A 49 8.17 4.15 -0.48
N ALA A 50 9.18 4.18 0.37
CA ALA A 50 10.52 3.72 0.02
C ALA A 50 11.08 2.74 1.06
N ASP A 51 11.51 1.57 0.60
CA ASP A 51 12.06 0.53 1.46
C ASP A 51 13.54 0.26 1.14
N ASP A 52 14.21 -0.48 2.02
CA ASP A 52 15.63 -0.82 1.85
C ASP A 52 15.89 -1.67 0.58
N THR A 53 14.81 -2.18 -0.03
CA THR A 53 14.94 -3.03 -1.24
C THR A 53 14.22 -2.42 -2.47
N GLY A 54 13.74 -1.18 -2.36
CA GLY A 54 13.00 -0.58 -3.47
C GLY A 54 11.82 0.27 -3.00
N GLU A 55 11.23 1.04 -3.92
CA GLU A 55 10.06 1.88 -3.60
C GLU A 55 8.76 1.21 -4.07
N LEU A 56 7.62 1.70 -3.60
CA LEU A 56 6.32 1.12 -3.95
C LEU A 56 5.20 2.17 -3.91
N ARG A 57 4.22 2.01 -4.81
CA ARG A 57 3.02 2.86 -4.82
C ARG A 57 1.84 2.17 -4.11
N ALA A 58 1.51 2.63 -2.92
CA ALA A 58 0.35 2.11 -2.19
C ALA A 58 -0.95 2.78 -2.66
N VAL A 59 -1.87 1.99 -3.23
CA VAL A 59 -3.14 2.52 -3.75
C VAL A 59 -4.29 2.34 -2.75
N PHE A 60 -4.75 3.46 -2.18
CA PHE A 60 -5.86 3.45 -1.23
C PHE A 60 -7.21 3.70 -1.93
N TRP A 61 -7.98 2.63 -2.11
CA TRP A 61 -9.31 2.71 -2.73
C TRP A 61 -10.36 3.29 -1.76
N THR A 62 -11.49 3.74 -2.32
CA THR A 62 -12.61 4.31 -1.54
C THR A 62 -12.88 3.59 -0.20
N GLU A 63 -12.54 2.30 -0.13
CA GLU A 63 -12.67 1.54 1.11
C GLU A 63 -11.58 1.93 2.12
N ASN A 64 -10.35 2.04 1.63
CA ASN A 64 -9.17 2.28 2.48
C ASN A 64 -8.84 3.77 2.66
N ILE A 65 -9.66 4.66 2.10
CA ILE A 65 -9.50 6.12 2.31
C ILE A 65 -9.44 6.44 3.82
N LYS A 66 -10.09 5.59 4.61
CA LYS A 66 -10.07 5.69 6.09
C LYS A 66 -8.65 5.70 6.67
N LEU A 67 -7.71 5.05 5.98
CA LEU A 67 -6.35 4.88 6.48
C LEU A 67 -5.47 6.12 6.26
N LEU A 68 -5.85 6.96 5.29
CA LEU A 68 -5.07 8.16 4.92
C LEU A 68 -4.90 9.13 6.10
N LYS A 69 -5.87 9.13 7.01
CA LYS A 69 -5.86 10.05 8.16
C LYS A 69 -4.95 9.55 9.31
N LYS A 70 -4.52 8.29 9.23
CA LYS A 70 -3.74 7.68 10.31
C LYS A 70 -2.28 8.17 10.35
N PHE A 71 -1.57 8.05 9.24
CA PHE A 71 -0.15 8.43 9.16
C PHE A 71 0.05 9.76 8.41
N ARG A 72 1.31 10.21 8.33
CA ARG A 72 1.64 11.45 7.60
C ARG A 72 2.77 11.22 6.60
N GLU A 73 3.04 12.21 5.75
CA GLU A 73 4.09 12.09 4.74
C GLU A 73 5.48 12.17 5.39
N GLY A 74 6.09 11.02 5.63
CA GLY A 74 7.42 10.98 6.22
C GLY A 74 7.60 9.87 7.26
N ASP A 75 6.49 9.34 7.77
CA ASP A 75 6.54 8.28 8.78
C ASP A 75 6.81 6.90 8.15
N VAL A 76 7.04 5.89 9.01
CA VAL A 76 7.29 4.52 8.55
C VAL A 76 6.02 3.67 8.68
N ILE A 77 5.57 3.04 7.59
CA ILE A 77 4.32 2.26 7.63
C ILE A 77 4.52 0.80 7.19
N ARG A 78 3.51 -0.01 7.50
CA ARG A 78 3.48 -1.42 7.15
C ARG A 78 2.05 -1.82 6.79
N ILE A 79 1.82 -2.14 5.52
CA ILE A 79 0.48 -2.45 5.03
C ILE A 79 0.26 -3.97 4.92
N LYS A 80 -0.83 -4.46 5.51
CA LYS A 80 -1.07 -5.91 5.58
C LYS A 80 -2.07 -6.40 4.51
N ASP A 81 -1.64 -7.41 3.74
CA ASP A 81 -2.47 -8.04 2.70
C ASP A 81 -2.85 -7.08 1.56
N VAL A 82 -2.02 -7.01 0.52
CA VAL A 82 -2.31 -6.18 -0.66
C VAL A 82 -2.01 -6.93 -1.97
N ASN A 83 -2.56 -6.42 -3.08
CA ASN A 83 -2.37 -7.05 -4.40
C ASN A 83 -1.35 -6.27 -5.25
N ILE A 84 -0.25 -6.92 -5.62
CA ILE A 84 0.82 -6.28 -6.41
C ILE A 84 0.55 -6.40 -7.92
N ARG A 85 0.44 -5.26 -8.60
CA ARG A 85 0.29 -5.25 -10.06
C ARG A 85 1.65 -5.17 -10.78
N GLY A 86 2.67 -4.72 -10.06
CA GLY A 86 4.02 -4.71 -10.60
C GLY A 86 4.48 -3.37 -11.17
N GLY A 87 3.54 -2.46 -11.43
CA GLY A 87 3.88 -1.16 -12.02
C GLY A 87 4.64 -1.29 -13.34
N PHE A 88 4.03 -1.94 -14.32
CA PHE A 88 4.67 -2.21 -15.61
C PHE A 88 4.95 -0.91 -16.39
N GLY A 89 6.20 -0.43 -16.30
CA GLY A 89 6.58 0.80 -16.98
C GLY A 89 7.35 1.77 -16.08
N GLY A 90 7.35 1.53 -14.78
CA GLY A 90 8.06 2.41 -13.85
C GLY A 90 8.20 1.80 -12.45
N ARG A 91 7.63 2.45 -11.45
CA ARG A 91 7.61 1.93 -10.09
C ARG A 91 6.40 1.02 -9.84
N LYS A 92 6.58 0.03 -8.98
CA LYS A 92 5.55 -0.97 -8.71
C LYS A 92 4.39 -0.40 -7.88
N GLU A 93 3.30 -1.15 -7.77
CA GLU A 93 2.09 -0.68 -7.11
C GLU A 93 1.40 -1.81 -6.33
N ALA A 94 0.75 -1.43 -5.23
CA ALA A 94 0.03 -2.37 -4.37
C ALA A 94 -1.37 -1.85 -4.04
N HIS A 95 -2.39 -2.61 -4.42
CA HIS A 95 -3.78 -2.19 -4.19
C HIS A 95 -4.32 -2.74 -2.87
N LEU A 96 -4.89 -1.85 -2.06
CA LEU A 96 -5.43 -2.22 -0.75
C LEU A 96 -6.89 -2.66 -0.86
N MET A 97 -7.29 -3.56 0.03
CA MET A 97 -8.66 -4.10 0.07
C MET A 97 -9.39 -3.62 1.34
N PRO A 98 -10.74 -3.67 1.36
CA PRO A 98 -11.56 -3.20 2.51
C PRO A 98 -11.01 -3.61 3.89
N ARG A 99 -10.49 -4.83 3.99
CA ARG A 99 -10.01 -5.39 5.27
C ARG A 99 -8.52 -5.04 5.55
N SER A 100 -7.83 -4.50 4.55
CA SER A 100 -6.40 -4.16 4.67
C SER A 100 -6.17 -2.99 5.63
N THR A 101 -5.42 -3.22 6.71
CA THR A 101 -5.08 -2.16 7.67
C THR A 101 -3.60 -1.73 7.53
N VAL A 102 -3.26 -0.59 8.15
CA VAL A 102 -1.87 -0.10 8.13
C VAL A 102 -1.35 0.20 9.54
N GLU A 103 -0.12 -0.21 9.83
CA GLU A 103 0.54 0.07 11.11
C GLU A 103 1.88 0.78 10.89
N VAL A 104 2.34 1.55 11.87
CA VAL A 104 3.61 2.27 11.75
C VAL A 104 4.78 1.51 12.40
N LEU A 105 5.94 1.55 11.75
CA LEU A 105 7.14 0.86 12.25
C LEU A 105 8.22 1.86 12.71
N ASP A 106 9.37 1.33 13.15
CA ASP A 106 10.42 2.12 13.80
C ASP A 106 9.98 2.59 15.23
N PRO A 107 9.11 3.62 15.42
CA PRO A 107 8.31 3.70 16.65
C PRO A 107 7.33 2.49 16.73
N LEU A 108 7.87 1.34 17.12
CA LEU A 108 7.15 0.06 17.02
C LEU A 108 5.86 0.03 17.87
N GLU A 109 4.72 -0.13 17.19
CA GLU A 109 3.43 -0.28 17.85
C GLU A 109 3.23 -1.71 18.39
N HIS A 110 3.99 -2.67 17.85
CA HIS A 110 3.92 -4.07 18.28
C HIS A 110 5.07 -4.42 19.25
N MET A 1 -1.33 -23.19 1.55
CA MET A 1 -0.42 -23.72 0.49
C MET A 1 1.05 -23.68 0.94
N LYS A 2 1.93 -24.30 0.14
CA LYS A 2 3.36 -24.37 0.47
C LYS A 2 4.06 -23.04 0.13
N PRO A 3 4.62 -22.35 1.15
CA PRO A 3 5.20 -21.00 0.99
C PRO A 3 6.53 -20.99 0.21
N GLU A 4 6.76 -19.91 -0.54
CA GLU A 4 8.04 -19.69 -1.23
C GLU A 4 8.88 -18.63 -0.50
N HIS A 5 8.21 -17.58 -0.02
CA HIS A 5 8.88 -16.51 0.72
C HIS A 5 7.89 -15.72 1.60
N ARG A 6 7.95 -15.93 2.92
CA ARG A 6 7.12 -15.19 3.88
C ARG A 6 7.91 -14.00 4.46
N MET A 7 8.76 -13.41 3.63
CA MET A 7 9.60 -12.26 4.02
C MET A 7 9.84 -11.37 2.80
N ASP A 8 8.95 -11.48 1.81
CA ASP A 8 9.11 -10.79 0.54
C ASP A 8 8.71 -9.31 0.63
N THR A 9 9.71 -8.47 0.90
CA THR A 9 9.53 -7.01 0.86
C THR A 9 9.51 -6.50 -0.59
N ILE A 10 9.58 -5.18 -0.79
CA ILE A 10 9.47 -4.58 -2.13
C ILE A 10 10.42 -5.23 -3.16
N SER A 11 11.55 -5.74 -2.67
CA SER A 11 12.53 -6.44 -3.52
C SER A 11 11.92 -7.60 -4.32
N LYS A 12 10.98 -8.34 -3.71
CA LYS A 12 10.44 -9.56 -4.33
C LYS A 12 8.90 -9.55 -4.45
N LEU A 13 8.33 -8.38 -4.66
CA LEU A 13 6.87 -8.28 -4.89
C LEU A 13 6.51 -8.67 -6.33
N GLU A 14 5.91 -9.84 -6.49
CA GLU A 14 5.53 -10.34 -7.81
C GLU A 14 4.08 -9.96 -8.16
N GLU A 15 3.85 -9.57 -9.41
CA GLU A 15 2.51 -9.23 -9.89
C GLU A 15 1.53 -10.41 -9.75
N GLY A 16 0.39 -10.18 -9.11
CA GLY A 16 -0.60 -11.23 -8.87
C GLY A 16 -0.47 -11.88 -7.50
N ALA A 17 0.56 -11.49 -6.75
CA ALA A 17 0.81 -12.05 -5.40
C ALA A 17 0.07 -11.26 -4.31
N GLU A 18 -0.35 -11.97 -3.24
CA GLU A 18 -0.96 -11.30 -2.07
C GLU A 18 -0.02 -11.39 -0.86
N THR A 19 0.57 -10.27 -0.48
CA THR A 19 1.53 -10.22 0.63
C THR A 19 1.54 -8.83 1.30
N PRO A 20 1.85 -8.76 2.61
CA PRO A 20 2.05 -7.47 3.30
C PRO A 20 3.31 -6.74 2.80
N VAL A 21 3.24 -5.42 2.65
CA VAL A 21 4.36 -4.63 2.11
C VAL A 21 4.80 -3.52 3.09
N THR A 22 6.10 -3.20 3.07
CA THR A 22 6.66 -2.20 3.98
C THR A 22 7.42 -1.10 3.22
N GLY A 23 7.36 0.13 3.73
CA GLY A 23 8.11 1.23 3.12
C GLY A 23 8.03 2.53 3.93
N ARG A 24 9.06 3.37 3.80
CA ARG A 24 9.09 4.67 4.48
C ARG A 24 8.39 5.73 3.61
N VAL A 25 7.31 6.32 4.15
CA VAL A 25 6.46 7.25 3.39
C VAL A 25 7.23 8.50 2.91
N MET A 26 7.43 8.60 1.60
CA MET A 26 8.08 9.76 1.00
C MET A 26 7.05 10.81 0.55
N LYS A 27 6.06 10.38 -0.24
CA LYS A 27 5.05 11.29 -0.78
C LYS A 27 3.62 10.78 -0.54
N ILE A 28 2.70 11.70 -0.27
CA ILE A 28 1.27 11.39 -0.16
C ILE A 28 0.45 12.27 -1.10
N SER A 29 -0.22 11.65 -2.07
CA SER A 29 -1.04 12.38 -3.04
C SER A 29 -2.55 12.26 -2.72
N SER A 30 -3.26 13.38 -2.86
CA SER A 30 -4.68 13.47 -2.50
C SER A 30 -5.56 12.40 -3.18
N PRO A 31 -6.63 11.96 -2.49
CA PRO A 31 -7.61 11.01 -3.05
C PRO A 31 -8.38 11.58 -4.25
N ARG A 32 -8.23 10.92 -5.40
CA ARG A 32 -8.88 11.35 -6.65
C ARG A 32 -10.23 10.63 -6.85
N THR A 33 -11.30 11.42 -7.03
CA THR A 33 -12.66 10.88 -7.17
C THR A 33 -12.97 10.43 -8.61
N PHE A 34 -13.82 9.42 -8.76
CA PHE A 34 -14.21 8.90 -10.08
C PHE A 34 -15.63 8.31 -10.05
N THR A 35 -16.19 8.02 -11.23
CA THR A 35 -17.54 7.42 -11.31
C THR A 35 -17.48 5.89 -11.20
N THR A 36 -18.08 5.36 -10.14
CA THR A 36 -18.14 3.91 -9.90
C THR A 36 -19.56 3.37 -10.15
N ARG A 37 -19.80 2.11 -9.77
CA ARG A 37 -21.10 1.46 -9.99
C ARG A 37 -22.29 2.34 -9.52
N LYS A 38 -22.46 2.49 -8.20
CA LYS A 38 -23.51 3.35 -7.65
C LYS A 38 -23.34 3.60 -6.13
N GLY A 39 -24.09 4.56 -5.60
CA GLY A 39 -24.11 4.81 -4.15
C GLY A 39 -22.88 5.55 -3.65
N ARG A 40 -21.74 4.90 -3.72
CA ARG A 40 -20.48 5.46 -3.24
C ARG A 40 -19.82 6.35 -4.31
N GLU A 41 -19.12 7.39 -3.87
CA GLU A 41 -18.55 8.38 -4.79
C GLU A 41 -17.31 7.86 -5.54
N GLY A 42 -16.73 6.77 -5.04
CA GLY A 42 -15.58 6.15 -5.70
C GLY A 42 -14.31 7.01 -5.70
N LYS A 43 -13.34 6.66 -4.86
CA LYS A 43 -12.09 7.43 -4.78
C LYS A 43 -10.87 6.52 -4.69
N LEU A 44 -9.71 7.05 -5.10
CA LEU A 44 -8.43 6.33 -5.01
C LEU A 44 -7.30 7.28 -4.60
N ALA A 45 -6.36 6.81 -3.79
CA ALA A 45 -5.24 7.63 -3.33
C ALA A 45 -3.89 6.97 -3.63
N ASN A 46 -2.86 7.78 -3.81
CA ASN A 46 -1.52 7.27 -4.14
C ASN A 46 -0.48 7.72 -3.11
N VAL A 47 0.04 6.77 -2.34
CA VAL A 47 1.10 7.02 -1.37
C VAL A 47 2.42 6.38 -1.82
N ILE A 48 3.44 7.19 -2.02
CA ILE A 48 4.73 6.71 -2.51
C ILE A 48 5.68 6.40 -1.34
N ILE A 49 5.94 5.11 -1.12
CA ILE A 49 6.81 4.66 -0.03
C ILE A 49 8.15 4.16 -0.57
N ALA A 50 9.22 4.44 0.18
CA ALA A 50 10.57 4.03 -0.21
C ALA A 50 11.24 3.20 0.89
N ASP A 51 11.81 2.07 0.50
CA ASP A 51 12.54 1.20 1.44
C ASP A 51 13.93 0.86 0.90
N ASP A 52 14.83 0.40 1.77
CA ASP A 52 16.20 0.04 1.39
C ASP A 52 16.22 -1.06 0.31
N THR A 53 15.11 -1.78 0.15
CA THR A 53 15.03 -2.84 -0.86
C THR A 53 14.28 -2.38 -2.12
N GLY A 54 13.70 -1.18 -2.09
CA GLY A 54 12.99 -0.65 -3.25
C GLY A 54 11.86 0.32 -2.89
N GLU A 55 11.34 1.02 -3.89
CA GLU A 55 10.19 1.91 -3.71
C GLU A 55 8.90 1.27 -4.26
N LEU A 56 7.75 1.67 -3.71
CA LEU A 56 6.46 1.08 -4.10
C LEU A 56 5.34 2.14 -4.13
N ARG A 57 4.42 2.01 -5.10
CA ARG A 57 3.25 2.89 -5.19
C ARG A 57 2.03 2.26 -4.50
N ALA A 58 1.69 2.76 -3.32
CA ALA A 58 0.55 2.23 -2.55
C ALA A 58 -0.76 2.92 -2.96
N VAL A 59 -1.73 2.12 -3.42
CA VAL A 59 -3.03 2.66 -3.88
C VAL A 59 -4.13 2.43 -2.85
N PHE A 60 -4.54 3.51 -2.18
CA PHE A 60 -5.60 3.45 -1.17
C PHE A 60 -6.97 3.77 -1.78
N TRP A 61 -7.77 2.74 -1.99
CA TRP A 61 -9.13 2.90 -2.52
C TRP A 61 -10.07 3.50 -1.45
N THR A 62 -11.20 4.04 -1.90
CA THR A 62 -12.21 4.68 -1.01
C THR A 62 -12.44 3.90 0.30
N GLU A 63 -12.38 2.57 0.23
CA GLU A 63 -12.60 1.72 1.41
C GLU A 63 -11.47 1.87 2.46
N ASN A 64 -10.27 2.22 2.01
CA ASN A 64 -9.09 2.31 2.88
C ASN A 64 -8.67 3.76 3.17
N ILE A 65 -9.45 4.74 2.71
CA ILE A 65 -9.12 6.16 2.96
C ILE A 65 -8.98 6.46 4.46
N LYS A 66 -9.77 5.76 5.28
CA LYS A 66 -9.71 5.90 6.74
C LYS A 66 -8.30 5.65 7.31
N LEU A 67 -7.45 4.97 6.53
CA LEU A 67 -6.09 4.67 6.96
C LEU A 67 -5.14 5.87 6.71
N LEU A 68 -5.50 6.73 5.77
CA LEU A 68 -4.67 7.88 5.40
C LEU A 68 -4.53 8.91 6.54
N LYS A 69 -5.42 8.83 7.54
CA LYS A 69 -5.36 9.76 8.66
C LYS A 69 -4.43 9.27 9.78
N LYS A 70 -3.95 8.03 9.66
CA LYS A 70 -3.03 7.46 10.66
C LYS A 70 -1.62 8.02 10.52
N PHE A 71 -0.99 7.74 9.38
CA PHE A 71 0.41 8.10 9.15
C PHE A 71 0.56 9.48 8.49
N ARG A 72 1.74 10.06 8.62
CA ARG A 72 2.06 11.35 8.02
C ARG A 72 3.07 11.17 6.87
N GLU A 73 3.20 12.18 6.02
CA GLU A 73 4.17 12.14 4.92
C GLU A 73 5.60 12.27 5.47
N GLY A 74 6.12 11.18 6.03
CA GLY A 74 7.42 11.20 6.68
C GLY A 74 7.64 10.04 7.65
N ASP A 75 6.60 9.27 7.95
CA ASP A 75 6.71 8.10 8.83
C ASP A 75 6.91 6.81 8.01
N VAL A 76 7.00 5.68 8.69
CA VAL A 76 7.14 4.38 8.01
C VAL A 76 5.89 3.52 8.22
N ILE A 77 5.44 2.82 7.18
CA ILE A 77 4.22 2.01 7.27
C ILE A 77 4.40 0.60 6.66
N ARG A 78 3.65 -0.34 7.20
CA ARG A 78 3.55 -1.68 6.64
C ARG A 78 2.09 -2.01 6.33
N ILE A 79 1.76 -2.11 5.05
CA ILE A 79 0.38 -2.37 4.62
C ILE A 79 0.10 -3.87 4.57
N LYS A 80 -0.95 -4.30 5.27
CA LYS A 80 -1.28 -5.72 5.38
C LYS A 80 -2.40 -6.13 4.41
N ASP A 81 -2.24 -7.30 3.79
CA ASP A 81 -3.24 -7.87 2.86
C ASP A 81 -3.44 -7.00 1.59
N VAL A 82 -2.50 -7.07 0.66
CA VAL A 82 -2.61 -6.33 -0.61
C VAL A 82 -2.18 -7.19 -1.81
N ASN A 83 -2.66 -6.83 -2.99
CA ASN A 83 -2.26 -7.50 -4.24
C ASN A 83 -1.37 -6.59 -5.08
N ILE A 84 -0.22 -7.11 -5.49
CA ILE A 84 0.72 -6.37 -6.33
C ILE A 84 0.27 -6.43 -7.80
N ARG A 85 -0.20 -5.31 -8.33
CA ARG A 85 -0.74 -5.29 -9.70
C ARG A 85 0.36 -5.32 -10.76
N GLY A 86 1.34 -4.41 -10.68
CA GLY A 86 2.45 -4.45 -11.64
C GLY A 86 3.38 -3.25 -11.61
N GLY A 87 2.84 -2.03 -11.71
CA GLY A 87 3.68 -0.85 -11.97
C GLY A 87 4.55 -1.04 -13.20
N PHE A 88 3.92 -1.54 -14.27
CA PHE A 88 4.64 -1.93 -15.50
C PHE A 88 5.57 -0.82 -16.00
N GLY A 89 6.87 -1.11 -16.05
CA GLY A 89 7.85 -0.15 -16.52
C GLY A 89 8.88 0.21 -15.44
N GLY A 90 8.40 0.57 -14.25
CA GLY A 90 9.30 1.00 -13.19
C GLY A 90 8.94 0.46 -11.81
N ARG A 91 8.38 1.31 -10.96
CA ARG A 91 8.04 0.94 -9.58
C ARG A 91 6.62 0.34 -9.50
N LYS A 92 6.55 -0.88 -8.97
CA LYS A 92 5.29 -1.62 -8.84
C LYS A 92 4.27 -0.90 -7.94
N GLU A 93 3.10 -1.51 -7.78
CA GLU A 93 1.99 -0.88 -7.06
C GLU A 93 1.21 -1.90 -6.23
N ALA A 94 0.77 -1.48 -5.04
CA ALA A 94 0.00 -2.35 -4.14
C ALA A 94 -1.41 -1.78 -3.90
N HIS A 95 -2.43 -2.49 -4.40
CA HIS A 95 -3.82 -2.07 -4.24
C HIS A 95 -4.45 -2.71 -2.99
N LEU A 96 -5.10 -1.89 -2.17
CA LEU A 96 -5.68 -2.33 -0.90
C LEU A 96 -7.11 -2.87 -1.07
N MET A 97 -7.60 -3.52 -0.02
CA MET A 97 -8.94 -4.13 0.00
C MET A 97 -9.74 -3.60 1.20
N PRO A 98 -11.09 -3.73 1.19
CA PRO A 98 -11.93 -3.33 2.34
C PRO A 98 -11.46 -3.92 3.69
N ARG A 99 -10.75 -5.04 3.63
CA ARG A 99 -10.26 -5.74 4.85
C ARG A 99 -8.79 -5.41 5.16
N SER A 100 -8.18 -4.54 4.36
CA SER A 100 -6.75 -4.20 4.49
C SER A 100 -6.51 -3.10 5.53
N THR A 101 -5.50 -3.30 6.37
CA THR A 101 -5.14 -2.34 7.41
C THR A 101 -3.64 -2.00 7.36
N VAL A 102 -3.28 -0.81 7.85
CA VAL A 102 -1.87 -0.38 7.85
C VAL A 102 -1.35 -0.14 9.28
N GLU A 103 -0.14 -0.62 9.55
CA GLU A 103 0.52 -0.38 10.84
C GLU A 103 1.79 0.46 10.62
N VAL A 104 2.03 1.44 11.49
CA VAL A 104 3.22 2.28 11.33
C VAL A 104 4.46 1.64 11.98
N LEU A 105 5.53 1.52 11.19
CA LEU A 105 6.81 0.99 11.68
C LEU A 105 7.81 2.13 11.91
N ASP A 106 9.01 1.78 12.39
CA ASP A 106 10.03 2.74 12.86
C ASP A 106 9.76 3.11 14.34
N PRO A 107 8.63 3.79 14.69
CA PRO A 107 8.00 3.59 16.02
C PRO A 107 7.26 2.24 16.05
N LEU A 108 6.18 2.12 16.82
CA LEU A 108 5.38 0.88 16.82
C LEU A 108 4.03 1.08 17.53
N GLU A 109 2.93 0.77 16.82
CA GLU A 109 1.57 0.89 17.39
C GLU A 109 1.22 -0.29 18.30
N HIS A 110 1.40 -1.50 17.79
CA HIS A 110 1.02 -2.74 18.49
C HIS A 110 1.71 -2.88 19.87
N MET A 1 11.67 -28.51 -0.97
CA MET A 1 10.27 -27.98 -0.95
C MET A 1 10.29 -26.45 -0.73
N LYS A 2 9.46 -25.72 -1.48
CA LYS A 2 9.45 -24.25 -1.41
C LYS A 2 8.82 -23.75 -0.09
N PRO A 3 9.59 -22.96 0.71
CA PRO A 3 9.10 -22.43 2.00
C PRO A 3 7.90 -21.48 1.85
N GLU A 4 6.69 -22.00 2.05
CA GLU A 4 5.46 -21.22 1.90
C GLU A 4 5.41 -20.04 2.89
N HIS A 5 5.14 -18.84 2.37
CA HIS A 5 5.05 -17.64 3.20
C HIS A 5 4.28 -16.52 2.48
N ARG A 6 3.31 -15.91 3.16
CA ARG A 6 2.63 -14.73 2.62
C ARG A 6 3.15 -13.45 3.26
N MET A 7 4.34 -13.03 2.82
CA MET A 7 5.01 -11.81 3.31
C MET A 7 6.32 -11.61 2.53
N ASP A 8 6.25 -10.88 1.43
CA ASP A 8 7.43 -10.60 0.61
C ASP A 8 7.78 -9.11 0.61
N THR A 9 9.07 -8.80 0.75
CA THR A 9 9.53 -7.40 0.75
C THR A 9 9.48 -6.80 -0.67
N ILE A 10 9.63 -5.48 -0.75
CA ILE A 10 9.45 -4.75 -2.02
C ILE A 10 10.36 -5.29 -3.14
N SER A 11 11.61 -5.62 -2.79
CA SER A 11 12.56 -6.17 -3.77
C SER A 11 12.09 -7.50 -4.38
N LYS A 12 11.23 -8.22 -3.67
CA LYS A 12 10.79 -9.55 -4.12
C LYS A 12 9.35 -9.56 -4.66
N LEU A 13 8.75 -8.38 -4.80
CA LEU A 13 7.37 -8.27 -5.27
C LEU A 13 7.21 -8.71 -6.74
N GLU A 14 6.38 -9.71 -6.96
CA GLU A 14 6.07 -10.21 -8.31
C GLU A 14 4.68 -9.76 -8.74
N GLU A 15 4.48 -9.54 -10.04
CA GLU A 15 3.15 -9.19 -10.56
C GLU A 15 2.14 -10.32 -10.26
N GLY A 16 1.07 -9.97 -9.55
CA GLY A 16 0.07 -10.95 -9.14
C GLY A 16 0.25 -11.42 -7.70
N ALA A 17 1.32 -10.98 -7.06
CA ALA A 17 1.63 -11.37 -5.68
C ALA A 17 0.69 -10.69 -4.66
N GLU A 18 0.02 -11.51 -3.85
CA GLU A 18 -0.82 -10.99 -2.76
C GLU A 18 -0.08 -11.14 -1.43
N THR A 19 0.37 -10.02 -0.88
CA THR A 19 1.19 -10.02 0.34
C THR A 19 1.03 -8.72 1.15
N PRO A 20 1.27 -8.76 2.48
CA PRO A 20 1.46 -7.53 3.26
C PRO A 20 2.80 -6.84 2.94
N VAL A 21 2.80 -5.51 2.86
CA VAL A 21 4.00 -4.76 2.49
C VAL A 21 4.37 -3.70 3.53
N THR A 22 5.67 -3.44 3.66
CA THR A 22 6.17 -2.39 4.57
C THR A 22 7.02 -1.37 3.80
N GLY A 23 6.86 -0.08 4.10
CA GLY A 23 7.64 0.95 3.42
C GLY A 23 7.60 2.30 4.13
N ARG A 24 8.67 3.08 3.95
CA ARG A 24 8.76 4.42 4.55
C ARG A 24 8.10 5.47 3.64
N VAL A 25 7.06 6.12 4.15
CA VAL A 25 6.28 7.09 3.35
C VAL A 25 7.16 8.28 2.92
N MET A 26 7.44 8.36 1.63
CA MET A 26 8.28 9.41 1.06
C MET A 26 7.45 10.53 0.42
N LYS A 27 6.51 10.14 -0.43
CA LYS A 27 5.65 11.11 -1.13
C LYS A 27 4.17 10.68 -1.05
N ILE A 28 3.26 11.65 -0.92
CA ILE A 28 1.82 11.36 -0.91
C ILE A 28 1.04 12.22 -1.93
N SER A 29 0.31 11.55 -2.83
CA SER A 29 -0.55 12.26 -3.79
C SER A 29 -1.98 12.38 -3.26
N SER A 30 -2.70 13.39 -3.74
CA SER A 30 -4.08 13.64 -3.29
C SER A 30 -5.06 12.59 -3.84
N PRO A 31 -6.16 12.30 -3.10
CA PRO A 31 -7.17 11.33 -3.53
C PRO A 31 -8.10 11.86 -4.64
N ARG A 32 -8.26 11.07 -5.71
CA ARG A 32 -9.19 11.41 -6.79
C ARG A 32 -10.54 10.74 -6.58
N THR A 33 -11.61 11.52 -6.71
CA THR A 33 -12.98 11.00 -6.53
C THR A 33 -13.62 10.62 -7.87
N PHE A 34 -14.07 9.38 -7.98
CA PHE A 34 -14.77 8.88 -9.17
C PHE A 34 -16.17 8.39 -8.77
N THR A 35 -16.98 7.98 -9.74
CA THR A 35 -18.31 7.42 -9.46
C THR A 35 -18.33 5.89 -9.68
N THR A 36 -18.80 5.15 -8.69
CA THR A 36 -18.90 3.68 -8.80
C THR A 36 -20.18 3.25 -9.52
N ARG A 37 -20.29 1.95 -9.79
CA ARG A 37 -21.52 1.37 -10.33
C ARG A 37 -22.28 0.59 -9.23
N LYS A 38 -21.90 0.82 -7.98
CA LYS A 38 -22.50 0.12 -6.84
C LYS A 38 -23.43 1.03 -6.02
N GLY A 39 -22.85 2.01 -5.31
CA GLY A 39 -23.66 2.85 -4.44
C GLY A 39 -22.98 4.16 -4.04
N ARG A 40 -21.78 4.06 -3.46
CA ARG A 40 -21.06 5.24 -2.98
C ARG A 40 -20.22 5.88 -4.09
N GLU A 41 -19.81 7.13 -3.86
CA GLU A 41 -18.94 7.86 -4.80
C GLU A 41 -17.79 6.99 -5.34
N GLY A 42 -16.83 6.64 -4.48
CA GLY A 42 -15.58 6.01 -4.94
C GLY A 42 -14.39 6.99 -4.96
N LYS A 43 -13.24 6.52 -4.46
CA LYS A 43 -12.00 7.33 -4.42
C LYS A 43 -10.75 6.44 -4.56
N LEU A 44 -9.65 7.06 -4.98
CA LEU A 44 -8.36 6.38 -5.06
C LEU A 44 -7.21 7.37 -4.78
N ALA A 45 -6.18 6.92 -4.08
CA ALA A 45 -5.01 7.76 -3.76
C ALA A 45 -3.69 7.01 -3.96
N ASN A 46 -2.64 7.74 -4.33
CA ASN A 46 -1.32 7.14 -4.56
C ASN A 46 -0.30 7.60 -3.52
N VAL A 47 0.12 6.69 -2.65
CA VAL A 47 1.16 6.97 -1.65
C VAL A 47 2.46 6.23 -1.97
N ILE A 48 3.55 6.97 -2.12
CA ILE A 48 4.85 6.38 -2.49
C ILE A 48 5.68 6.03 -1.23
N ILE A 49 5.82 4.73 -0.98
CA ILE A 49 6.61 4.25 0.15
C ILE A 49 7.95 3.65 -0.33
N ALA A 50 9.03 3.94 0.38
CA ALA A 50 10.36 3.49 -0.02
C ALA A 50 11.06 2.69 1.09
N ASP A 51 11.67 1.58 0.73
CA ASP A 51 12.45 0.77 1.66
C ASP A 51 13.84 0.47 1.09
N ASP A 52 14.78 0.05 1.95
CA ASP A 52 16.16 -0.21 1.53
C ASP A 52 16.27 -1.35 0.51
N THR A 53 15.19 -2.10 0.31
CA THR A 53 15.15 -3.14 -0.72
C THR A 53 14.55 -2.63 -2.04
N GLY A 54 13.73 -1.57 -1.97
CA GLY A 54 13.06 -1.05 -3.16
C GLY A 54 11.95 -0.06 -2.85
N GLU A 55 11.45 0.64 -3.88
CA GLU A 55 10.35 1.60 -3.73
C GLU A 55 9.03 1.04 -4.29
N LEU A 56 7.90 1.45 -3.69
CA LEU A 56 6.59 0.92 -4.07
C LEU A 56 5.49 2.00 -4.03
N ARG A 57 4.51 1.90 -4.93
CA ARG A 57 3.36 2.81 -4.95
C ARG A 57 2.11 2.14 -4.33
N ALA A 58 1.73 2.57 -3.14
CA ALA A 58 0.54 2.04 -2.46
C ALA A 58 -0.74 2.77 -2.90
N VAL A 59 -1.70 2.03 -3.43
CA VAL A 59 -2.97 2.60 -3.92
C VAL A 59 -4.09 2.48 -2.88
N PHE A 60 -4.48 3.61 -2.30
CA PHE A 60 -5.53 3.65 -1.28
C PHE A 60 -6.91 3.92 -1.91
N TRP A 61 -7.72 2.88 -2.01
CA TRP A 61 -9.09 2.98 -2.52
C TRP A 61 -10.07 3.51 -1.44
N THR A 62 -11.24 3.97 -1.87
CA THR A 62 -12.23 4.63 -0.97
C THR A 62 -12.32 3.99 0.43
N GLU A 63 -12.43 2.66 0.51
CA GLU A 63 -12.53 1.99 1.81
C GLU A 63 -11.27 2.20 2.68
N ASN A 64 -10.13 2.34 2.02
CA ASN A 64 -8.85 2.51 2.72
C ASN A 64 -8.46 4.00 2.91
N ILE A 65 -9.23 4.91 2.33
CA ILE A 65 -8.97 6.35 2.51
C ILE A 65 -8.97 6.75 3.99
N LYS A 66 -9.82 6.11 4.78
CA LYS A 66 -9.89 6.35 6.24
C LYS A 66 -8.56 6.04 6.95
N LEU A 67 -7.66 5.33 6.27
CA LEU A 67 -6.35 4.97 6.84
C LEU A 67 -5.34 6.12 6.71
N LEU A 68 -5.58 7.04 5.78
CA LEU A 68 -4.65 8.15 5.50
C LEU A 68 -4.46 9.09 6.70
N LYS A 69 -5.42 9.08 7.63
CA LYS A 69 -5.35 9.93 8.83
C LYS A 69 -4.36 9.37 9.88
N LYS A 70 -4.02 8.08 9.77
CA LYS A 70 -3.15 7.42 10.75
C LYS A 70 -1.68 7.82 10.57
N PHE A 71 -1.28 8.07 9.32
CA PHE A 71 0.11 8.43 9.01
C PHE A 71 0.19 9.70 8.15
N ARG A 72 1.38 10.29 8.08
CA ARG A 72 1.62 11.48 7.27
C ARG A 72 2.90 11.33 6.44
N GLU A 73 3.13 12.25 5.50
CA GLU A 73 4.30 12.18 4.61
C GLU A 73 5.59 12.28 5.43
N GLY A 74 6.22 11.13 5.69
CA GLY A 74 7.41 11.09 6.54
C GLY A 74 7.46 9.84 7.41
N ASP A 75 6.29 9.38 7.85
CA ASP A 75 6.20 8.18 8.70
C ASP A 75 6.52 6.89 7.92
N VAL A 76 6.49 5.76 8.62
CA VAL A 76 6.67 4.45 8.00
C VAL A 76 5.44 3.57 8.28
N ILE A 77 4.97 2.82 7.29
CA ILE A 77 3.73 2.04 7.46
C ILE A 77 3.85 0.61 6.94
N ARG A 78 3.16 -0.32 7.63
CA ARG A 78 3.01 -1.69 7.15
C ARG A 78 1.55 -1.95 6.77
N ILE A 79 1.30 -2.15 5.48
CA ILE A 79 -0.04 -2.43 4.99
C ILE A 79 -0.27 -3.95 4.87
N LYS A 80 -1.36 -4.45 5.45
CA LYS A 80 -1.62 -5.88 5.49
C LYS A 80 -2.47 -6.36 4.31
N ASP A 81 -1.99 -7.39 3.61
CA ASP A 81 -2.70 -8.03 2.49
C ASP A 81 -3.07 -7.06 1.35
N VAL A 82 -2.18 -6.94 0.37
CA VAL A 82 -2.43 -6.12 -0.82
C VAL A 82 -2.11 -6.89 -2.10
N ASN A 83 -2.65 -6.43 -3.23
CA ASN A 83 -2.41 -7.05 -4.53
C ASN A 83 -1.41 -6.26 -5.36
N ILE A 84 -0.28 -6.87 -5.69
CA ILE A 84 0.71 -6.25 -6.56
C ILE A 84 0.31 -6.42 -8.03
N ARG A 85 0.11 -5.32 -8.75
CA ARG A 85 -0.25 -5.38 -10.17
C ARG A 85 0.98 -5.35 -11.07
N GLY A 86 1.62 -4.18 -11.19
CA GLY A 86 2.86 -4.09 -11.95
C GLY A 86 3.16 -2.69 -12.49
N GLY A 87 3.76 -1.86 -11.64
CA GLY A 87 4.17 -0.52 -12.07
C GLY A 87 5.39 -0.56 -13.00
N PHE A 88 5.19 -0.16 -14.24
CA PHE A 88 6.27 -0.17 -15.24
C PHE A 88 7.33 0.91 -14.95
N GLY A 89 8.49 0.47 -14.47
CA GLY A 89 9.59 1.38 -14.15
C GLY A 89 10.18 1.16 -12.76
N GLY A 90 10.34 -0.10 -12.37
CA GLY A 90 10.90 -0.44 -11.06
C GLY A 90 9.89 -0.29 -9.92
N ARG A 91 9.34 0.90 -9.76
CA ARG A 91 8.34 1.17 -8.72
C ARG A 91 6.98 0.52 -9.06
N LYS A 92 6.79 -0.73 -8.61
CA LYS A 92 5.51 -1.42 -8.75
C LYS A 92 4.39 -0.76 -7.93
N GLU A 93 3.23 -1.40 -7.89
CA GLU A 93 2.04 -0.83 -7.26
C GLU A 93 1.29 -1.87 -6.43
N ALA A 94 0.81 -1.46 -5.26
CA ALA A 94 0.09 -2.34 -4.34
C ALA A 94 -1.33 -1.83 -4.09
N HIS A 95 -2.33 -2.58 -4.52
CA HIS A 95 -3.74 -2.17 -4.36
C HIS A 95 -4.34 -2.72 -3.07
N LEU A 96 -4.89 -1.82 -2.25
CA LEU A 96 -5.46 -2.19 -0.95
C LEU A 96 -6.90 -2.70 -1.09
N MET A 97 -7.30 -3.49 -0.10
CA MET A 97 -8.64 -4.11 -0.06
C MET A 97 -9.45 -3.54 1.11
N PRO A 98 -10.80 -3.69 1.10
CA PRO A 98 -11.64 -3.30 2.25
C PRO A 98 -11.28 -4.07 3.54
N ARG A 99 -10.40 -5.07 3.39
CA ARG A 99 -9.92 -5.88 4.52
C ARG A 99 -8.51 -5.43 4.99
N SER A 100 -7.87 -4.59 4.19
CA SER A 100 -6.47 -4.18 4.45
C SER A 100 -6.35 -3.16 5.59
N THR A 101 -5.36 -3.38 6.46
CA THR A 101 -5.09 -2.49 7.59
C THR A 101 -3.68 -1.87 7.48
N VAL A 102 -3.46 -0.74 8.18
CA VAL A 102 -2.13 -0.10 8.18
C VAL A 102 -1.65 0.21 9.61
N GLU A 103 -0.35 0.14 9.83
CA GLU A 103 0.25 0.45 11.14
C GLU A 103 1.60 1.18 10.96
N VAL A 104 1.90 2.11 11.86
CA VAL A 104 3.12 2.90 11.79
C VAL A 104 4.34 2.18 12.40
N LEU A 105 5.38 1.99 11.59
CA LEU A 105 6.63 1.37 12.04
C LEU A 105 7.78 2.39 12.09
N ASP A 106 8.94 1.97 12.61
CA ASP A 106 10.07 2.86 12.96
C ASP A 106 9.87 3.54 14.34
N PRO A 107 8.81 4.37 14.56
CA PRO A 107 8.21 4.47 15.90
C PRO A 107 7.70 3.07 16.32
N LEU A 108 8.66 2.17 16.53
CA LEU A 108 8.41 0.72 16.52
C LEU A 108 7.50 0.26 17.67
N GLU A 109 6.46 -0.51 17.30
CA GLU A 109 5.57 -1.16 18.28
C GLU A 109 5.81 -2.68 18.30
N HIS A 110 5.65 -3.34 17.14
CA HIS A 110 5.88 -4.79 17.01
C HIS A 110 7.19 -5.09 16.23
N MET A 1 -4.32 -24.45 -2.16
CA MET A 1 -2.90 -24.29 -1.71
C MET A 1 -2.50 -22.81 -1.66
N LYS A 2 -1.65 -22.46 -0.69
CA LYS A 2 -1.19 -21.07 -0.55
C LYS A 2 0.30 -20.94 -0.93
N PRO A 3 0.64 -19.93 -1.78
CA PRO A 3 2.02 -19.72 -2.25
C PRO A 3 3.04 -19.38 -1.14
N GLU A 4 4.26 -19.04 -1.55
CA GLU A 4 5.38 -18.83 -0.62
C GLU A 4 5.61 -17.35 -0.27
N HIS A 5 4.78 -16.45 -0.78
CA HIS A 5 4.99 -15.01 -0.56
C HIS A 5 4.43 -14.56 0.79
N ARG A 6 5.30 -13.98 1.61
CA ARG A 6 4.96 -13.60 2.98
C ARG A 6 5.84 -12.43 3.47
N MET A 7 5.25 -11.24 3.58
CA MET A 7 5.97 -10.05 4.10
C MET A 7 7.26 -9.76 3.31
N ASP A 8 7.27 -10.12 2.03
CA ASP A 8 8.43 -9.92 1.18
C ASP A 8 8.74 -8.43 0.98
N THR A 9 10.02 -8.08 1.01
CA THR A 9 10.47 -6.71 0.77
C THR A 9 10.11 -6.25 -0.65
N ILE A 10 10.10 -4.94 -0.87
CA ILE A 10 9.66 -4.38 -2.16
C ILE A 10 10.44 -4.99 -3.36
N SER A 11 11.72 -5.30 -3.16
CA SER A 11 12.53 -5.95 -4.21
C SER A 11 11.95 -7.33 -4.57
N LYS A 12 11.43 -8.04 -3.57
CA LYS A 12 10.90 -9.40 -3.77
C LYS A 12 9.42 -9.41 -4.19
N LEU A 13 8.78 -8.24 -4.21
CA LEU A 13 7.37 -8.15 -4.58
C LEU A 13 7.12 -8.64 -6.02
N GLU A 14 6.23 -9.62 -6.14
CA GLU A 14 5.91 -10.25 -7.42
C GLU A 14 4.53 -9.82 -7.92
N GLU A 15 4.47 -9.25 -9.13
CA GLU A 15 3.18 -8.86 -9.74
C GLU A 15 2.24 -10.08 -9.87
N GLY A 16 1.03 -9.94 -9.35
CA GLY A 16 0.09 -11.05 -9.33
C GLY A 16 -0.01 -11.72 -7.97
N ALA A 17 0.99 -11.49 -7.11
CA ALA A 17 1.03 -12.07 -5.78
C ALA A 17 0.26 -11.23 -4.75
N GLU A 18 -0.17 -11.86 -3.66
CA GLU A 18 -0.89 -11.16 -2.59
C GLU A 18 -0.16 -11.33 -1.24
N THR A 19 0.45 -10.24 -0.77
CA THR A 19 1.22 -10.26 0.49
C THR A 19 1.23 -8.87 1.15
N PRO A 20 1.33 -8.80 2.50
CA PRO A 20 1.58 -7.53 3.20
C PRO A 20 2.95 -6.92 2.85
N VAL A 21 3.04 -5.59 2.83
CA VAL A 21 4.27 -4.89 2.42
C VAL A 21 4.76 -3.92 3.52
N THR A 22 5.98 -3.41 3.37
CA THR A 22 6.57 -2.45 4.32
C THR A 22 7.46 -1.42 3.61
N GLY A 23 7.41 -0.17 4.08
CA GLY A 23 8.26 0.88 3.52
C GLY A 23 8.01 2.25 4.16
N ARG A 24 8.92 3.19 3.95
CA ARG A 24 8.76 4.54 4.50
C ARG A 24 7.92 5.44 3.59
N VAL A 25 6.94 6.12 4.15
CA VAL A 25 6.09 7.04 3.40
C VAL A 25 6.90 8.25 2.91
N MET A 26 7.20 8.29 1.61
CA MET A 26 7.97 9.40 1.04
C MET A 26 7.04 10.46 0.45
N LYS A 27 6.00 10.03 -0.26
CA LYS A 27 5.06 10.96 -0.91
C LYS A 27 3.59 10.58 -0.64
N ILE A 28 2.78 11.56 -0.27
CA ILE A 28 1.33 11.36 -0.12
C ILE A 28 0.54 12.20 -1.12
N SER A 29 -0.25 11.54 -1.96
CA SER A 29 -1.07 12.24 -2.96
C SER A 29 -2.57 12.15 -2.62
N SER A 30 -3.30 13.23 -2.85
CA SER A 30 -4.73 13.30 -2.50
C SER A 30 -5.59 12.34 -3.33
N PRO A 31 -6.75 11.90 -2.78
CA PRO A 31 -7.66 10.96 -3.45
C PRO A 31 -8.28 11.52 -4.75
N ARG A 32 -8.33 10.69 -5.78
CA ARG A 32 -9.00 11.04 -7.05
C ARG A 32 -10.38 10.34 -7.10
N THR A 33 -11.44 11.12 -7.23
CA THR A 33 -12.82 10.59 -7.18
C THR A 33 -13.30 10.11 -8.55
N PHE A 34 -14.10 9.05 -8.57
CA PHE A 34 -14.65 8.52 -9.83
C PHE A 34 -16.08 7.98 -9.61
N THR A 35 -16.81 7.76 -10.71
CA THR A 35 -18.22 7.33 -10.63
C THR A 35 -18.33 5.81 -10.48
N THR A 36 -19.04 5.37 -9.44
CA THR A 36 -19.26 3.92 -9.23
C THR A 36 -20.68 3.53 -9.63
N ARG A 37 -20.84 2.30 -10.13
CA ARG A 37 -22.16 1.77 -10.48
C ARG A 37 -23.00 1.52 -9.22
N LYS A 38 -22.32 1.36 -8.09
CA LYS A 38 -23.00 1.18 -6.79
C LYS A 38 -23.67 2.47 -6.30
N GLY A 39 -23.13 3.62 -6.72
CA GLY A 39 -23.69 4.91 -6.34
C GLY A 39 -22.90 5.61 -5.23
N ARG A 40 -21.77 5.02 -4.83
CA ARG A 40 -20.91 5.62 -3.79
C ARG A 40 -19.82 6.51 -4.41
N GLU A 41 -19.26 7.38 -3.58
CA GLU A 41 -18.25 8.38 -4.01
C GLU A 41 -17.16 7.79 -4.95
N GLY A 42 -16.53 6.69 -4.54
CA GLY A 42 -15.47 6.09 -5.34
C GLY A 42 -14.19 6.94 -5.41
N LYS A 43 -13.08 6.44 -4.87
CA LYS A 43 -11.83 7.20 -4.81
C LYS A 43 -10.60 6.30 -4.91
N LEU A 44 -9.51 6.83 -5.46
CA LEU A 44 -8.22 6.15 -5.46
C LEU A 44 -7.09 7.14 -5.13
N ALA A 45 -6.24 6.78 -4.16
CA ALA A 45 -5.15 7.65 -3.71
C ALA A 45 -3.78 6.99 -3.92
N ASN A 46 -2.76 7.81 -4.18
CA ASN A 46 -1.41 7.31 -4.43
C ASN A 46 -0.43 7.71 -3.31
N VAL A 47 0.01 6.73 -2.54
CA VAL A 47 1.04 6.96 -1.50
C VAL A 47 2.34 6.23 -1.88
N ILE A 48 3.41 6.99 -2.08
CA ILE A 48 4.69 6.41 -2.50
C ILE A 48 5.58 6.07 -1.29
N ILE A 49 5.80 4.77 -1.08
CA ILE A 49 6.64 4.29 0.02
C ILE A 49 7.99 3.77 -0.51
N ALA A 50 9.05 3.95 0.25
CA ALA A 50 10.39 3.52 -0.17
C ALA A 50 11.07 2.65 0.89
N ASP A 51 11.49 1.45 0.48
CA ASP A 51 12.24 0.53 1.33
C ASP A 51 13.69 0.44 0.84
N ASP A 52 14.60 -0.05 1.68
CA ASP A 52 16.02 -0.14 1.31
C ASP A 52 16.26 -1.10 0.12
N THR A 53 15.27 -1.94 -0.18
CA THR A 53 15.37 -2.88 -1.31
C THR A 53 14.68 -2.35 -2.57
N GLY A 54 13.82 -1.33 -2.44
CA GLY A 54 13.07 -0.82 -3.59
C GLY A 54 11.93 0.12 -3.21
N GLU A 55 11.37 0.81 -4.21
CA GLU A 55 10.26 1.76 -3.98
C GLU A 55 8.92 1.19 -4.51
N LEU A 56 7.81 1.56 -3.88
CA LEU A 56 6.48 1.03 -4.22
C LEU A 56 5.38 2.11 -4.17
N ARG A 57 4.35 1.94 -5.01
CA ARG A 57 3.18 2.84 -5.03
C ARG A 57 1.97 2.18 -4.33
N ALA A 58 1.60 2.67 -3.16
CA ALA A 58 0.42 2.15 -2.44
C ALA A 58 -0.88 2.83 -2.94
N VAL A 59 -1.82 2.02 -3.42
CA VAL A 59 -3.10 2.52 -3.95
C VAL A 59 -4.22 2.41 -2.91
N PHE A 60 -4.61 3.55 -2.33
CA PHE A 60 -5.68 3.59 -1.33
C PHE A 60 -7.04 3.89 -1.97
N TRP A 61 -7.88 2.86 -2.08
CA TRP A 61 -9.24 3.00 -2.61
C TRP A 61 -10.17 3.68 -1.59
N THR A 62 -11.31 4.20 -2.06
CA THR A 62 -12.28 4.91 -1.19
C THR A 62 -12.54 4.20 0.15
N GLU A 63 -12.48 2.86 0.13
CA GLU A 63 -12.71 2.06 1.34
C GLU A 63 -11.51 2.13 2.32
N ASN A 64 -10.32 2.38 1.79
CA ASN A 64 -9.09 2.48 2.61
C ASN A 64 -8.68 3.93 2.91
N ILE A 65 -9.42 4.90 2.36
CA ILE A 65 -9.12 6.34 2.60
C ILE A 65 -9.05 6.66 4.10
N LYS A 66 -9.88 5.99 4.90
CA LYS A 66 -9.91 6.19 6.36
C LYS A 66 -8.53 5.95 7.03
N LEU A 67 -7.65 5.21 6.35
CA LEU A 67 -6.33 4.88 6.90
C LEU A 67 -5.32 6.02 6.73
N LEU A 68 -5.57 6.90 5.76
CA LEU A 68 -4.64 8.01 5.45
C LEU A 68 -4.41 8.95 6.65
N LYS A 69 -5.38 9.03 7.55
CA LYS A 69 -5.27 9.92 8.72
C LYS A 69 -4.29 9.40 9.79
N LYS A 70 -3.89 8.14 9.68
CA LYS A 70 -3.05 7.51 10.71
C LYS A 70 -1.57 7.97 10.63
N PHE A 71 -1.02 7.97 9.42
CA PHE A 71 0.41 8.27 9.23
C PHE A 71 0.64 9.61 8.50
N ARG A 72 1.87 10.10 8.53
CA ARG A 72 2.24 11.33 7.82
C ARG A 72 3.38 11.09 6.82
N GLU A 73 3.58 12.05 5.92
CA GLU A 73 4.62 11.93 4.88
C GLU A 73 6.02 12.00 5.49
N GLY A 74 6.59 10.84 5.81
CA GLY A 74 7.89 10.78 6.46
C GLY A 74 8.04 9.58 7.39
N ASP A 75 6.92 9.13 7.96
CA ASP A 75 6.91 7.97 8.87
C ASP A 75 7.07 6.64 8.09
N VAL A 76 7.19 5.54 8.82
CA VAL A 76 7.29 4.21 8.21
C VAL A 76 5.97 3.45 8.37
N ILE A 77 5.54 2.72 7.35
CA ILE A 77 4.28 1.95 7.44
C ILE A 77 4.42 0.52 6.91
N ARG A 78 3.64 -0.38 7.49
CA ARG A 78 3.51 -1.75 7.01
C ARG A 78 2.04 -2.02 6.65
N ILE A 79 1.76 -2.19 5.36
CA ILE A 79 0.39 -2.40 4.89
C ILE A 79 0.05 -3.90 4.86
N LYS A 80 -1.02 -4.28 5.55
CA LYS A 80 -1.36 -5.69 5.74
C LYS A 80 -2.43 -6.15 4.72
N ASP A 81 -2.05 -7.15 3.92
CA ASP A 81 -2.92 -7.72 2.87
C ASP A 81 -3.14 -6.74 1.70
N VAL A 82 -2.31 -6.86 0.67
CA VAL A 82 -2.47 -6.07 -0.57
C VAL A 82 -2.17 -6.92 -1.81
N ASN A 83 -2.61 -6.45 -2.98
CA ASN A 83 -2.33 -7.12 -4.24
C ASN A 83 -1.22 -6.40 -5.01
N ILE A 84 -0.12 -7.09 -5.25
CA ILE A 84 1.04 -6.49 -5.95
C ILE A 84 0.82 -6.49 -7.47
N ARG A 85 0.99 -5.34 -8.08
CA ARG A 85 0.82 -5.20 -9.53
C ARG A 85 2.08 -4.61 -10.19
N GLY A 86 2.10 -4.62 -11.51
CA GLY A 86 3.30 -4.22 -12.25
C GLY A 86 3.32 -2.75 -12.68
N GLY A 87 4.08 -1.94 -11.95
CA GLY A 87 4.27 -0.55 -12.33
C GLY A 87 5.34 -0.39 -13.40
N PHE A 88 4.93 -0.37 -14.67
CA PHE A 88 5.85 -0.25 -15.80
C PHE A 88 6.76 1.00 -15.68
N GLY A 89 6.27 2.02 -15.00
CA GLY A 89 7.06 3.23 -14.75
C GLY A 89 7.98 3.09 -13.54
N GLY A 90 8.85 2.07 -13.57
CA GLY A 90 9.77 1.84 -12.46
C GLY A 90 9.09 1.26 -11.22
N ARG A 91 8.54 2.14 -10.39
CA ARG A 91 7.91 1.73 -9.13
C ARG A 91 6.63 0.92 -9.37
N LYS A 92 6.57 -0.28 -8.79
CA LYS A 92 5.36 -1.11 -8.85
C LYS A 92 4.21 -0.47 -8.03
N GLU A 93 3.09 -1.16 -7.93
CA GLU A 93 1.94 -0.64 -7.20
C GLU A 93 1.24 -1.74 -6.39
N ALA A 94 0.65 -1.37 -5.26
CA ALA A 94 -0.03 -2.33 -4.39
C ALA A 94 -1.47 -1.88 -4.10
N HIS A 95 -2.43 -2.70 -4.49
CA HIS A 95 -3.84 -2.36 -4.32
C HIS A 95 -4.39 -2.90 -2.99
N LEU A 96 -4.94 -1.99 -2.18
CA LEU A 96 -5.50 -2.35 -0.86
C LEU A 96 -6.91 -2.95 -0.98
N MET A 97 -7.48 -3.34 0.17
CA MET A 97 -8.78 -4.01 0.22
C MET A 97 -9.68 -3.35 1.27
N PRO A 98 -11.02 -3.37 1.09
CA PRO A 98 -11.97 -2.80 2.06
C PRO A 98 -11.66 -3.20 3.53
N ARG A 99 -11.16 -4.43 3.72
CA ARG A 99 -10.86 -4.93 5.07
C ARG A 99 -9.40 -4.70 5.48
N SER A 100 -8.51 -4.43 4.52
CA SER A 100 -7.06 -4.34 4.82
C SER A 100 -6.73 -3.07 5.61
N THR A 101 -5.84 -3.21 6.60
CA THR A 101 -5.43 -2.10 7.47
C THR A 101 -3.93 -1.82 7.37
N VAL A 102 -3.48 -0.76 8.05
CA VAL A 102 -2.06 -0.38 8.03
C VAL A 102 -1.53 -0.13 9.46
N GLU A 103 -0.33 -0.65 9.73
CA GLU A 103 0.34 -0.43 11.02
C GLU A 103 1.62 0.40 10.83
N VAL A 104 1.94 1.26 11.80
CA VAL A 104 3.06 2.19 11.64
C VAL A 104 4.35 1.70 12.32
N LEU A 105 5.47 1.87 11.62
CA LEU A 105 6.80 1.56 12.17
C LEU A 105 7.59 2.86 12.37
N ASP A 106 8.71 2.76 13.12
CA ASP A 106 9.44 3.92 13.67
C ASP A 106 8.85 4.30 15.05
N PRO A 107 7.59 4.83 15.16
CA PRO A 107 6.83 4.72 16.41
C PRO A 107 6.39 3.27 16.62
N LEU A 108 7.34 2.41 17.01
CA LEU A 108 7.17 0.96 17.01
C LEU A 108 5.91 0.51 17.78
N GLU A 109 4.90 0.06 17.03
CA GLU A 109 3.71 -0.56 17.62
C GLU A 109 3.90 -2.08 17.78
N HIS A 110 4.09 -2.77 16.65
CA HIS A 110 4.14 -4.24 16.62
C HIS A 110 5.57 -4.77 16.90
N MET A 1 -2.18 -25.31 -2.19
CA MET A 1 -1.63 -24.29 -1.26
C MET A 1 -0.95 -23.14 -2.02
N LYS A 2 -1.24 -21.91 -1.63
CA LYS A 2 -0.57 -20.73 -2.21
C LYS A 2 0.80 -20.49 -1.55
N PRO A 3 1.80 -20.08 -2.35
CA PRO A 3 3.15 -19.76 -1.82
C PRO A 3 3.11 -18.73 -0.67
N GLU A 4 3.68 -19.13 0.47
CA GLU A 4 3.68 -18.29 1.68
C GLU A 4 4.45 -16.98 1.48
N HIS A 5 3.88 -15.90 2.00
CA HIS A 5 4.54 -14.60 2.02
C HIS A 5 4.82 -14.13 3.44
N ARG A 6 6.06 -13.75 3.70
CA ARG A 6 6.50 -13.37 5.04
C ARG A 6 7.90 -12.74 4.98
N MET A 7 8.01 -11.48 5.41
CA MET A 7 9.28 -10.74 5.43
C MET A 7 9.85 -10.51 4.02
N ASP A 8 8.99 -10.57 2.99
CA ASP A 8 9.41 -10.26 1.61
C ASP A 8 9.27 -8.74 1.34
N THR A 9 10.34 -8.14 0.82
CA THR A 9 10.41 -6.68 0.58
C THR A 9 9.93 -6.28 -0.81
N ILE A 10 10.00 -4.98 -1.11
CA ILE A 10 9.51 -4.42 -2.37
C ILE A 10 10.19 -5.05 -3.61
N SER A 11 11.43 -5.51 -3.45
CA SER A 11 12.13 -6.23 -4.53
C SER A 11 11.54 -7.64 -4.72
N LYS A 12 11.13 -8.26 -3.62
CA LYS A 12 10.58 -9.62 -3.66
C LYS A 12 9.12 -9.62 -4.16
N LEU A 13 8.41 -8.52 -3.93
CA LEU A 13 6.99 -8.39 -4.32
C LEU A 13 6.75 -8.84 -5.77
N GLU A 14 5.95 -9.89 -5.92
CA GLU A 14 5.65 -10.47 -7.23
C GLU A 14 4.24 -10.10 -7.71
N GLU A 15 4.11 -9.81 -9.00
CA GLU A 15 2.81 -9.49 -9.60
C GLU A 15 1.83 -10.66 -9.44
N GLY A 16 0.60 -10.35 -9.04
CA GLY A 16 -0.42 -11.38 -8.83
C GLY A 16 -0.41 -11.95 -7.42
N ALA A 17 0.59 -11.56 -6.63
CA ALA A 17 0.73 -12.06 -5.25
C ALA A 17 -0.06 -11.22 -4.23
N GLU A 18 -0.71 -11.89 -3.28
CA GLU A 18 -1.37 -11.22 -2.17
C GLU A 18 -0.48 -11.27 -0.92
N THR A 19 0.07 -10.12 -0.53
CA THR A 19 1.04 -10.07 0.57
C THR A 19 1.01 -8.72 1.30
N PRO A 20 1.42 -8.67 2.58
CA PRO A 20 1.70 -7.41 3.28
C PRO A 20 2.97 -6.73 2.75
N VAL A 21 2.96 -5.41 2.63
CA VAL A 21 4.10 -4.66 2.09
C VAL A 21 4.60 -3.60 3.08
N THR A 22 5.91 -3.34 3.06
CA THR A 22 6.53 -2.40 4.00
C THR A 22 7.27 -1.27 3.27
N GLY A 23 7.20 -0.06 3.80
CA GLY A 23 7.90 1.07 3.19
C GLY A 23 7.86 2.34 4.01
N ARG A 24 8.91 3.15 3.90
CA ARG A 24 9.00 4.44 4.60
C ARG A 24 8.42 5.55 3.72
N VAL A 25 7.34 6.19 4.19
CA VAL A 25 6.58 7.15 3.38
C VAL A 25 7.43 8.36 2.95
N MET A 26 7.51 8.59 1.64
CA MET A 26 8.24 9.73 1.08
C MET A 26 7.29 10.79 0.50
N LYS A 27 6.31 10.33 -0.27
CA LYS A 27 5.34 11.22 -0.94
C LYS A 27 3.90 10.73 -0.75
N ILE A 28 2.95 11.64 -0.57
CA ILE A 28 1.53 11.29 -0.48
C ILE A 28 0.67 12.19 -1.37
N SER A 29 -0.21 11.57 -2.17
CA SER A 29 -1.15 12.31 -3.03
C SER A 29 -2.58 12.21 -2.51
N SER A 30 -3.30 13.32 -2.50
CA SER A 30 -4.68 13.38 -2.02
C SER A 30 -5.61 12.39 -2.75
N PRO A 31 -6.72 11.95 -2.12
CA PRO A 31 -7.68 11.00 -2.72
C PRO A 31 -8.28 11.50 -4.05
N ARG A 32 -8.11 10.69 -5.10
CA ARG A 32 -8.64 11.01 -6.44
C ARG A 32 -10.01 10.34 -6.65
N THR A 33 -11.01 11.15 -7.02
CA THR A 33 -12.40 10.67 -7.10
C THR A 33 -12.74 10.08 -8.48
N PHE A 34 -13.61 9.06 -8.49
CA PHE A 34 -14.09 8.44 -9.73
C PHE A 34 -15.53 7.92 -9.55
N THR A 35 -16.26 7.78 -10.65
CA THR A 35 -17.67 7.36 -10.57
C THR A 35 -17.81 5.83 -10.51
N THR A 36 -18.39 5.33 -9.42
CA THR A 36 -18.66 3.89 -9.26
C THR A 36 -20.04 3.53 -9.81
N ARG A 37 -20.17 2.32 -10.36
CA ARG A 37 -21.46 1.84 -10.87
C ARG A 37 -22.42 1.50 -9.73
N LYS A 38 -21.87 1.15 -8.57
CA LYS A 38 -22.68 0.79 -7.40
C LYS A 38 -23.42 2.01 -6.82
N GLY A 39 -22.73 3.15 -6.70
CA GLY A 39 -23.39 4.36 -6.22
C GLY A 39 -22.63 5.10 -5.10
N ARG A 40 -21.35 4.79 -4.93
CA ARG A 40 -20.51 5.52 -3.96
C ARG A 40 -19.64 6.56 -4.68
N GLU A 41 -19.17 7.57 -3.94
CA GLU A 41 -18.38 8.66 -4.53
C GLU A 41 -17.09 8.16 -5.19
N GLY A 42 -16.52 7.09 -4.63
CA GLY A 42 -15.35 6.45 -5.24
C GLY A 42 -14.06 7.28 -5.19
N LYS A 43 -13.05 6.80 -4.49
CA LYS A 43 -11.76 7.50 -4.39
C LYS A 43 -10.58 6.53 -4.31
N LEU A 44 -9.43 6.98 -4.81
CA LEU A 44 -8.17 6.24 -4.71
C LEU A 44 -6.99 7.20 -4.44
N ALA A 45 -6.13 6.85 -3.51
CA ALA A 45 -5.00 7.72 -3.13
C ALA A 45 -3.65 7.06 -3.40
N ASN A 46 -2.69 7.83 -3.89
CA ASN A 46 -1.36 7.31 -4.22
C ASN A 46 -0.32 7.70 -3.16
N VAL A 47 0.16 6.71 -2.41
CA VAL A 47 1.22 6.92 -1.41
C VAL A 47 2.53 6.24 -1.84
N ILE A 48 3.58 7.04 -1.96
CA ILE A 48 4.89 6.52 -2.38
C ILE A 48 5.75 6.14 -1.16
N ILE A 49 5.90 4.84 -0.95
CA ILE A 49 6.71 4.32 0.17
C ILE A 49 8.04 3.76 -0.35
N ALA A 50 9.10 3.95 0.42
CA ALA A 50 10.44 3.57 -0.01
C ALA A 50 11.10 2.53 0.92
N ASP A 51 11.63 1.47 0.33
CA ASP A 51 12.41 0.46 1.06
C ASP A 51 13.83 0.36 0.49
N ASP A 52 14.74 -0.22 1.25
CA ASP A 52 16.15 -0.34 0.84
C ASP A 52 16.32 -1.19 -0.43
N THR A 53 15.30 -1.98 -0.78
CA THR A 53 15.36 -2.80 -2.01
C THR A 53 14.63 -2.14 -3.18
N GLY A 54 13.79 -1.14 -2.88
CA GLY A 54 13.02 -0.49 -3.94
C GLY A 54 11.89 0.38 -3.41
N GLU A 55 11.31 1.19 -4.29
CA GLU A 55 10.19 2.07 -3.94
C GLU A 55 8.87 1.50 -4.51
N LEU A 56 7.76 1.77 -3.82
CA LEU A 56 6.45 1.18 -4.19
C LEU A 56 5.33 2.24 -4.17
N ARG A 57 4.39 2.12 -5.10
CA ARG A 57 3.22 3.00 -5.15
C ARG A 57 2.00 2.31 -4.51
N ALA A 58 1.68 2.70 -3.27
CA ALA A 58 0.52 2.15 -2.56
C ALA A 58 -0.78 2.87 -2.97
N VAL A 59 -1.78 2.12 -3.39
CA VAL A 59 -3.06 2.69 -3.83
C VAL A 59 -4.18 2.43 -2.80
N PHE A 60 -4.61 3.50 -2.14
CA PHE A 60 -5.68 3.41 -1.14
C PHE A 60 -7.06 3.66 -1.79
N TRP A 61 -7.81 2.58 -1.98
CA TRP A 61 -9.16 2.64 -2.54
C TRP A 61 -10.19 3.20 -1.52
N THR A 62 -11.35 3.59 -2.03
CA THR A 62 -12.42 4.22 -1.23
C THR A 62 -12.56 3.65 0.20
N GLU A 63 -12.54 2.33 0.35
CA GLU A 63 -12.75 1.70 1.66
C GLU A 63 -11.53 1.90 2.58
N ASN A 64 -10.37 2.19 1.99
CA ASN A 64 -9.13 2.38 2.76
C ASN A 64 -8.76 3.87 2.94
N ILE A 65 -9.55 4.78 2.36
CA ILE A 65 -9.29 6.22 2.46
C ILE A 65 -9.14 6.68 3.93
N LYS A 66 -9.97 6.12 4.80
CA LYS A 66 -9.95 6.46 6.23
C LYS A 66 -8.59 6.13 6.90
N LEU A 67 -7.78 5.29 6.26
CA LEU A 67 -6.47 4.91 6.82
C LEU A 67 -5.44 6.03 6.68
N LEU A 68 -5.66 6.95 5.73
CA LEU A 68 -4.72 8.05 5.47
C LEU A 68 -4.54 8.98 6.67
N LYS A 69 -5.56 9.06 7.53
CA LYS A 69 -5.52 9.94 8.70
C LYS A 69 -4.64 9.37 9.83
N LYS A 70 -4.33 8.08 9.75
CA LYS A 70 -3.52 7.41 10.79
C LYS A 70 -2.04 7.83 10.72
N PHE A 71 -1.52 7.95 9.50
CA PHE A 71 -0.11 8.29 9.28
C PHE A 71 0.03 9.59 8.47
N ARG A 72 1.24 10.15 8.47
CA ARG A 72 1.51 11.41 7.72
C ARG A 72 2.69 11.26 6.77
N GLU A 73 2.75 12.14 5.77
CA GLU A 73 3.84 12.11 4.77
C GLU A 73 5.21 12.29 5.43
N GLY A 74 5.86 11.17 5.73
CA GLY A 74 7.16 11.20 6.39
C GLY A 74 7.36 10.01 7.33
N ASP A 75 6.27 9.54 7.93
CA ASP A 75 6.31 8.39 8.83
C ASP A 75 6.59 7.07 8.06
N VAL A 76 6.73 5.98 8.80
CA VAL A 76 6.97 4.66 8.19
C VAL A 76 5.77 3.73 8.43
N ILE A 77 5.34 3.00 7.41
CA ILE A 77 4.16 2.14 7.53
C ILE A 77 4.35 0.76 6.86
N ARG A 78 3.55 -0.19 7.31
CA ARG A 78 3.47 -1.52 6.68
C ARG A 78 2.01 -1.86 6.40
N ILE A 79 1.66 -1.99 5.12
CA ILE A 79 0.27 -2.25 4.72
C ILE A 79 0.00 -3.76 4.62
N LYS A 80 -1.04 -4.22 5.30
CA LYS A 80 -1.34 -5.66 5.34
C LYS A 80 -2.45 -6.04 4.35
N ASP A 81 -2.24 -7.16 3.63
CA ASP A 81 -3.20 -7.69 2.66
C ASP A 81 -3.39 -6.79 1.43
N VAL A 82 -2.45 -6.85 0.48
CA VAL A 82 -2.57 -6.10 -0.78
C VAL A 82 -2.18 -6.98 -1.99
N ASN A 83 -2.65 -6.59 -3.17
CA ASN A 83 -2.29 -7.29 -4.41
C ASN A 83 -1.30 -6.46 -5.25
N ILE A 84 -0.19 -7.08 -5.61
CA ILE A 84 0.82 -6.44 -6.45
C ILE A 84 0.41 -6.50 -7.93
N ARG A 85 0.14 -5.35 -8.55
CA ARG A 85 -0.23 -5.31 -9.97
C ARG A 85 1.02 -5.28 -10.87
N GLY A 86 1.72 -4.14 -10.90
CA GLY A 86 2.96 -4.06 -11.66
C GLY A 86 3.15 -2.73 -12.38
N GLY A 87 3.76 -1.76 -11.71
CA GLY A 87 4.07 -0.48 -12.34
C GLY A 87 5.25 -0.58 -13.31
N PHE A 88 4.97 -0.50 -14.60
CA PHE A 88 6.01 -0.61 -15.63
C PHE A 88 7.04 0.54 -15.53
N GLY A 89 8.16 0.25 -14.86
CA GLY A 89 9.22 1.25 -14.71
C GLY A 89 9.97 1.15 -13.38
N GLY A 90 10.21 -0.08 -12.92
CA GLY A 90 10.93 -0.29 -11.66
C GLY A 90 10.04 -0.17 -10.42
N ARG A 91 9.59 1.04 -10.14
CA ARG A 91 8.69 1.29 -9.01
C ARG A 91 7.30 0.67 -9.27
N LYS A 92 7.05 -0.49 -8.65
CA LYS A 92 5.79 -1.22 -8.81
C LYS A 92 4.65 -0.56 -8.02
N GLU A 93 3.50 -1.25 -7.94
CA GLU A 93 2.32 -0.72 -7.27
C GLU A 93 1.56 -1.80 -6.50
N ALA A 94 0.93 -1.42 -5.40
CA ALA A 94 0.16 -2.35 -4.55
C ALA A 94 -1.24 -1.79 -4.25
N HIS A 95 -2.27 -2.57 -4.56
CA HIS A 95 -3.67 -2.14 -4.36
C HIS A 95 -4.30 -2.79 -3.12
N LEU A 96 -4.95 -1.96 -2.31
CA LEU A 96 -5.53 -2.40 -1.04
C LEU A 96 -6.94 -2.99 -1.19
N MET A 97 -7.45 -3.52 -0.09
CA MET A 97 -8.78 -4.15 -0.04
C MET A 97 -9.61 -3.59 1.12
N PRO A 98 -10.95 -3.74 1.11
CA PRO A 98 -11.80 -3.31 2.24
C PRO A 98 -11.32 -3.85 3.60
N ARG A 99 -10.74 -5.05 3.61
CA ARG A 99 -10.26 -5.68 4.85
C ARG A 99 -8.78 -5.35 5.16
N SER A 100 -8.17 -4.49 4.35
CA SER A 100 -6.75 -4.14 4.51
C SER A 100 -6.53 -3.11 5.63
N THR A 101 -5.45 -3.29 6.39
CA THR A 101 -5.09 -2.37 7.47
C THR A 101 -3.64 -1.87 7.33
N VAL A 102 -3.29 -0.82 8.09
CA VAL A 102 -1.92 -0.27 8.06
C VAL A 102 -1.34 -0.14 9.48
N GLU A 103 -0.07 -0.51 9.63
CA GLU A 103 0.63 -0.39 10.91
C GLU A 103 1.86 0.55 10.77
N VAL A 104 2.15 1.32 11.81
CA VAL A 104 3.30 2.25 11.78
C VAL A 104 4.58 1.59 12.32
N LEU A 105 5.71 1.88 11.67
CA LEU A 105 7.01 1.29 12.03
C LEU A 105 8.03 2.39 12.36
N ASP A 106 9.20 1.96 12.88
CA ASP A 106 10.22 2.87 13.46
C ASP A 106 9.81 3.32 14.89
N PRO A 107 8.80 4.20 15.08
CA PRO A 107 8.04 4.21 16.36
C PRO A 107 7.38 2.83 16.57
N LEU A 108 8.20 1.88 17.01
CA LEU A 108 7.83 0.45 16.97
C LEU A 108 6.63 0.11 17.86
N GLU A 109 5.48 -0.08 17.22
CA GLU A 109 4.26 -0.52 17.92
C GLU A 109 4.02 -2.03 17.75
N HIS A 110 4.85 -2.67 16.92
CA HIS A 110 4.71 -4.11 16.64
C HIS A 110 5.29 -4.99 17.76
N MET A 1 9.67 -32.13 4.64
CA MET A 1 8.66 -31.04 4.53
C MET A 1 9.27 -29.69 4.91
N LYS A 2 9.33 -28.77 3.94
CA LYS A 2 9.84 -27.42 4.19
C LYS A 2 9.17 -26.38 3.28
N PRO A 3 8.02 -25.82 3.71
CA PRO A 3 7.36 -24.73 2.97
C PRO A 3 8.22 -23.46 2.95
N GLU A 4 8.57 -22.99 1.76
CA GLU A 4 9.39 -21.78 1.62
C GLU A 4 8.55 -20.52 1.87
N HIS A 5 8.21 -20.30 3.14
CA HIS A 5 7.30 -19.21 3.50
C HIS A 5 8.06 -17.88 3.71
N ARG A 6 8.29 -17.16 2.63
CA ARG A 6 8.99 -15.87 2.69
C ARG A 6 8.03 -14.69 2.50
N MET A 7 8.01 -13.78 3.48
CA MET A 7 7.18 -12.58 3.42
C MET A 7 8.03 -11.33 3.69
N ASP A 8 8.70 -10.84 2.66
CA ASP A 8 9.62 -9.70 2.80
C ASP A 8 8.99 -8.38 2.33
N THR A 9 9.83 -7.34 2.26
CA THR A 9 9.39 -6.02 1.79
C THR A 9 9.35 -5.97 0.25
N ILE A 10 9.51 -4.76 -0.30
CA ILE A 10 9.37 -4.51 -1.75
C ILE A 10 10.23 -5.47 -2.62
N SER A 11 11.27 -6.05 -2.04
CA SER A 11 12.17 -6.96 -2.76
C SER A 11 11.45 -8.21 -3.32
N LYS A 12 10.46 -8.72 -2.60
CA LYS A 12 9.78 -9.97 -2.99
C LYS A 12 8.45 -9.75 -3.72
N LEU A 13 8.17 -8.51 -4.14
CA LEU A 13 6.85 -8.19 -4.67
C LEU A 13 6.77 -8.38 -6.20
N GLU A 14 6.26 -9.55 -6.62
CA GLU A 14 6.06 -9.85 -8.04
C GLU A 14 4.62 -9.53 -8.50
N GLU A 15 4.46 -9.13 -9.76
CA GLU A 15 3.13 -8.84 -10.30
C GLU A 15 2.23 -10.09 -10.26
N GLY A 16 0.97 -9.89 -9.84
CA GLY A 16 0.03 -11.00 -9.68
C GLY A 16 0.03 -11.60 -8.28
N ALA A 17 1.07 -11.30 -7.50
CA ALA A 17 1.21 -11.88 -6.15
C ALA A 17 0.38 -11.12 -5.10
N GLU A 18 -0.05 -11.85 -4.07
CA GLU A 18 -0.79 -11.26 -2.95
C GLU A 18 -0.01 -11.45 -1.63
N THR A 19 0.52 -10.34 -1.10
CA THR A 19 1.34 -10.39 0.12
C THR A 19 1.26 -9.06 0.90
N PRO A 20 1.51 -9.07 2.23
CA PRO A 20 1.67 -7.82 3.00
C PRO A 20 2.95 -7.05 2.60
N VAL A 21 2.91 -5.72 2.73
CA VAL A 21 4.05 -4.86 2.33
C VAL A 21 4.46 -3.90 3.44
N THR A 22 5.69 -3.39 3.36
CA THR A 22 6.21 -2.43 4.36
C THR A 22 7.16 -1.42 3.70
N GLY A 23 7.07 -0.15 4.11
CA GLY A 23 7.96 0.88 3.57
C GLY A 23 7.84 2.23 4.29
N ARG A 24 8.86 3.08 4.14
CA ARG A 24 8.84 4.41 4.76
C ARG A 24 8.31 5.46 3.77
N VAL A 25 7.28 6.20 4.17
CA VAL A 25 6.62 7.17 3.28
C VAL A 25 7.56 8.32 2.88
N MET A 26 7.70 8.53 1.57
CA MET A 26 8.48 9.65 1.04
C MET A 26 7.56 10.80 0.62
N LYS A 27 6.63 10.51 -0.29
CA LYS A 27 5.67 11.51 -0.79
C LYS A 27 4.25 10.94 -0.81
N ILE A 28 3.25 11.79 -0.59
CA ILE A 28 1.84 11.35 -0.63
C ILE A 28 1.02 12.14 -1.67
N SER A 29 0.42 11.43 -2.61
CA SER A 29 -0.43 12.05 -3.64
C SER A 29 -1.90 12.05 -3.20
N SER A 30 -2.63 13.09 -3.61
CA SER A 30 -4.04 13.26 -3.20
C SER A 30 -4.96 12.18 -3.80
N PRO A 31 -6.11 11.91 -3.16
CA PRO A 31 -7.09 10.93 -3.65
C PRO A 31 -7.76 11.35 -4.98
N ARG A 32 -7.80 10.43 -5.93
CA ARG A 32 -8.43 10.66 -7.23
C ARG A 32 -9.89 10.16 -7.20
N THR A 33 -10.84 11.05 -7.45
CA THR A 33 -12.26 10.74 -7.31
C THR A 33 -12.85 10.08 -8.57
N PHE A 34 -13.68 9.06 -8.35
CA PHE A 34 -14.39 8.36 -9.42
C PHE A 34 -15.76 7.87 -8.91
N THR A 35 -16.58 7.34 -9.80
CA THR A 35 -17.90 6.82 -9.40
C THR A 35 -17.93 5.28 -9.41
N THR A 36 -18.07 4.71 -8.22
CA THR A 36 -18.14 3.24 -8.06
C THR A 36 -19.55 2.70 -8.38
N ARG A 37 -19.74 1.39 -8.24
CA ARG A 37 -21.02 0.76 -8.56
C ARG A 37 -22.00 0.83 -7.36
N LYS A 38 -21.52 1.34 -6.23
CA LYS A 38 -22.35 1.47 -5.03
C LYS A 38 -22.44 2.95 -4.59
N GLY A 39 -23.25 3.21 -3.56
CA GLY A 39 -23.53 4.60 -3.15
C GLY A 39 -22.41 5.25 -2.33
N ARG A 40 -21.19 5.27 -2.87
CA ARG A 40 -20.07 5.97 -2.22
C ARG A 40 -19.37 6.92 -3.20
N GLU A 41 -18.75 7.98 -2.68
CA GLU A 41 -18.13 9.02 -3.52
C GLU A 41 -16.98 8.50 -4.40
N GLY A 42 -16.36 7.39 -3.98
CA GLY A 42 -15.34 6.74 -4.79
C GLY A 42 -14.04 7.54 -4.93
N LYS A 43 -12.98 7.07 -4.29
CA LYS A 43 -11.65 7.68 -4.41
C LYS A 43 -10.53 6.63 -4.32
N LEU A 44 -9.42 6.89 -4.99
CA LEU A 44 -8.21 6.07 -4.86
C LEU A 44 -6.98 6.98 -4.65
N ALA A 45 -6.15 6.66 -3.68
CA ALA A 45 -5.00 7.51 -3.33
C ALA A 45 -3.67 6.80 -3.54
N ASN A 46 -2.70 7.52 -4.11
CA ASN A 46 -1.39 6.94 -4.39
C ASN A 46 -0.33 7.46 -3.40
N VAL A 47 0.14 6.58 -2.53
CA VAL A 47 1.18 6.92 -1.56
C VAL A 47 2.54 6.36 -2.00
N ILE A 48 3.55 7.22 -2.07
CA ILE A 48 4.89 6.81 -2.51
C ILE A 48 5.76 6.41 -1.31
N ILE A 49 5.96 5.11 -1.11
CA ILE A 49 6.80 4.60 -0.03
C ILE A 49 8.13 4.09 -0.58
N ALA A 50 9.20 4.30 0.17
CA ALA A 50 10.54 3.92 -0.29
C ALA A 50 11.27 3.07 0.76
N ASP A 51 12.15 2.21 0.28
CA ASP A 51 12.99 1.38 1.14
C ASP A 51 14.29 0.99 0.40
N ASP A 52 15.27 0.49 1.14
CA ASP A 52 16.56 0.09 0.56
C ASP A 52 16.39 -1.08 -0.43
N THR A 53 15.22 -1.72 -0.42
CA THR A 53 14.91 -2.80 -1.37
C THR A 53 14.24 -2.27 -2.64
N GLY A 54 13.69 -1.06 -2.58
CA GLY A 54 12.95 -0.50 -3.73
C GLY A 54 11.89 0.51 -3.31
N GLU A 55 11.33 1.23 -4.29
CA GLU A 55 10.21 2.16 -4.03
C GLU A 55 8.89 1.57 -4.56
N LEU A 56 7.83 1.63 -3.76
CA LEU A 56 6.52 1.08 -4.15
C LEU A 56 5.41 2.14 -4.07
N ARG A 57 4.35 1.96 -4.85
CA ARG A 57 3.19 2.86 -4.83
C ARG A 57 2.00 2.18 -4.12
N ALA A 58 1.64 2.66 -2.93
CA ALA A 58 0.52 2.11 -2.18
C ALA A 58 -0.81 2.75 -2.63
N VAL A 59 -1.72 1.93 -3.17
CA VAL A 59 -3.01 2.41 -3.68
C VAL A 59 -4.14 2.22 -2.65
N PHE A 60 -4.57 3.32 -2.03
CA PHE A 60 -5.66 3.29 -1.04
C PHE A 60 -7.01 3.55 -1.72
N TRP A 61 -7.79 2.49 -1.88
CA TRP A 61 -9.14 2.57 -2.47
C TRP A 61 -10.16 3.20 -1.50
N THR A 62 -11.29 3.64 -2.07
CA THR A 62 -12.38 4.30 -1.30
C THR A 62 -12.63 3.70 0.10
N GLU A 63 -12.40 2.41 0.27
CA GLU A 63 -12.61 1.75 1.56
C GLU A 63 -11.44 1.99 2.53
N ASN A 64 -10.25 2.16 1.97
CA ASN A 64 -9.03 2.38 2.76
C ASN A 64 -8.72 3.87 2.98
N ILE A 65 -9.53 4.75 2.41
CA ILE A 65 -9.35 6.21 2.57
C ILE A 65 -9.28 6.61 4.06
N LYS A 66 -10.07 5.93 4.89
CA LYS A 66 -10.08 6.19 6.35
C LYS A 66 -8.69 5.98 6.98
N LEU A 67 -7.84 5.20 6.32
CA LEU A 67 -6.50 4.89 6.84
C LEU A 67 -5.50 6.03 6.59
N LEU A 68 -5.79 6.86 5.59
CA LEU A 68 -4.88 7.96 5.18
C LEU A 68 -4.61 8.95 6.32
N LYS A 69 -5.51 9.02 7.30
CA LYS A 69 -5.38 9.99 8.40
C LYS A 69 -4.49 9.45 9.54
N LYS A 70 -4.09 8.19 9.47
CA LYS A 70 -3.25 7.58 10.51
C LYS A 70 -1.78 8.00 10.38
N PHE A 71 -1.30 8.12 9.14
CA PHE A 71 0.10 8.43 8.87
C PHE A 71 0.25 9.76 8.12
N ARG A 72 1.43 10.34 8.20
CA ARG A 72 1.75 11.57 7.48
C ARG A 72 2.88 11.35 6.47
N GLU A 73 3.13 12.34 5.62
CA GLU A 73 4.19 12.24 4.61
C GLU A 73 5.57 12.24 5.28
N GLY A 74 5.99 11.07 5.75
CA GLY A 74 7.27 10.95 6.46
C GLY A 74 7.34 9.75 7.39
N ASP A 75 6.17 9.30 7.87
CA ASP A 75 6.10 8.12 8.76
C ASP A 75 6.39 6.81 8.01
N VAL A 76 6.44 5.72 8.77
CA VAL A 76 6.62 4.38 8.20
C VAL A 76 5.30 3.60 8.26
N ILE A 77 4.86 3.02 7.13
CA ILE A 77 3.58 2.30 7.11
C ILE A 77 3.76 0.82 6.78
N ARG A 78 2.90 0.00 7.37
CA ARG A 78 2.91 -1.46 7.18
C ARG A 78 1.52 -1.93 6.77
N ILE A 79 1.38 -2.39 5.52
CA ILE A 79 0.06 -2.79 4.99
C ILE A 79 -0.06 -4.31 4.91
N LYS A 80 -1.22 -4.85 5.27
CA LYS A 80 -1.42 -6.30 5.27
C LYS A 80 -2.47 -6.73 4.22
N ASP A 81 -2.14 -7.80 3.49
CA ASP A 81 -3.03 -8.38 2.46
C ASP A 81 -3.31 -7.40 1.30
N VAL A 82 -2.41 -7.37 0.31
CA VAL A 82 -2.60 -6.53 -0.90
C VAL A 82 -2.16 -7.27 -2.17
N ASN A 83 -2.60 -6.77 -3.33
CA ASN A 83 -2.24 -7.35 -4.62
C ASN A 83 -1.28 -6.45 -5.40
N ILE A 84 -0.16 -7.01 -5.86
CA ILE A 84 0.81 -6.27 -6.68
C ILE A 84 0.40 -6.32 -8.16
N ARG A 85 0.01 -5.18 -8.73
CA ARG A 85 -0.42 -5.15 -10.14
C ARG A 85 0.77 -4.99 -11.10
N GLY A 86 1.35 -3.79 -11.19
CA GLY A 86 2.51 -3.59 -12.04
C GLY A 86 2.64 -2.17 -12.57
N GLY A 87 3.34 -1.32 -11.82
CA GLY A 87 3.61 0.04 -12.26
C GLY A 87 4.81 0.12 -13.20
N PHE A 88 4.54 0.32 -14.50
CA PHE A 88 5.61 0.37 -15.50
C PHE A 88 6.61 1.52 -15.21
N GLY A 89 7.87 1.16 -14.98
CA GLY A 89 8.89 2.16 -14.67
C GLY A 89 9.56 1.92 -13.31
N GLY A 90 9.80 0.66 -12.98
CA GLY A 90 10.47 0.32 -11.72
C GLY A 90 9.54 0.33 -10.51
N ARG A 91 8.97 1.49 -10.22
CA ARG A 91 8.09 1.66 -9.06
C ARG A 91 6.71 1.02 -9.27
N LYS A 92 6.61 -0.26 -8.90
CA LYS A 92 5.35 -1.00 -8.98
C LYS A 92 4.26 -0.41 -8.05
N GLU A 93 3.10 -1.07 -8.02
CA GLU A 93 1.94 -0.57 -7.28
C GLU A 93 1.19 -1.70 -6.57
N ALA A 94 0.77 -1.43 -5.33
CA ALA A 94 0.05 -2.42 -4.51
C ALA A 94 -1.35 -1.91 -4.16
N HIS A 95 -2.37 -2.66 -4.56
CA HIS A 95 -3.76 -2.26 -4.36
C HIS A 95 -4.36 -2.87 -3.07
N LEU A 96 -4.93 -2.02 -2.23
CA LEU A 96 -5.51 -2.45 -0.96
C LEU A 96 -6.97 -2.94 -1.11
N MET A 97 -7.44 -3.66 -0.11
CA MET A 97 -8.80 -4.22 -0.10
C MET A 97 -9.62 -3.63 1.05
N PRO A 98 -10.96 -3.68 0.98
CA PRO A 98 -11.84 -3.22 2.09
C PRO A 98 -11.42 -3.74 3.47
N ARG A 99 -10.95 -4.98 3.53
CA ARG A 99 -10.52 -5.60 4.80
C ARG A 99 -9.07 -5.24 5.17
N SER A 100 -8.33 -4.65 4.24
CA SER A 100 -6.90 -4.32 4.47
C SER A 100 -6.73 -3.16 5.46
N THR A 101 -5.82 -3.33 6.41
CA THR A 101 -5.49 -2.31 7.41
C THR A 101 -4.02 -1.88 7.31
N VAL A 102 -3.70 -0.70 7.86
CA VAL A 102 -2.33 -0.20 7.89
C VAL A 102 -1.88 0.19 9.30
N GLU A 103 -0.66 -0.19 9.67
CA GLU A 103 -0.09 0.17 10.97
C GLU A 103 1.22 0.95 10.79
N VAL A 104 1.46 1.94 11.65
CA VAL A 104 2.68 2.75 11.58
C VAL A 104 3.86 2.09 12.33
N LEU A 105 5.02 2.06 11.69
CA LEU A 105 6.22 1.46 12.29
C LEU A 105 7.26 2.53 12.68
N ASP A 106 8.46 2.05 13.08
CA ASP A 106 9.57 2.87 13.59
C ASP A 106 9.61 2.83 15.14
N PRO A 107 8.53 3.25 15.86
CA PRO A 107 8.34 2.87 17.26
C PRO A 107 7.39 1.66 17.38
N LEU A 108 7.97 0.46 17.50
CA LEU A 108 7.18 -0.79 17.43
C LEU A 108 6.26 -0.99 18.64
N GLU A 109 4.96 -0.87 18.38
CA GLU A 109 3.92 -1.12 19.39
C GLU A 109 3.34 -2.54 19.26
N HIS A 110 3.66 -3.21 18.15
CA HIS A 110 3.16 -4.58 17.88
C HIS A 110 4.14 -5.66 18.38
N MET A 1 10.06 -27.06 -4.61
CA MET A 1 8.90 -26.12 -4.69
C MET A 1 8.12 -26.10 -3.35
N LYS A 2 8.28 -25.02 -2.57
CA LYS A 2 7.58 -24.87 -1.29
C LYS A 2 7.79 -23.48 -0.67
N PRO A 3 6.87 -22.53 -0.94
CA PRO A 3 6.86 -21.23 -0.26
C PRO A 3 6.12 -21.28 1.09
N GLU A 4 6.87 -21.26 2.18
CA GLU A 4 6.30 -21.42 3.53
C GLU A 4 5.74 -20.09 4.10
N HIS A 5 6.44 -18.98 3.85
CA HIS A 5 6.06 -17.69 4.42
C HIS A 5 5.17 -16.88 3.45
N ARG A 6 4.31 -16.04 4.02
CA ARG A 6 3.41 -15.18 3.23
C ARG A 6 3.86 -13.71 3.29
N MET A 7 4.77 -13.40 4.21
CA MET A 7 5.22 -12.01 4.43
C MET A 7 6.57 -11.73 3.75
N ASP A 8 6.59 -10.82 2.78
CA ASP A 8 7.84 -10.43 2.09
C ASP A 8 8.02 -8.89 2.01
N THR A 9 9.07 -8.46 1.31
CA THR A 9 9.40 -7.03 1.18
C THR A 9 9.32 -6.57 -0.29
N ILE A 10 9.45 -5.26 -0.54
CA ILE A 10 9.23 -4.67 -1.88
C ILE A 10 9.96 -5.42 -3.02
N SER A 11 11.22 -5.78 -2.81
CA SER A 11 12.02 -6.47 -3.83
C SER A 11 11.34 -7.75 -4.35
N LYS A 12 10.56 -8.41 -3.50
CA LYS A 12 9.96 -9.70 -3.86
C LYS A 12 8.48 -9.58 -4.26
N LEU A 13 7.99 -8.36 -4.44
CA LEU A 13 6.59 -8.13 -4.79
C LEU A 13 6.30 -8.47 -6.26
N GLU A 14 5.97 -9.73 -6.52
CA GLU A 14 5.65 -10.17 -7.88
C GLU A 14 4.17 -9.91 -8.22
N GLU A 15 3.89 -9.58 -9.48
CA GLU A 15 2.51 -9.33 -9.92
C GLU A 15 1.64 -10.58 -9.76
N GLY A 16 0.40 -10.37 -9.27
CA GLY A 16 -0.52 -11.48 -9.03
C GLY A 16 -0.30 -12.15 -7.67
N ALA A 17 0.74 -11.74 -6.95
CA ALA A 17 1.04 -12.30 -5.63
C ALA A 17 0.35 -11.52 -4.51
N GLU A 18 0.13 -12.19 -3.37
CA GLU A 18 -0.50 -11.54 -2.22
C GLU A 18 0.42 -11.61 -0.99
N THR A 19 0.94 -10.45 -0.61
CA THR A 19 1.81 -10.31 0.57
C THR A 19 1.71 -8.92 1.16
N PRO A 20 1.87 -8.77 2.50
CA PRO A 20 2.01 -7.44 3.11
C PRO A 20 3.22 -6.68 2.54
N VAL A 21 3.13 -5.35 2.50
CA VAL A 21 4.20 -4.52 1.93
C VAL A 21 4.70 -3.49 2.94
N THR A 22 5.97 -3.15 2.85
CA THR A 22 6.61 -2.22 3.80
C THR A 22 7.29 -1.06 3.07
N GLY A 23 7.30 0.12 3.68
CA GLY A 23 7.97 1.27 3.06
C GLY A 23 7.83 2.56 3.87
N ARG A 24 8.80 3.44 3.71
CA ARG A 24 8.79 4.74 4.37
C ARG A 24 8.10 5.80 3.50
N VAL A 25 7.09 6.45 4.05
CA VAL A 25 6.28 7.42 3.29
C VAL A 25 7.08 8.67 2.91
N MET A 26 7.42 8.79 1.64
CA MET A 26 8.12 9.97 1.14
C MET A 26 7.12 11.00 0.59
N LYS A 27 6.17 10.53 -0.22
CA LYS A 27 5.16 11.38 -0.83
C LYS A 27 3.76 10.78 -0.70
N ILE A 28 2.74 11.63 -0.52
CA ILE A 28 1.34 11.20 -0.51
C ILE A 28 0.50 12.04 -1.47
N SER A 29 -0.16 11.39 -2.41
CA SER A 29 -1.08 12.08 -3.33
C SER A 29 -2.48 12.16 -2.73
N SER A 30 -3.09 13.33 -2.80
CA SER A 30 -4.41 13.58 -2.21
C SER A 30 -5.49 12.67 -2.83
N PRO A 31 -6.53 12.31 -2.05
CA PRO A 31 -7.60 11.40 -2.51
C PRO A 31 -8.22 11.87 -3.85
N ARG A 32 -8.06 11.05 -4.87
CA ARG A 32 -8.53 11.38 -6.22
C ARG A 32 -9.91 10.79 -6.48
N THR A 33 -10.88 11.65 -6.80
CA THR A 33 -12.29 11.22 -6.94
C THR A 33 -12.61 10.78 -8.37
N PHE A 34 -13.24 9.61 -8.51
CA PHE A 34 -13.61 9.09 -9.83
C PHE A 34 -15.06 8.56 -9.83
N THR A 35 -15.66 8.49 -11.01
CA THR A 35 -17.04 7.98 -11.15
C THR A 35 -17.06 6.45 -11.24
N THR A 36 -17.46 5.79 -10.17
CA THR A 36 -17.54 4.32 -10.12
C THR A 36 -18.93 3.81 -10.56
N ARG A 37 -19.18 2.51 -10.40
CA ARG A 37 -20.47 1.91 -10.76
C ARG A 37 -21.56 2.26 -9.72
N LYS A 38 -21.61 3.52 -9.32
CA LYS A 38 -22.55 4.02 -8.30
C LYS A 38 -22.30 3.37 -6.93
N GLY A 39 -23.26 3.49 -6.01
CA GLY A 39 -23.06 2.97 -4.65
C GLY A 39 -22.23 3.92 -3.79
N ARG A 40 -20.98 4.15 -4.20
CA ARG A 40 -20.10 5.13 -3.54
C ARG A 40 -19.75 6.28 -4.50
N GLU A 41 -19.30 7.40 -3.94
CA GLU A 41 -18.82 8.53 -4.74
C GLU A 41 -17.60 8.14 -5.60
N GLY A 42 -16.68 7.35 -5.01
CA GLY A 42 -15.51 6.85 -5.75
C GLY A 42 -14.24 7.67 -5.50
N LYS A 43 -13.29 7.10 -4.75
CA LYS A 43 -11.99 7.74 -4.51
C LYS A 43 -10.84 6.73 -4.44
N LEU A 44 -9.65 7.18 -4.79
CA LEU A 44 -8.41 6.39 -4.64
C LEU A 44 -7.24 7.29 -4.23
N ALA A 45 -6.32 6.79 -3.43
CA ALA A 45 -5.16 7.57 -2.98
C ALA A 45 -3.84 6.90 -3.35
N ASN A 46 -2.94 7.66 -3.97
CA ASN A 46 -1.62 7.13 -4.36
C ASN A 46 -0.54 7.55 -3.35
N VAL A 47 -0.02 6.59 -2.60
CA VAL A 47 1.03 6.85 -1.61
C VAL A 47 2.39 6.31 -2.08
N ILE A 48 3.40 7.18 -2.10
CA ILE A 48 4.74 6.81 -2.53
C ILE A 48 5.64 6.45 -1.34
N ILE A 49 5.87 5.16 -1.14
CA ILE A 49 6.73 4.68 -0.05
C ILE A 49 8.07 4.16 -0.61
N ALA A 50 9.17 4.49 0.08
CA ALA A 50 10.51 4.11 -0.38
C ALA A 50 11.24 3.24 0.66
N ASP A 51 11.84 2.15 0.20
CA ASP A 51 12.63 1.26 1.05
C ASP A 51 13.94 0.86 0.35
N ASP A 52 14.86 0.29 1.11
CA ASP A 52 16.15 -0.17 0.56
C ASP A 52 15.95 -1.22 -0.54
N THR A 53 14.86 -1.98 -0.47
CA THR A 53 14.56 -3.04 -1.44
C THR A 53 13.73 -2.52 -2.64
N GLY A 54 13.42 -1.22 -2.65
CA GLY A 54 12.67 -0.65 -3.77
C GLY A 54 11.67 0.44 -3.36
N GLU A 55 11.15 1.17 -4.36
CA GLU A 55 10.06 2.14 -4.13
C GLU A 55 8.72 1.57 -4.63
N LEU A 56 7.66 1.75 -3.86
CA LEU A 56 6.36 1.14 -4.18
C LEU A 56 5.24 2.19 -4.28
N ARG A 57 4.33 2.00 -5.24
CA ARG A 57 3.13 2.85 -5.35
C ARG A 57 1.94 2.18 -4.67
N ALA A 58 1.61 2.63 -3.46
CA ALA A 58 0.48 2.08 -2.70
C ALA A 58 -0.84 2.75 -3.11
N VAL A 59 -1.85 1.93 -3.41
CA VAL A 59 -3.16 2.44 -3.84
C VAL A 59 -4.23 2.19 -2.77
N PHE A 60 -4.65 3.27 -2.10
CA PHE A 60 -5.72 3.20 -1.11
C PHE A 60 -7.08 3.49 -1.76
N TRP A 61 -7.86 2.46 -1.97
CA TRP A 61 -9.20 2.60 -2.55
C TRP A 61 -10.19 3.23 -1.56
N THR A 62 -11.30 3.76 -2.07
CA THR A 62 -12.34 4.43 -1.26
C THR A 62 -12.60 3.77 0.10
N GLU A 63 -12.42 2.45 0.19
CA GLU A 63 -12.59 1.72 1.46
C GLU A 63 -11.49 2.10 2.47
N ASN A 64 -10.25 2.18 1.98
CA ASN A 64 -9.08 2.37 2.84
C ASN A 64 -8.69 3.85 3.02
N ILE A 65 -9.40 4.77 2.35
CA ILE A 65 -9.13 6.21 2.49
C ILE A 65 -9.11 6.66 3.97
N LYS A 66 -9.94 6.02 4.77
CA LYS A 66 -10.05 6.32 6.21
C LYS A 66 -8.74 6.01 6.98
N LEU A 67 -7.85 5.21 6.37
CA LEU A 67 -6.58 4.82 7.00
C LEU A 67 -5.50 5.89 6.85
N LEU A 68 -5.65 6.78 5.86
CA LEU A 68 -4.64 7.80 5.56
C LEU A 68 -4.35 8.71 6.78
N LYS A 69 -5.37 8.95 7.60
CA LYS A 69 -5.24 9.83 8.78
C LYS A 69 -4.58 9.13 9.98
N LYS A 70 -4.34 7.82 9.86
CA LYS A 70 -3.65 7.08 10.93
C LYS A 70 -2.15 7.42 10.96
N PHE A 71 -1.65 7.96 9.85
CA PHE A 71 -0.26 8.38 9.73
C PHE A 71 -0.14 9.70 8.95
N ARG A 72 1.09 10.19 8.80
CA ARG A 72 1.36 11.42 8.04
C ARG A 72 2.45 11.18 6.98
N GLU A 73 2.64 12.16 6.10
CA GLU A 73 3.69 12.09 5.09
C GLU A 73 5.08 12.26 5.73
N GLY A 74 5.91 11.22 5.67
CA GLY A 74 7.21 11.26 6.31
C GLY A 74 7.38 10.23 7.42
N ASP A 75 6.31 9.48 7.71
CA ASP A 75 6.36 8.41 8.71
C ASP A 75 6.62 7.05 8.07
N VAL A 76 7.01 6.08 8.88
CA VAL A 76 7.27 4.71 8.41
C VAL A 76 6.06 3.80 8.62
N ILE A 77 5.50 3.27 7.53
CA ILE A 77 4.30 2.43 7.62
C ILE A 77 4.51 1.04 7.00
N ARG A 78 3.52 0.18 7.19
CA ARG A 78 3.53 -1.17 6.64
C ARG A 78 2.09 -1.62 6.36
N ILE A 79 1.77 -1.86 5.09
CA ILE A 79 0.41 -2.24 4.69
C ILE A 79 0.25 -3.76 4.67
N LYS A 80 -0.76 -4.27 5.38
CA LYS A 80 -0.92 -5.72 5.54
C LYS A 80 -1.99 -6.31 4.59
N ASP A 81 -1.69 -7.51 4.07
CA ASP A 81 -2.62 -8.27 3.23
C ASP A 81 -3.09 -7.47 1.98
N VAL A 82 -2.24 -7.40 0.95
CA VAL A 82 -2.56 -6.69 -0.29
C VAL A 82 -2.13 -7.47 -1.54
N ASN A 83 -2.53 -6.98 -2.72
CA ASN A 83 -2.15 -7.63 -3.98
C ASN A 83 -1.23 -6.73 -4.82
N ILE A 84 -0.17 -7.32 -5.37
CA ILE A 84 0.79 -6.59 -6.20
C ILE A 84 0.44 -6.70 -7.68
N ARG A 85 0.30 -5.56 -8.36
CA ARG A 85 -0.06 -5.56 -9.80
C ARG A 85 1.18 -5.36 -10.70
N GLY A 86 2.37 -5.32 -10.09
CA GLY A 86 3.61 -5.32 -10.87
C GLY A 86 4.23 -3.95 -11.12
N GLY A 87 3.41 -2.92 -11.32
CA GLY A 87 3.92 -1.62 -11.73
C GLY A 87 4.76 -1.67 -13.00
N PHE A 88 4.12 -1.49 -14.15
CA PHE A 88 4.80 -1.62 -15.43
C PHE A 88 5.77 -0.45 -15.68
N GLY A 89 7.02 -0.61 -15.22
CA GLY A 89 8.04 0.42 -15.39
C GLY A 89 8.92 0.59 -14.16
N GLY A 90 9.47 -0.52 -13.66
CA GLY A 90 10.37 -0.46 -12.51
C GLY A 90 9.64 -0.34 -11.17
N ARG A 91 8.90 0.75 -10.98
CA ARG A 91 8.22 1.02 -9.71
C ARG A 91 6.90 0.24 -9.60
N LYS A 92 6.93 -0.89 -8.88
CA LYS A 92 5.76 -1.72 -8.64
C LYS A 92 4.62 -0.99 -7.89
N GLU A 93 3.48 -1.66 -7.77
CA GLU A 93 2.29 -1.07 -7.15
C GLU A 93 1.53 -2.09 -6.30
N ALA A 94 0.88 -1.62 -5.24
CA ALA A 94 0.14 -2.50 -4.32
C ALA A 94 -1.29 -1.98 -4.07
N HIS A 95 -2.29 -2.83 -4.31
CA HIS A 95 -3.69 -2.46 -4.12
C HIS A 95 -4.27 -3.06 -2.84
N LEU A 96 -4.99 -2.23 -2.07
CA LEU A 96 -5.56 -2.66 -0.79
C LEU A 96 -6.95 -3.28 -0.96
N MET A 97 -7.50 -3.77 0.15
CA MET A 97 -8.82 -4.41 0.18
C MET A 97 -9.68 -3.80 1.31
N PRO A 98 -11.02 -4.01 1.30
CA PRO A 98 -11.91 -3.50 2.36
C PRO A 98 -11.50 -3.96 3.79
N ARG A 99 -10.66 -4.99 3.87
CA ARG A 99 -10.19 -5.50 5.17
C ARG A 99 -8.69 -5.25 5.39
N SER A 100 -8.03 -4.54 4.47
CA SER A 100 -6.59 -4.26 4.60
C SER A 100 -6.32 -3.13 5.60
N THR A 101 -5.38 -3.34 6.51
CA THR A 101 -5.01 -2.35 7.53
C THR A 101 -3.55 -1.90 7.39
N VAL A 102 -3.22 -0.76 8.00
CA VAL A 102 -1.85 -0.23 7.97
C VAL A 102 -1.25 -0.11 9.38
N GLU A 103 -0.03 -0.59 9.56
CA GLU A 103 0.69 -0.47 10.83
C GLU A 103 1.93 0.42 10.67
N VAL A 104 2.29 1.16 11.72
CA VAL A 104 3.48 2.02 11.67
C VAL A 104 4.71 1.29 12.23
N LEU A 105 5.84 1.43 11.54
CA LEU A 105 7.09 0.75 11.94
C LEU A 105 8.06 1.71 12.64
N ASP A 106 9.38 1.42 12.56
CA ASP A 106 10.38 2.08 13.41
C ASP A 106 10.16 1.62 14.87
N PRO A 107 11.18 1.70 15.78
CA PRO A 107 11.29 0.82 16.94
C PRO A 107 10.16 -0.22 17.03
N LEU A 108 10.36 -1.30 16.28
CA LEU A 108 9.30 -2.25 15.87
C LEU A 108 8.28 -2.58 16.99
N GLU A 109 6.99 -2.44 16.64
CA GLU A 109 5.89 -2.71 17.56
C GLU A 109 5.56 -4.21 17.63
N HIS A 110 5.64 -4.89 16.49
CA HIS A 110 5.33 -6.34 16.42
C HIS A 110 6.48 -7.20 16.94
N MET A 1 -3.92 -25.05 11.26
CA MET A 1 -2.81 -24.89 12.23
C MET A 1 -1.60 -24.16 11.60
N LYS A 2 -1.19 -24.60 10.41
CA LYS A 2 0.01 -24.07 9.76
C LYS A 2 -0.34 -23.23 8.50
N PRO A 3 -0.14 -21.90 8.55
CA PRO A 3 -0.36 -21.02 7.40
C PRO A 3 0.90 -20.86 6.52
N GLU A 4 0.82 -21.32 5.26
CA GLU A 4 1.96 -21.23 4.32
C GLU A 4 2.14 -19.82 3.74
N HIS A 5 1.54 -18.82 4.38
CA HIS A 5 1.62 -17.44 3.88
C HIS A 5 2.86 -16.72 4.42
N ARG A 6 3.85 -16.53 3.55
CA ARG A 6 5.07 -15.79 3.90
C ARG A 6 4.88 -14.28 3.80
N MET A 7 5.96 -13.52 4.05
CA MET A 7 5.93 -12.06 3.96
C MET A 7 7.33 -11.51 3.57
N ASP A 8 7.49 -11.22 2.28
CA ASP A 8 8.77 -10.70 1.77
C ASP A 8 8.79 -9.17 1.66
N THR A 9 9.67 -8.63 0.82
CA THR A 9 9.84 -7.17 0.68
C THR A 9 9.68 -6.72 -0.78
N ILE A 10 9.81 -5.41 -1.01
CA ILE A 10 9.53 -4.81 -2.33
C ILE A 10 10.30 -5.47 -3.48
N SER A 11 11.50 -5.96 -3.19
CA SER A 11 12.32 -6.62 -4.23
C SER A 11 11.67 -7.92 -4.74
N LYS A 12 10.96 -8.63 -3.86
CA LYS A 12 10.32 -9.92 -4.22
C LYS A 12 8.87 -9.76 -4.69
N LEU A 13 8.23 -8.63 -4.36
CA LEU A 13 6.81 -8.40 -4.70
C LEU A 13 6.48 -8.79 -6.15
N GLU A 14 5.72 -9.87 -6.30
CA GLU A 14 5.43 -10.45 -7.61
C GLU A 14 4.05 -10.03 -8.14
N GLU A 15 3.97 -9.78 -9.44
CA GLU A 15 2.71 -9.42 -10.11
C GLU A 15 1.63 -10.52 -9.97
N GLY A 16 0.83 -10.40 -8.91
CA GLY A 16 -0.24 -11.36 -8.65
C GLY A 16 -0.15 -12.01 -7.27
N ALA A 17 0.81 -11.58 -6.46
CA ALA A 17 1.00 -12.12 -5.11
C ALA A 17 0.29 -11.25 -4.05
N GLU A 18 -0.32 -11.91 -3.06
CA GLU A 18 -0.98 -11.19 -1.96
C GLU A 18 -0.12 -11.27 -0.68
N THR A 19 0.49 -10.14 -0.31
CA THR A 19 1.41 -10.10 0.84
C THR A 19 1.45 -8.71 1.51
N PRO A 20 1.75 -8.64 2.82
CA PRO A 20 1.99 -7.36 3.51
C PRO A 20 3.31 -6.67 3.06
N VAL A 21 3.28 -5.34 2.97
CA VAL A 21 4.46 -4.57 2.55
C VAL A 21 4.85 -3.50 3.58
N THR A 22 6.07 -2.99 3.48
CA THR A 22 6.56 -1.95 4.41
C THR A 22 7.48 -0.95 3.68
N GLY A 23 7.40 0.33 4.06
CA GLY A 23 8.25 1.34 3.43
C GLY A 23 8.12 2.73 4.08
N ARG A 24 9.07 3.61 3.79
CA ARG A 24 9.06 4.97 4.32
C ARG A 24 8.14 5.87 3.47
N VAL A 25 7.09 6.43 4.09
CA VAL A 25 6.19 7.34 3.38
C VAL A 25 6.94 8.64 3.01
N MET A 26 7.20 8.81 1.72
CA MET A 26 7.92 10.00 1.25
C MET A 26 6.99 11.00 0.54
N LYS A 27 6.11 10.50 -0.31
CA LYS A 27 5.13 11.34 -1.01
C LYS A 27 3.70 10.79 -0.88
N ILE A 28 2.75 11.66 -0.62
CA ILE A 28 1.33 11.29 -0.56
C ILE A 28 0.49 12.14 -1.53
N SER A 29 -0.11 11.49 -2.52
CA SER A 29 -1.05 12.16 -3.43
C SER A 29 -2.46 12.15 -2.83
N SER A 30 -3.02 13.34 -2.59
CA SER A 30 -4.37 13.47 -2.00
C SER A 30 -5.41 12.67 -2.80
N PRO A 31 -6.41 12.09 -2.11
CA PRO A 31 -7.42 11.21 -2.75
C PRO A 31 -8.08 11.83 -3.98
N ARG A 32 -7.97 11.15 -5.12
CA ARG A 32 -8.55 11.59 -6.38
C ARG A 32 -9.93 10.95 -6.58
N THR A 33 -10.95 11.79 -6.78
CA THR A 33 -12.35 11.32 -6.78
C THR A 33 -12.87 11.01 -8.19
N PHE A 34 -13.69 9.98 -8.28
CA PHE A 34 -14.39 9.59 -9.51
C PHE A 34 -15.83 9.17 -9.17
N THR A 35 -16.65 8.88 -10.16
CA THR A 35 -18.03 8.42 -9.91
C THR A 35 -18.16 6.90 -10.05
N THR A 36 -18.32 6.20 -8.93
CA THR A 36 -18.46 4.73 -8.93
C THR A 36 -19.88 4.29 -9.36
N ARG A 37 -20.17 2.99 -9.24
CA ARG A 37 -21.44 2.41 -9.70
C ARG A 37 -22.67 3.14 -9.13
N LYS A 38 -22.90 3.04 -7.81
CA LYS A 38 -24.04 3.74 -7.19
C LYS A 38 -23.95 3.77 -5.64
N GLY A 39 -24.48 4.83 -5.04
CA GLY A 39 -24.47 4.96 -3.58
C GLY A 39 -23.25 5.72 -3.08
N ARG A 40 -22.08 5.14 -3.28
CA ARG A 40 -20.82 5.74 -2.85
C ARG A 40 -20.30 6.74 -3.89
N GLU A 41 -19.39 7.61 -3.48
CA GLU A 41 -18.76 8.54 -4.41
C GLU A 41 -17.68 7.83 -5.26
N GLY A 42 -16.70 7.21 -4.58
CA GLY A 42 -15.58 6.59 -5.26
C GLY A 42 -14.33 7.47 -5.30
N LYS A 43 -13.32 7.12 -4.50
CA LYS A 43 -12.01 7.79 -4.54
C LYS A 43 -10.86 6.79 -4.71
N LEU A 44 -9.68 7.30 -5.10
CA LEU A 44 -8.46 6.50 -5.14
C LEU A 44 -7.24 7.37 -4.83
N ALA A 45 -6.27 6.84 -4.08
CA ALA A 45 -5.09 7.60 -3.71
C ALA A 45 -3.79 6.82 -3.99
N ASN A 46 -2.71 7.54 -4.25
CA ASN A 46 -1.40 6.92 -4.52
C ASN A 46 -0.32 7.49 -3.59
N VAL A 47 0.23 6.63 -2.74
CA VAL A 47 1.31 7.00 -1.81
C VAL A 47 2.64 6.36 -2.23
N ILE A 48 3.69 7.17 -2.32
CA ILE A 48 5.02 6.66 -2.69
C ILE A 48 5.84 6.33 -1.43
N ILE A 49 6.01 5.04 -1.17
CA ILE A 49 6.82 4.58 -0.04
C ILE A 49 8.17 4.00 -0.52
N ALA A 50 9.24 4.29 0.21
CA ALA A 50 10.57 3.84 -0.20
C ALA A 50 11.21 2.92 0.86
N ASP A 51 11.59 1.72 0.42
CA ASP A 51 12.29 0.76 1.28
C ASP A 51 13.77 0.67 0.88
N ASP A 52 14.56 -0.09 1.64
CA ASP A 52 15.98 -0.28 1.32
C ASP A 52 16.17 -1.24 0.12
N THR A 53 15.09 -1.89 -0.31
CA THR A 53 15.12 -2.80 -1.48
C THR A 53 14.48 -2.18 -2.74
N GLY A 54 13.79 -1.06 -2.57
CA GLY A 54 13.09 -0.43 -3.70
C GLY A 54 11.92 0.46 -3.28
N GLU A 55 11.39 1.23 -4.23
CA GLU A 55 10.23 2.10 -3.98
C GLU A 55 8.94 1.48 -4.53
N LEU A 56 7.83 1.68 -3.82
CA LEU A 56 6.54 1.07 -4.19
C LEU A 56 5.41 2.11 -4.16
N ARG A 57 4.49 2.04 -5.12
CA ARG A 57 3.33 2.92 -5.15
C ARG A 57 2.11 2.25 -4.48
N ALA A 58 1.78 2.70 -3.28
CA ALA A 58 0.64 2.16 -2.52
C ALA A 58 -0.68 2.80 -2.96
N VAL A 59 -1.54 2.00 -3.58
CA VAL A 59 -2.84 2.49 -4.06
C VAL A 59 -3.96 2.29 -3.02
N PHE A 60 -4.42 3.40 -2.44
CA PHE A 60 -5.50 3.37 -1.45
C PHE A 60 -6.86 3.59 -2.13
N TRP A 61 -7.62 2.52 -2.27
CA TRP A 61 -8.95 2.56 -2.90
C TRP A 61 -10.00 3.22 -1.99
N THR A 62 -11.11 3.63 -2.60
CA THR A 62 -12.20 4.34 -1.93
C THR A 62 -12.56 3.78 -0.53
N GLU A 63 -12.41 2.46 -0.34
CA GLU A 63 -12.75 1.83 0.94
C GLU A 63 -11.56 1.81 1.93
N ASN A 64 -10.38 2.09 1.41
CA ASN A 64 -9.16 2.15 2.24
C ASN A 64 -8.71 3.59 2.50
N ILE A 65 -9.49 4.57 2.05
CA ILE A 65 -9.17 5.99 2.27
C ILE A 65 -9.05 6.30 3.78
N LYS A 66 -9.85 5.61 4.59
CA LYS A 66 -9.82 5.76 6.04
C LYS A 66 -8.42 5.44 6.64
N LEU A 67 -7.57 4.78 5.87
CA LEU A 67 -6.23 4.43 6.34
C LEU A 67 -5.26 5.62 6.23
N LEU A 68 -5.57 6.56 5.34
CA LEU A 68 -4.71 7.74 5.14
C LEU A 68 -4.60 8.60 6.41
N LYS A 69 -5.73 8.79 7.10
CA LYS A 69 -5.75 9.59 8.34
C LYS A 69 -4.96 8.93 9.49
N LYS A 70 -4.47 7.70 9.27
CA LYS A 70 -3.71 6.99 10.30
C LYS A 70 -2.22 7.38 10.30
N PHE A 71 -1.72 7.82 9.16
CA PHE A 71 -0.31 8.23 9.02
C PHE A 71 -0.18 9.55 8.25
N ARG A 72 1.03 10.11 8.23
CA ARG A 72 1.30 11.34 7.49
C ARG A 72 2.54 11.19 6.61
N GLU A 73 2.75 12.17 5.73
CA GLU A 73 3.87 12.12 4.77
C GLU A 73 5.23 12.23 5.49
N GLY A 74 5.83 11.07 5.80
CA GLY A 74 7.11 11.04 6.50
C GLY A 74 7.27 9.80 7.38
N ASP A 75 6.18 9.33 7.95
CA ASP A 75 6.21 8.17 8.86
C ASP A 75 6.53 6.85 8.12
N VAL A 76 7.00 5.86 8.87
CA VAL A 76 7.26 4.52 8.33
C VAL A 76 6.05 3.59 8.59
N ILE A 77 5.37 3.18 7.52
CA ILE A 77 4.14 2.37 7.64
C ILE A 77 4.33 0.92 7.21
N ARG A 78 3.47 0.06 7.71
CA ARG A 78 3.41 -1.35 7.33
C ARG A 78 2.00 -1.69 6.84
N ILE A 79 1.86 -1.93 5.54
CA ILE A 79 0.54 -2.22 4.95
C ILE A 79 0.30 -3.74 4.96
N LYS A 80 -0.77 -4.17 5.61
CA LYS A 80 -0.92 -5.58 5.95
C LYS A 80 -1.88 -6.33 5.00
N ASP A 81 -1.34 -7.37 4.36
CA ASP A 81 -2.09 -8.22 3.43
C ASP A 81 -2.72 -7.42 2.26
N VAL A 82 -1.95 -7.19 1.20
CA VAL A 82 -2.43 -6.48 0.01
C VAL A 82 -2.09 -7.23 -1.29
N ASN A 83 -2.61 -6.72 -2.41
CA ASN A 83 -2.42 -7.36 -3.73
C ASN A 83 -1.37 -6.63 -4.57
N ILE A 84 -0.29 -7.32 -4.91
CA ILE A 84 0.75 -6.74 -5.75
C ILE A 84 0.39 -6.89 -7.24
N ARG A 85 0.20 -5.77 -7.93
CA ARG A 85 -0.12 -5.80 -9.37
C ARG A 85 1.16 -5.68 -10.21
N GLY A 86 2.11 -4.86 -9.75
CA GLY A 86 3.38 -4.67 -10.46
C GLY A 86 3.19 -4.12 -11.88
N GLY A 87 2.62 -2.92 -11.98
CA GLY A 87 2.35 -2.32 -13.29
C GLY A 87 3.61 -1.88 -14.03
N PHE A 88 3.62 -2.11 -15.34
CA PHE A 88 4.74 -1.68 -16.19
C PHE A 88 4.91 -0.15 -16.16
N GLY A 89 5.83 0.31 -15.31
CA GLY A 89 6.15 1.74 -15.24
C GLY A 89 7.34 2.01 -14.33
N GLY A 90 8.41 1.22 -14.51
CA GLY A 90 9.58 1.33 -13.64
C GLY A 90 9.33 0.78 -12.24
N ARG A 91 8.64 1.57 -11.41
CA ARG A 91 8.34 1.16 -10.03
C ARG A 91 6.97 0.48 -9.93
N LYS A 92 6.88 -0.57 -9.12
CA LYS A 92 5.67 -1.38 -9.00
C LYS A 92 4.59 -0.70 -8.13
N GLU A 93 3.47 -1.38 -7.94
CA GLU A 93 2.33 -0.84 -7.20
C GLU A 93 1.59 -1.92 -6.40
N ALA A 94 1.07 -1.53 -5.24
CA ALA A 94 0.31 -2.45 -4.36
C ALA A 94 -1.12 -1.93 -4.15
N HIS A 95 -2.08 -2.84 -4.20
CA HIS A 95 -3.50 -2.47 -4.10
C HIS A 95 -4.12 -2.99 -2.81
N LEU A 96 -4.79 -2.08 -2.09
CA LEU A 96 -5.41 -2.40 -0.81
C LEU A 96 -6.87 -2.85 -0.98
N MET A 97 -7.28 -3.81 -0.17
CA MET A 97 -8.66 -4.33 -0.19
C MET A 97 -9.45 -3.81 1.02
N PRO A 98 -10.79 -3.83 0.99
CA PRO A 98 -11.62 -3.40 2.14
C PRO A 98 -11.24 -4.13 3.46
N ARG A 99 -10.60 -5.29 3.33
CA ARG A 99 -10.16 -6.09 4.48
C ARG A 99 -8.74 -5.70 4.95
N SER A 100 -8.02 -4.96 4.10
CA SER A 100 -6.64 -4.56 4.37
C SER A 100 -6.56 -3.43 5.41
N THR A 101 -5.54 -3.49 6.26
CA THR A 101 -5.29 -2.45 7.28
C THR A 101 -3.82 -2.03 7.26
N VAL A 102 -3.48 -0.94 7.97
CA VAL A 102 -2.09 -0.47 8.04
C VAL A 102 -1.65 -0.22 9.50
N GLU A 103 -0.45 -0.68 9.84
CA GLU A 103 0.14 -0.44 11.16
C GLU A 103 1.44 0.36 11.02
N VAL A 104 1.61 1.41 11.83
CA VAL A 104 2.77 2.29 11.73
C VAL A 104 3.96 1.76 12.55
N LEU A 105 5.08 1.49 11.88
CA LEU A 105 6.26 0.91 12.54
C LEU A 105 7.17 1.97 13.19
N ASP A 106 6.97 3.23 12.83
CA ASP A 106 7.75 4.32 13.41
C ASP A 106 7.35 4.57 14.89
N PRO A 107 6.06 4.89 15.19
CA PRO A 107 5.55 4.88 16.57
C PRO A 107 5.39 3.43 17.09
N LEU A 108 5.35 2.49 16.14
CA LEU A 108 5.37 1.05 16.40
C LEU A 108 4.05 0.52 17.01
N GLU A 109 3.33 -0.28 16.22
CA GLU A 109 2.20 -1.05 16.72
C GLU A 109 2.69 -2.34 17.40
N HIS A 110 3.19 -3.28 16.60
CA HIS A 110 3.78 -4.53 17.11
C HIS A 110 5.07 -4.89 16.34
N MET A 1 4.69 -26.43 -3.42
CA MET A 1 4.74 -26.24 -1.94
C MET A 1 4.66 -24.74 -1.57
N LYS A 2 4.41 -24.46 -0.30
CA LYS A 2 4.33 -23.07 0.19
C LYS A 2 5.69 -22.62 0.77
N PRO A 3 6.34 -21.63 0.15
CA PRO A 3 7.64 -21.11 0.62
C PRO A 3 7.63 -20.68 2.10
N GLU A 4 8.68 -21.01 2.83
CA GLU A 4 8.73 -20.75 4.28
C GLU A 4 9.03 -19.27 4.60
N HIS A 5 8.09 -18.39 4.26
CA HIS A 5 8.22 -16.95 4.53
C HIS A 5 6.91 -16.21 4.23
N ARG A 6 6.47 -15.37 5.17
CA ARG A 6 5.27 -14.54 4.95
C ARG A 6 5.42 -13.15 5.59
N MET A 7 6.46 -12.43 5.17
CA MET A 7 6.72 -11.06 5.62
C MET A 7 7.90 -10.47 4.83
N ASP A 8 7.74 -10.45 3.51
CA ASP A 8 8.80 -10.04 2.60
C ASP A 8 8.83 -8.51 2.39
N THR A 9 9.95 -8.02 1.85
CA THR A 9 10.12 -6.59 1.57
C THR A 9 9.84 -6.26 0.10
N ILE A 10 9.98 -4.99 -0.28
CA ILE A 10 9.63 -4.52 -1.62
C ILE A 10 10.42 -5.22 -2.73
N SER A 11 11.71 -5.49 -2.50
CA SER A 11 12.55 -6.19 -3.49
C SER A 11 12.13 -7.66 -3.70
N LYS A 12 11.17 -8.15 -2.89
CA LYS A 12 10.67 -9.53 -3.01
C LYS A 12 9.27 -9.59 -3.64
N LEU A 13 8.69 -8.44 -3.95
CA LEU A 13 7.33 -8.38 -4.49
C LEU A 13 7.27 -8.85 -5.95
N GLU A 14 6.32 -9.74 -6.25
CA GLU A 14 6.15 -10.26 -7.61
C GLU A 14 4.72 -10.01 -8.12
N GLU A 15 4.61 -9.63 -9.39
CA GLU A 15 3.33 -9.24 -10.00
C GLU A 15 2.31 -10.39 -10.03
N GLY A 16 1.17 -10.19 -9.38
CA GLY A 16 0.12 -11.19 -9.34
C GLY A 16 -0.05 -11.82 -7.96
N ALA A 17 0.98 -11.74 -7.14
CA ALA A 17 0.99 -12.38 -5.83
C ALA A 17 0.28 -11.54 -4.76
N GLU A 18 -0.36 -12.23 -3.81
CA GLU A 18 -0.99 -11.58 -2.66
C GLU A 18 -0.05 -11.57 -1.45
N THR A 19 0.48 -10.39 -1.11
CA THR A 19 1.46 -10.25 -0.02
C THR A 19 1.38 -8.87 0.62
N PRO A 20 1.73 -8.76 1.93
CA PRO A 20 1.87 -7.45 2.60
C PRO A 20 3.12 -6.68 2.13
N VAL A 21 3.10 -5.36 2.28
CA VAL A 21 4.25 -4.52 1.89
C VAL A 21 4.67 -3.57 3.02
N THR A 22 5.97 -3.42 3.23
CA THR A 22 6.51 -2.53 4.27
C THR A 22 7.47 -1.49 3.67
N GLY A 23 7.27 -0.22 4.02
CA GLY A 23 8.13 0.84 3.49
C GLY A 23 7.97 2.17 4.22
N ARG A 24 8.82 3.13 3.89
CA ARG A 24 8.78 4.46 4.53
C ARG A 24 8.02 5.46 3.64
N VAL A 25 7.01 6.12 4.19
CA VAL A 25 6.24 7.10 3.43
C VAL A 25 7.12 8.28 2.96
N MET A 26 7.10 8.55 1.66
CA MET A 26 7.85 9.68 1.10
C MET A 26 6.88 10.76 0.60
N LYS A 27 6.07 10.43 -0.40
CA LYS A 27 5.09 11.37 -0.97
C LYS A 27 3.70 10.75 -1.03
N ILE A 28 2.70 11.44 -0.50
CA ILE A 28 1.31 10.97 -0.52
C ILE A 28 0.47 11.74 -1.55
N SER A 29 0.15 11.09 -2.68
CA SER A 29 -0.70 11.72 -3.70
C SER A 29 -2.17 11.75 -3.24
N SER A 30 -2.79 12.93 -3.36
CA SER A 30 -4.17 13.14 -2.89
C SER A 30 -5.17 12.17 -3.52
N PRO A 31 -6.23 11.80 -2.78
CA PRO A 31 -7.31 10.94 -3.28
C PRO A 31 -8.05 11.54 -4.50
N ARG A 32 -8.10 10.77 -5.58
CA ARG A 32 -8.82 11.17 -6.79
C ARG A 32 -10.25 10.59 -6.77
N THR A 33 -11.24 11.47 -6.86
CA THR A 33 -12.66 11.07 -6.78
C THR A 33 -13.22 10.71 -8.17
N PHE A 34 -14.09 9.70 -8.22
CA PHE A 34 -14.69 9.26 -9.49
C PHE A 34 -16.13 8.78 -9.31
N THR A 35 -16.90 8.79 -10.41
CA THR A 35 -18.28 8.32 -10.39
C THR A 35 -18.37 6.80 -10.60
N THR A 36 -18.66 6.08 -9.53
CA THR A 36 -18.79 4.61 -9.59
C THR A 36 -20.25 4.18 -9.72
N ARG A 37 -20.46 2.88 -9.93
CA ARG A 37 -21.81 2.31 -10.01
C ARG A 37 -22.23 1.71 -8.65
N LYS A 38 -21.34 1.80 -7.66
CA LYS A 38 -21.57 1.19 -6.35
C LYS A 38 -22.20 2.17 -5.32
N GLY A 39 -22.70 3.32 -5.79
CA GLY A 39 -23.46 4.22 -4.93
C GLY A 39 -22.62 5.14 -4.04
N ARG A 40 -21.41 4.71 -3.68
CA ARG A 40 -20.54 5.51 -2.82
C ARG A 40 -19.71 6.53 -3.62
N GLU A 41 -19.21 7.55 -2.93
CA GLU A 41 -18.49 8.67 -3.55
C GLU A 41 -17.40 8.21 -4.54
N GLY A 42 -16.68 7.14 -4.20
CA GLY A 42 -15.64 6.62 -5.10
C GLY A 42 -14.35 7.44 -5.11
N LYS A 43 -13.29 6.88 -4.56
CA LYS A 43 -11.99 7.57 -4.48
C LYS A 43 -10.82 6.58 -4.57
N LEU A 44 -9.71 7.04 -5.13
CA LEU A 44 -8.47 6.25 -5.19
C LEU A 44 -7.25 7.14 -4.91
N ALA A 45 -6.38 6.71 -4.01
CA ALA A 45 -5.20 7.48 -3.63
C ALA A 45 -3.91 6.73 -3.93
N ASN A 46 -2.80 7.45 -4.06
CA ASN A 46 -1.50 6.83 -4.36
C ASN A 46 -0.44 7.28 -3.35
N VAL A 47 0.00 6.36 -2.51
CA VAL A 47 1.06 6.64 -1.53
C VAL A 47 2.40 6.05 -1.99
N ILE A 48 3.39 6.91 -2.20
CA ILE A 48 4.70 6.48 -2.63
C ILE A 48 5.63 6.25 -1.42
N ILE A 49 5.85 4.98 -1.10
CA ILE A 49 6.71 4.61 0.02
C ILE A 49 8.05 4.06 -0.47
N ALA A 50 9.15 4.49 0.17
CA ALA A 50 10.49 4.05 -0.22
C ALA A 50 11.19 3.31 0.93
N ASP A 51 11.59 2.07 0.64
CA ASP A 51 12.34 1.24 1.58
C ASP A 51 13.79 1.09 1.10
N ASP A 52 14.66 0.57 1.96
CA ASP A 52 16.05 0.27 1.59
C ASP A 52 16.12 -0.58 0.30
N THR A 53 15.15 -1.47 0.15
CA THR A 53 15.13 -2.42 -0.97
C THR A 53 14.38 -1.89 -2.21
N GLY A 54 13.81 -0.69 -2.12
CA GLY A 54 13.09 -0.10 -3.26
C GLY A 54 11.87 0.70 -2.85
N GLU A 55 11.32 1.48 -3.79
CA GLU A 55 10.11 2.28 -3.53
C GLU A 55 8.91 1.78 -4.36
N LEU A 56 7.74 1.72 -3.72
CA LEU A 56 6.53 1.14 -4.34
C LEU A 56 5.36 2.15 -4.37
N ARG A 57 4.40 1.94 -5.27
CA ARG A 57 3.19 2.75 -5.34
C ARG A 57 1.98 2.01 -4.71
N ALA A 58 1.49 2.52 -3.57
CA ALA A 58 0.34 1.92 -2.88
C ALA A 58 -0.97 2.62 -3.26
N VAL A 59 -1.96 1.85 -3.72
CA VAL A 59 -3.25 2.40 -4.14
C VAL A 59 -4.32 2.24 -3.03
N PHE A 60 -4.68 3.36 -2.40
CA PHE A 60 -5.71 3.37 -1.35
C PHE A 60 -7.10 3.71 -1.94
N TRP A 61 -7.94 2.69 -2.07
CA TRP A 61 -9.31 2.86 -2.54
C TRP A 61 -10.21 3.51 -1.47
N THR A 62 -11.36 4.05 -1.90
CA THR A 62 -12.30 4.76 -0.99
C THR A 62 -12.45 4.11 0.39
N GLU A 63 -12.46 2.78 0.45
CA GLU A 63 -12.61 2.06 1.73
C GLU A 63 -11.35 2.17 2.60
N ASN A 64 -10.20 2.33 1.95
CA ASN A 64 -8.92 2.43 2.65
C ASN A 64 -8.47 3.89 2.88
N ILE A 65 -9.27 4.85 2.39
CA ILE A 65 -8.96 6.28 2.61
C ILE A 65 -8.85 6.61 4.11
N LYS A 66 -9.66 5.94 4.92
CA LYS A 66 -9.61 6.06 6.39
C LYS A 66 -8.19 5.80 6.93
N LEU A 67 -7.41 4.99 6.22
CA LEU A 67 -6.05 4.63 6.65
C LEU A 67 -5.07 5.79 6.47
N LEU A 68 -5.34 6.66 5.49
CA LEU A 68 -4.43 7.77 5.16
C LEU A 68 -4.18 8.70 6.35
N LYS A 69 -5.15 8.80 7.27
CA LYS A 69 -5.03 9.68 8.43
C LYS A 69 -4.32 8.99 9.62
N LYS A 70 -4.05 7.69 9.47
CA LYS A 70 -3.35 6.93 10.52
C LYS A 70 -1.85 7.24 10.54
N PHE A 71 -1.34 7.78 9.45
CA PHE A 71 0.08 8.14 9.33
C PHE A 71 0.27 9.50 8.65
N ARG A 72 1.50 9.96 8.59
CA ARG A 72 1.82 11.23 7.92
C ARG A 72 2.82 11.02 6.77
N GLU A 73 3.04 12.08 6.00
CA GLU A 73 3.96 12.03 4.86
C GLU A 73 5.43 12.10 5.34
N GLY A 74 5.99 10.94 5.69
CA GLY A 74 7.38 10.91 6.15
C GLY A 74 7.67 9.75 7.11
N ASP A 75 6.63 9.20 7.73
CA ASP A 75 6.79 8.11 8.72
C ASP A 75 6.97 6.74 8.05
N VAL A 76 7.29 5.72 8.85
CA VAL A 76 7.44 4.35 8.35
C VAL A 76 6.15 3.54 8.59
N ILE A 77 5.62 2.89 7.54
CA ILE A 77 4.36 2.14 7.68
C ILE A 77 4.46 0.71 7.12
N ARG A 78 3.59 -0.16 7.62
CA ARG A 78 3.43 -1.52 7.10
C ARG A 78 2.01 -1.72 6.57
N ILE A 79 1.88 -1.84 5.25
CA ILE A 79 0.57 -2.08 4.63
C ILE A 79 0.30 -3.59 4.53
N LYS A 80 -0.57 -4.10 5.38
CA LYS A 80 -0.73 -5.53 5.56
C LYS A 80 -1.89 -6.10 4.72
N ASP A 81 -1.62 -7.24 4.07
CA ASP A 81 -2.61 -7.95 3.23
C ASP A 81 -3.05 -7.12 2.01
N VAL A 82 -2.26 -7.16 0.92
CA VAL A 82 -2.60 -6.44 -0.32
C VAL A 82 -2.28 -7.26 -1.59
N ASN A 83 -2.70 -6.73 -2.74
CA ASN A 83 -2.46 -7.38 -4.03
C ASN A 83 -1.39 -6.64 -4.85
N ILE A 84 -0.31 -7.33 -5.19
CA ILE A 84 0.70 -6.74 -6.08
C ILE A 84 0.26 -6.88 -7.54
N ARG A 85 -0.10 -5.76 -8.16
CA ARG A 85 -0.53 -5.77 -9.57
C ARG A 85 0.68 -5.92 -10.51
N GLY A 86 1.70 -5.10 -10.29
CA GLY A 86 2.93 -5.18 -11.06
C GLY A 86 2.73 -5.01 -12.56
N GLY A 87 2.31 -3.81 -12.97
CA GLY A 87 2.09 -3.55 -14.39
C GLY A 87 3.16 -2.64 -14.98
N PHE A 88 3.68 -1.75 -14.16
CA PHE A 88 4.72 -0.81 -14.59
C PHE A 88 6.12 -1.44 -14.53
N GLY A 89 6.88 -1.28 -15.62
CA GLY A 89 8.26 -1.77 -15.65
C GLY A 89 9.18 -0.98 -14.72
N GLY A 90 9.15 -1.34 -13.44
CA GLY A 90 9.96 -0.65 -12.43
C GLY A 90 9.23 -0.52 -11.10
N ARG A 91 8.83 0.69 -10.75
CA ARG A 91 8.05 0.91 -9.53
C ARG A 91 6.60 0.41 -9.71
N LYS A 92 6.40 -0.87 -9.42
CA LYS A 92 5.07 -1.50 -9.53
C LYS A 92 4.10 -0.93 -8.48
N GLU A 93 2.86 -1.42 -8.47
CA GLU A 93 1.83 -0.90 -7.56
C GLU A 93 1.10 -2.02 -6.81
N ALA A 94 0.66 -1.71 -5.59
CA ALA A 94 -0.08 -2.65 -4.75
C ALA A 94 -1.46 -2.08 -4.38
N HIS A 95 -2.50 -2.90 -4.52
CA HIS A 95 -3.88 -2.45 -4.26
C HIS A 95 -4.40 -3.02 -2.94
N LEU A 96 -5.03 -2.16 -2.15
CA LEU A 96 -5.59 -2.53 -0.86
C LEU A 96 -7.02 -3.05 -1.01
N MET A 97 -7.46 -3.85 -0.05
CA MET A 97 -8.81 -4.44 -0.06
C MET A 97 -9.72 -3.72 0.94
N PRO A 98 -11.06 -3.84 0.81
CA PRO A 98 -12.02 -3.15 1.70
C PRO A 98 -11.80 -3.44 3.19
N ARG A 99 -11.07 -4.51 3.51
CA ARG A 99 -10.78 -4.87 4.91
C ARG A 99 -9.29 -4.67 5.27
N SER A 100 -8.48 -4.26 4.29
CA SER A 100 -7.02 -4.10 4.50
C SER A 100 -6.71 -2.89 5.39
N THR A 101 -5.79 -3.09 6.33
CA THR A 101 -5.38 -2.04 7.28
C THR A 101 -3.87 -1.79 7.24
N VAL A 102 -3.44 -0.64 7.75
CA VAL A 102 -2.02 -0.30 7.83
C VAL A 102 -1.57 -0.09 9.28
N GLU A 103 -0.41 -0.65 9.64
CA GLU A 103 0.16 -0.46 10.97
C GLU A 103 1.47 0.34 10.87
N VAL A 104 1.53 1.46 11.60
CA VAL A 104 2.67 2.37 11.52
C VAL A 104 3.86 1.86 12.36
N LEU A 105 5.01 1.70 11.72
CA LEU A 105 6.22 1.20 12.41
C LEU A 105 6.91 2.34 13.17
N ASP A 106 8.14 2.08 13.65
CA ASP A 106 8.84 3.04 14.54
C ASP A 106 8.13 3.03 15.92
N PRO A 107 8.86 3.10 17.07
CA PRO A 107 8.38 2.72 18.40
C PRO A 107 6.89 2.31 18.44
N LEU A 108 6.66 1.05 18.06
CA LEU A 108 5.33 0.49 17.79
C LEU A 108 4.44 0.51 19.06
N GLU A 109 3.16 0.85 18.86
CA GLU A 109 2.16 0.91 19.94
C GLU A 109 2.28 -0.27 20.94
N HIS A 110 2.40 -1.47 20.39
CA HIS A 110 2.56 -2.70 21.18
C HIS A 110 4.04 -3.00 21.47
N MET A 1 11.24 -31.49 8.76
CA MET A 1 11.48 -30.04 8.47
C MET A 1 10.46 -29.50 7.45
N LYS A 2 9.87 -28.34 7.75
CA LYS A 2 8.88 -27.72 6.87
C LYS A 2 9.02 -26.19 6.88
N PRO A 3 9.73 -25.63 5.87
CA PRO A 3 9.95 -24.18 5.77
C PRO A 3 8.83 -23.45 5.00
N GLU A 4 8.33 -22.35 5.58
CA GLU A 4 7.30 -21.53 4.95
C GLU A 4 7.85 -20.14 4.60
N HIS A 5 7.23 -19.48 3.62
CA HIS A 5 7.73 -18.18 3.13
C HIS A 5 6.60 -17.15 2.98
N ARG A 6 6.49 -16.23 3.95
CA ARG A 6 5.54 -15.12 3.88
C ARG A 6 6.03 -13.94 4.73
N MET A 7 6.95 -13.15 4.17
CA MET A 7 7.58 -12.02 4.88
C MET A 7 8.46 -11.20 3.93
N ASP A 8 8.05 -11.17 2.66
CA ASP A 8 8.85 -10.62 1.57
C ASP A 8 9.01 -9.08 1.62
N THR A 9 10.00 -8.59 0.87
CA THR A 9 10.28 -7.15 0.75
C THR A 9 9.81 -6.62 -0.61
N ILE A 10 9.98 -5.31 -0.84
CA ILE A 10 9.52 -4.66 -2.07
C ILE A 10 10.15 -5.28 -3.33
N SER A 11 11.44 -5.60 -3.26
CA SER A 11 12.14 -6.28 -4.37
C SER A 11 11.50 -7.65 -4.66
N LYS A 12 11.01 -8.30 -3.61
CA LYS A 12 10.42 -9.65 -3.72
C LYS A 12 8.98 -9.62 -4.25
N LEU A 13 8.29 -8.50 -4.05
CA LEU A 13 6.88 -8.37 -4.44
C LEU A 13 6.66 -8.64 -5.94
N GLU A 14 6.15 -9.83 -6.27
CA GLU A 14 5.86 -10.20 -7.66
C GLU A 14 4.41 -9.84 -8.03
N GLU A 15 4.17 -9.57 -9.31
CA GLU A 15 2.82 -9.28 -9.81
C GLU A 15 1.87 -10.48 -9.59
N GLY A 16 0.62 -10.17 -9.22
CA GLY A 16 -0.37 -11.20 -8.99
C GLY A 16 -0.26 -11.86 -7.61
N ALA A 17 0.66 -11.39 -6.78
CA ALA A 17 0.86 -11.94 -5.44
C ALA A 17 0.07 -11.15 -4.37
N GLU A 18 -0.46 -11.86 -3.37
CA GLU A 18 -1.16 -11.23 -2.25
C GLU A 18 -0.33 -11.34 -0.95
N THR A 19 0.23 -10.22 -0.51
CA THR A 19 1.08 -10.18 0.69
C THR A 19 1.06 -8.80 1.37
N PRO A 20 1.33 -8.73 2.68
CA PRO A 20 1.58 -7.44 3.36
C PRO A 20 2.90 -6.80 2.88
N VAL A 21 2.91 -5.47 2.79
CA VAL A 21 4.09 -4.72 2.29
C VAL A 21 4.58 -3.68 3.29
N THR A 22 5.84 -3.26 3.14
CA THR A 22 6.46 -2.32 4.09
C THR A 22 7.23 -1.21 3.35
N GLY A 23 7.24 0.00 3.94
CA GLY A 23 8.01 1.11 3.36
C GLY A 23 7.91 2.40 4.19
N ARG A 24 8.92 3.26 4.06
CA ARG A 24 8.91 4.55 4.77
C ARG A 24 8.23 5.63 3.90
N VAL A 25 7.24 6.32 4.45
CA VAL A 25 6.45 7.30 3.69
C VAL A 25 7.29 8.52 3.25
N MET A 26 7.29 8.80 1.96
CA MET A 26 8.01 9.96 1.42
C MET A 26 7.02 11.00 0.85
N LYS A 27 6.17 10.58 -0.08
CA LYS A 27 5.18 11.47 -0.69
C LYS A 27 3.76 10.89 -0.62
N ILE A 28 2.77 11.75 -0.36
CA ILE A 28 1.35 11.33 -0.34
C ILE A 28 0.52 12.18 -1.31
N SER A 29 -0.11 11.53 -2.30
CA SER A 29 -0.99 12.22 -3.25
C SER A 29 -2.45 12.20 -2.75
N SER A 30 -3.18 13.27 -3.03
CA SER A 30 -4.57 13.42 -2.54
C SER A 30 -5.51 12.37 -3.15
N PRO A 31 -6.52 11.91 -2.37
CA PRO A 31 -7.55 10.99 -2.87
C PRO A 31 -8.19 11.46 -4.19
N ARG A 32 -8.04 10.65 -5.23
CA ARG A 32 -8.55 10.99 -6.56
C ARG A 32 -9.95 10.39 -6.76
N THR A 33 -10.94 11.25 -6.96
CA THR A 33 -12.34 10.83 -7.00
C THR A 33 -12.74 10.31 -8.40
N PHE A 34 -13.52 9.23 -8.42
CA PHE A 34 -14.02 8.64 -9.67
C PHE A 34 -15.44 8.09 -9.48
N THR A 35 -16.19 7.96 -10.56
CA THR A 35 -17.56 7.44 -10.48
C THR A 35 -17.60 5.91 -10.52
N THR A 36 -18.00 5.31 -9.39
CA THR A 36 -18.13 3.85 -9.26
C THR A 36 -19.53 3.38 -9.67
N ARG A 37 -19.82 2.09 -9.43
CA ARG A 37 -21.13 1.51 -9.78
C ARG A 37 -22.29 2.29 -9.12
N LYS A 38 -22.26 2.34 -7.79
CA LYS A 38 -23.28 3.09 -7.02
C LYS A 38 -22.97 3.02 -5.50
N GLY A 39 -23.49 4.01 -4.75
CA GLY A 39 -23.35 4.00 -3.30
C GLY A 39 -22.39 5.05 -2.77
N ARG A 40 -21.09 4.83 -2.99
CA ARG A 40 -20.06 5.77 -2.54
C ARG A 40 -19.51 6.58 -3.71
N GLU A 41 -18.97 7.77 -3.40
CA GLU A 41 -18.52 8.71 -4.43
C GLU A 41 -17.29 8.23 -5.22
N GLY A 42 -16.65 7.15 -4.75
CA GLY A 42 -15.50 6.58 -5.45
C GLY A 42 -14.23 7.41 -5.36
N LYS A 43 -13.15 6.80 -4.85
CA LYS A 43 -11.85 7.49 -4.70
C LYS A 43 -10.68 6.48 -4.72
N LEU A 44 -9.52 6.96 -5.16
CA LEU A 44 -8.27 6.17 -5.10
C LEU A 44 -7.07 7.11 -4.83
N ALA A 45 -6.21 6.73 -3.89
CA ALA A 45 -5.07 7.58 -3.50
C ALA A 45 -3.74 6.90 -3.76
N ASN A 46 -2.69 7.69 -4.00
CA ASN A 46 -1.36 7.16 -4.29
C ASN A 46 -0.33 7.62 -3.25
N VAL A 47 0.15 6.68 -2.44
CA VAL A 47 1.19 6.96 -1.45
C VAL A 47 2.53 6.33 -1.85
N ILE A 48 3.58 7.14 -1.95
CA ILE A 48 4.90 6.65 -2.36
C ILE A 48 5.76 6.30 -1.14
N ILE A 49 5.99 5.00 -0.94
CA ILE A 49 6.83 4.52 0.16
C ILE A 49 8.19 4.03 -0.37
N ALA A 50 9.25 4.28 0.40
CA ALA A 50 10.61 3.96 -0.03
C ALA A 50 11.31 2.98 0.92
N ASP A 51 11.94 1.95 0.35
CA ASP A 51 12.75 1.00 1.12
C ASP A 51 14.07 0.70 0.38
N ASP A 52 15.05 0.15 1.09
CA ASP A 52 16.36 -0.18 0.52
C ASP A 52 16.26 -1.20 -0.63
N THR A 53 15.16 -1.95 -0.70
CA THR A 53 14.96 -2.93 -1.78
C THR A 53 14.15 -2.33 -2.95
N GLY A 54 13.74 -1.07 -2.83
CA GLY A 54 12.97 -0.41 -3.89
C GLY A 54 11.86 0.49 -3.37
N GLU A 55 11.30 1.32 -4.24
CA GLU A 55 10.16 2.19 -3.88
C GLU A 55 8.85 1.63 -4.48
N LEU A 56 7.77 1.68 -3.70
CA LEU A 56 6.49 1.08 -4.09
C LEU A 56 5.37 2.13 -4.14
N ARG A 57 4.49 2.04 -5.13
CA ARG A 57 3.30 2.92 -5.19
C ARG A 57 2.09 2.24 -4.52
N ALA A 58 1.71 2.74 -3.35
CA ALA A 58 0.56 2.21 -2.61
C ALA A 58 -0.76 2.86 -3.04
N VAL A 59 -1.71 2.06 -3.49
CA VAL A 59 -3.00 2.55 -3.97
C VAL A 59 -4.11 2.36 -2.91
N PHE A 60 -4.52 3.45 -2.28
CA PHE A 60 -5.59 3.43 -1.28
C PHE A 60 -6.96 3.71 -1.92
N TRP A 61 -7.75 2.67 -2.10
CA TRP A 61 -9.10 2.79 -2.67
C TRP A 61 -10.09 3.41 -1.67
N THR A 62 -11.22 3.90 -2.17
CA THR A 62 -12.28 4.50 -1.32
C THR A 62 -12.54 3.70 -0.03
N GLU A 63 -12.33 2.39 -0.09
CA GLU A 63 -12.51 1.51 1.06
C GLU A 63 -11.44 1.78 2.15
N ASN A 64 -10.23 2.11 1.70
CA ASN A 64 -9.09 2.29 2.60
C ASN A 64 -8.67 3.76 2.78
N ILE A 65 -9.43 4.71 2.23
CA ILE A 65 -9.14 6.14 2.39
C ILE A 65 -9.01 6.53 3.87
N LYS A 66 -9.85 5.95 4.72
CA LYS A 66 -9.83 6.21 6.17
C LYS A 66 -8.44 5.92 6.80
N LEU A 67 -7.61 5.17 6.10
CA LEU A 67 -6.28 4.80 6.62
C LEU A 67 -5.25 5.94 6.46
N LEU A 68 -5.49 6.82 5.50
CA LEU A 68 -4.55 7.92 5.20
C LEU A 68 -4.31 8.82 6.41
N LYS A 69 -5.37 9.10 7.17
CA LYS A 69 -5.29 10.01 8.33
C LYS A 69 -4.52 9.40 9.52
N LYS A 70 -4.25 8.10 9.47
CA LYS A 70 -3.58 7.40 10.57
C LYS A 70 -2.09 7.81 10.69
N PHE A 71 -1.45 8.04 9.56
CA PHE A 71 -0.01 8.37 9.54
C PHE A 71 0.23 9.77 8.93
N ARG A 72 1.47 10.27 9.07
CA ARG A 72 1.87 11.55 8.49
C ARG A 72 2.84 11.33 7.31
N GLU A 73 2.93 12.33 6.44
CA GLU A 73 3.87 12.25 5.32
C GLU A 73 5.32 12.37 5.81
N GLY A 74 5.92 11.23 6.14
CA GLY A 74 7.27 11.20 6.69
C GLY A 74 7.49 10.04 7.65
N ASP A 75 6.40 9.51 8.21
CA ASP A 75 6.48 8.35 9.11
C ASP A 75 6.70 7.04 8.33
N VAL A 76 6.77 5.92 9.03
CA VAL A 76 6.94 4.62 8.41
C VAL A 76 5.70 3.76 8.60
N ILE A 77 5.26 3.08 7.54
CA ILE A 77 4.03 2.28 7.59
C ILE A 77 4.22 0.85 7.10
N ARG A 78 3.25 0.00 7.43
CA ARG A 78 3.23 -1.39 7.01
C ARG A 78 1.80 -1.76 6.58
N ILE A 79 1.61 -2.00 5.29
CA ILE A 79 0.27 -2.29 4.74
C ILE A 79 -0.02 -3.80 4.79
N LYS A 80 -1.13 -4.17 5.41
CA LYS A 80 -1.42 -5.57 5.72
C LYS A 80 -2.29 -6.26 4.64
N ASP A 81 -1.70 -7.29 4.02
CA ASP A 81 -2.40 -8.14 3.04
C ASP A 81 -3.01 -7.36 1.85
N VAL A 82 -2.20 -7.12 0.81
CA VAL A 82 -2.66 -6.43 -0.41
C VAL A 82 -2.29 -7.20 -1.69
N ASN A 83 -2.79 -6.73 -2.83
CA ASN A 83 -2.49 -7.35 -4.13
C ASN A 83 -1.48 -6.51 -4.93
N ILE A 84 -0.34 -7.11 -5.25
CA ILE A 84 0.69 -6.43 -6.03
C ILE A 84 0.42 -6.57 -7.54
N ARG A 85 0.12 -5.45 -8.20
CA ARG A 85 -0.08 -5.44 -9.65
C ARG A 85 1.27 -5.39 -10.39
N GLY A 86 2.18 -4.57 -9.90
CA GLY A 86 3.54 -4.51 -10.46
C GLY A 86 3.58 -4.12 -11.93
N GLY A 87 2.90 -3.04 -12.30
CA GLY A 87 2.90 -2.61 -13.69
C GLY A 87 2.23 -1.26 -13.93
N PHE A 88 2.84 -0.20 -13.40
CA PHE A 88 2.34 1.17 -13.64
C PHE A 88 3.47 2.07 -14.20
N GLY A 89 3.59 2.10 -15.53
CA GLY A 89 4.66 2.88 -16.16
C GLY A 89 6.02 2.18 -16.11
N GLY A 90 6.41 1.70 -14.93
CA GLY A 90 7.67 0.98 -14.78
C GLY A 90 7.83 0.31 -13.42
N ARG A 91 7.47 1.03 -12.36
CA ARG A 91 7.60 0.51 -10.99
C ARG A 91 6.35 -0.26 -10.53
N LYS A 92 6.46 -0.89 -9.37
CA LYS A 92 5.40 -1.75 -8.84
C LYS A 92 4.37 -0.96 -8.03
N GLU A 93 3.26 -1.62 -7.70
CA GLU A 93 2.14 -0.98 -7.01
C GLU A 93 1.35 -1.99 -6.16
N ALA A 94 0.82 -1.51 -5.04
CA ALA A 94 0.04 -2.36 -4.13
C ALA A 94 -1.40 -1.85 -3.97
N HIS A 95 -2.37 -2.66 -4.38
CA HIS A 95 -3.80 -2.28 -4.28
C HIS A 95 -4.41 -2.78 -2.98
N LEU A 96 -4.95 -1.85 -2.19
CA LEU A 96 -5.57 -2.19 -0.91
C LEU A 96 -7.04 -2.64 -1.10
N MET A 97 -7.42 -3.68 -0.38
CA MET A 97 -8.78 -4.22 -0.40
C MET A 97 -9.53 -3.81 0.88
N PRO A 98 -10.88 -3.95 0.92
CA PRO A 98 -11.69 -3.57 2.11
C PRO A 98 -11.17 -4.17 3.44
N ARG A 99 -10.43 -5.28 3.36
CA ARG A 99 -9.85 -5.92 4.56
C ARG A 99 -8.46 -5.35 4.92
N SER A 100 -7.81 -4.73 3.93
CA SER A 100 -6.43 -4.23 4.10
C SER A 100 -6.33 -3.09 5.11
N THR A 101 -5.60 -3.32 6.20
CA THR A 101 -5.34 -2.29 7.22
C THR A 101 -3.88 -1.83 7.20
N VAL A 102 -3.56 -0.75 7.91
CA VAL A 102 -2.18 -0.24 7.96
C VAL A 102 -1.71 0.01 9.40
N GLU A 103 -0.50 -0.45 9.71
CA GLU A 103 0.13 -0.19 11.01
C GLU A 103 1.43 0.61 10.81
N VAL A 104 1.77 1.46 11.77
CA VAL A 104 2.99 2.29 11.66
C VAL A 104 4.22 1.55 12.25
N LEU A 105 5.33 1.60 11.51
CA LEU A 105 6.57 0.95 11.96
C LEU A 105 7.54 1.96 12.58
N ASP A 106 8.77 1.51 12.89
CA ASP A 106 9.69 2.27 13.75
C ASP A 106 9.08 2.35 15.16
N PRO A 107 9.89 2.54 16.24
CA PRO A 107 9.52 2.15 17.61
C PRO A 107 8.12 1.53 17.73
N LEU A 108 8.06 0.24 17.37
CA LEU A 108 6.82 -0.48 17.03
C LEU A 108 5.69 -0.33 18.06
N GLU A 109 4.49 -0.05 17.55
CA GLU A 109 3.27 -0.09 18.34
C GLU A 109 3.05 -1.48 18.95
N HIS A 110 2.90 -2.48 18.08
CA HIS A 110 2.76 -3.89 18.52
C HIS A 110 3.65 -4.83 17.67
N MET A 1 18.20 -22.17 0.89
CA MET A 1 18.63 -22.50 2.27
C MET A 1 17.48 -22.30 3.29
N LYS A 2 16.96 -21.07 3.37
CA LYS A 2 15.83 -20.76 4.27
C LYS A 2 14.86 -19.77 3.60
N PRO A 3 13.68 -20.24 3.15
CA PRO A 3 12.70 -19.39 2.48
C PRO A 3 11.70 -18.74 3.47
N GLU A 4 11.74 -17.42 3.58
CA GLU A 4 10.80 -16.69 4.44
C GLU A 4 9.47 -16.42 3.71
N HIS A 5 8.41 -17.05 4.19
CA HIS A 5 7.10 -17.01 3.53
C HIS A 5 6.14 -16.01 4.21
N ARG A 6 5.29 -15.38 3.39
CA ARG A 6 4.20 -14.50 3.87
C ARG A 6 4.73 -13.16 4.42
N MET A 7 5.90 -12.75 3.93
CA MET A 7 6.49 -11.45 4.27
C MET A 7 7.58 -11.09 3.26
N ASP A 8 7.25 -10.23 2.29
CA ASP A 8 8.15 -9.92 1.18
C ASP A 8 8.53 -8.42 1.14
N THR A 9 9.79 -8.14 0.81
CA THR A 9 10.25 -6.75 0.63
C THR A 9 9.81 -6.20 -0.72
N ILE A 10 9.97 -4.90 -0.93
CA ILE A 10 9.46 -4.24 -2.14
C ILE A 10 10.00 -4.87 -3.44
N SER A 11 11.24 -5.39 -3.42
CA SER A 11 11.79 -6.13 -4.58
C SER A 11 11.18 -7.53 -4.69
N LYS A 12 10.83 -8.13 -3.55
CA LYS A 12 10.20 -9.45 -3.52
C LYS A 12 8.71 -9.39 -3.89
N LEU A 13 8.13 -8.19 -3.87
CA LEU A 13 6.73 -8.01 -4.29
C LEU A 13 6.54 -8.32 -5.78
N GLU A 14 6.25 -9.59 -6.07
CA GLU A 14 6.10 -10.05 -7.45
C GLU A 14 4.69 -9.77 -7.99
N GLU A 15 4.61 -9.47 -9.29
CA GLU A 15 3.32 -9.18 -9.93
C GLU A 15 2.33 -10.36 -9.81
N GLY A 16 1.11 -10.06 -9.36
CA GLY A 16 0.09 -11.09 -9.20
C GLY A 16 0.18 -11.83 -7.87
N ALA A 17 1.12 -11.44 -7.01
CA ALA A 17 1.31 -12.08 -5.71
C ALA A 17 0.56 -11.32 -4.60
N GLU A 18 0.05 -12.05 -3.60
CA GLU A 18 -0.63 -11.43 -2.46
C GLU A 18 0.24 -11.53 -1.19
N THR A 19 0.78 -10.41 -0.76
CA THR A 19 1.64 -10.34 0.43
C THR A 19 1.57 -8.95 1.08
N PRO A 20 1.79 -8.83 2.40
CA PRO A 20 1.83 -7.51 3.08
C PRO A 20 3.08 -6.70 2.68
N VAL A 21 2.97 -5.37 2.71
CA VAL A 21 4.07 -4.50 2.28
C VAL A 21 4.49 -3.52 3.38
N THR A 22 5.74 -3.08 3.34
CA THR A 22 6.28 -2.16 4.35
C THR A 22 7.27 -1.17 3.74
N GLY A 23 7.27 0.07 4.22
CA GLY A 23 8.22 1.07 3.75
C GLY A 23 8.02 2.44 4.39
N ARG A 24 9.05 3.29 4.31
CA ARG A 24 8.96 4.65 4.84
C ARG A 24 8.30 5.60 3.81
N VAL A 25 7.21 6.24 4.22
CA VAL A 25 6.46 7.15 3.34
C VAL A 25 7.31 8.36 2.90
N MET A 26 7.52 8.49 1.60
CA MET A 26 8.24 9.64 1.04
C MET A 26 7.25 10.73 0.60
N LYS A 27 6.32 10.37 -0.30
CA LYS A 27 5.32 11.34 -0.80
C LYS A 27 3.89 10.75 -0.71
N ILE A 28 2.91 11.61 -0.41
CA ILE A 28 1.50 11.19 -0.35
C ILE A 28 0.63 11.98 -1.34
N SER A 29 0.12 11.29 -2.36
CA SER A 29 -0.76 11.91 -3.36
C SER A 29 -2.22 11.85 -2.92
N SER A 30 -2.87 13.01 -2.87
CA SER A 30 -4.26 13.14 -2.40
C SER A 30 -5.24 12.23 -3.17
N PRO A 31 -6.35 11.81 -2.51
CA PRO A 31 -7.38 10.97 -3.15
C PRO A 31 -8.07 11.65 -4.36
N ARG A 32 -8.25 10.89 -5.44
CA ARG A 32 -8.98 11.36 -6.61
C ARG A 32 -10.39 10.74 -6.64
N THR A 33 -11.41 11.58 -6.78
CA THR A 33 -12.81 11.11 -6.75
C THR A 33 -13.29 10.72 -8.16
N PHE A 34 -14.10 9.66 -8.26
CA PHE A 34 -14.62 9.17 -9.54
C PHE A 34 -15.98 8.48 -9.36
N THR A 35 -16.69 8.26 -10.47
CA THR A 35 -18.00 7.61 -10.43
C THR A 35 -17.88 6.08 -10.45
N THR A 36 -18.61 5.41 -9.57
CA THR A 36 -18.57 3.95 -9.46
C THR A 36 -19.64 3.28 -10.33
N ARG A 37 -19.66 1.94 -10.32
CA ARG A 37 -20.63 1.17 -11.11
C ARG A 37 -21.90 0.83 -10.31
N LYS A 38 -22.06 1.41 -9.13
CA LYS A 38 -23.22 1.11 -8.28
C LYS A 38 -23.74 2.35 -7.54
N GLY A 39 -22.97 2.87 -6.58
CA GLY A 39 -23.43 4.03 -5.83
C GLY A 39 -22.52 4.45 -4.68
N ARG A 40 -21.22 4.42 -4.90
CA ARG A 40 -20.25 4.90 -3.91
C ARG A 40 -19.56 6.17 -4.41
N GLU A 41 -18.96 6.94 -3.51
CA GLU A 41 -18.35 8.22 -3.90
C GLU A 41 -17.12 8.01 -4.80
N GLY A 42 -16.48 6.85 -4.68
CA GLY A 42 -15.36 6.49 -5.55
C GLY A 42 -14.12 7.34 -5.36
N LYS A 43 -13.08 6.77 -4.76
CA LYS A 43 -11.82 7.48 -4.54
C LYS A 43 -10.61 6.55 -4.61
N LEU A 44 -9.47 7.11 -5.03
CA LEU A 44 -8.21 6.38 -5.11
C LEU A 44 -7.03 7.30 -4.74
N ALA A 45 -6.11 6.81 -3.92
CA ALA A 45 -4.94 7.61 -3.50
C ALA A 45 -3.64 6.86 -3.79
N ASN A 46 -2.54 7.61 -3.93
CA ASN A 46 -1.23 7.02 -4.23
C ASN A 46 -0.18 7.44 -3.19
N VAL A 47 0.28 6.48 -2.38
CA VAL A 47 1.32 6.74 -1.39
C VAL A 47 2.63 6.04 -1.76
N ILE A 48 3.70 6.83 -1.90
CA ILE A 48 5.01 6.29 -2.28
C ILE A 48 5.85 5.96 -1.04
N ILE A 49 6.00 4.67 -0.76
CA ILE A 49 6.80 4.19 0.38
C ILE A 49 8.12 3.58 -0.11
N ALA A 50 9.21 3.81 0.60
CA ALA A 50 10.53 3.36 0.14
C ALA A 50 11.19 2.36 1.09
N ASP A 51 11.77 1.32 0.51
CA ASP A 51 12.53 0.30 1.23
C ASP A 51 13.93 0.16 0.61
N ASP A 52 14.84 -0.52 1.30
CA ASP A 52 16.21 -0.74 0.81
C ASP A 52 16.23 -1.42 -0.57
N THR A 53 15.13 -2.08 -0.94
CA THR A 53 15.04 -2.78 -2.23
C THR A 53 14.24 -1.99 -3.28
N GLY A 54 13.95 -0.72 -3.00
CA GLY A 54 13.18 0.09 -3.94
C GLY A 54 11.95 0.73 -3.30
N GLU A 55 11.32 1.68 -3.99
CA GLU A 55 10.08 2.30 -3.50
C GLU A 55 8.85 1.75 -4.23
N LEU A 56 7.67 1.92 -3.62
CA LEU A 56 6.45 1.27 -4.07
C LEU A 56 5.27 2.27 -4.15
N ARG A 57 4.39 2.08 -5.13
CA ARG A 57 3.18 2.89 -5.25
C ARG A 57 1.98 2.19 -4.57
N ALA A 58 1.65 2.62 -3.36
CA ALA A 58 0.51 2.06 -2.61
C ALA A 58 -0.80 2.75 -2.99
N VAL A 59 -1.74 1.98 -3.54
CA VAL A 59 -3.03 2.51 -3.99
C VAL A 59 -4.13 2.34 -2.93
N PHE A 60 -4.55 3.45 -2.32
CA PHE A 60 -5.62 3.45 -1.33
C PHE A 60 -6.98 3.74 -1.99
N TRP A 61 -7.78 2.69 -2.14
CA TRP A 61 -9.14 2.81 -2.69
C TRP A 61 -10.12 3.38 -1.66
N THR A 62 -11.27 3.88 -2.14
CA THR A 62 -12.32 4.47 -1.28
C THR A 62 -12.52 3.73 0.04
N GLU A 63 -12.42 2.40 0.02
CA GLU A 63 -12.59 1.58 1.23
C GLU A 63 -11.50 1.87 2.28
N ASN A 64 -10.29 2.17 1.83
CA ASN A 64 -9.13 2.36 2.72
C ASN A 64 -8.71 3.83 2.87
N ILE A 65 -9.46 4.76 2.27
CA ILE A 65 -9.15 6.20 2.40
C ILE A 65 -9.05 6.63 3.87
N LYS A 66 -9.88 6.02 4.72
CA LYS A 66 -9.89 6.30 6.16
C LYS A 66 -8.53 6.01 6.83
N LEU A 67 -7.66 5.25 6.17
CA LEU A 67 -6.35 4.90 6.71
C LEU A 67 -5.33 6.04 6.51
N LEU A 68 -5.57 6.90 5.52
CA LEU A 68 -4.64 7.99 5.17
C LEU A 68 -4.39 8.93 6.35
N LYS A 69 -5.42 9.16 7.17
CA LYS A 69 -5.32 10.11 8.30
C LYS A 69 -4.50 9.53 9.47
N LYS A 70 -4.24 8.22 9.44
CA LYS A 70 -3.49 7.56 10.52
C LYS A 70 -2.01 7.94 10.53
N PHE A 71 -1.43 8.16 9.34
CA PHE A 71 0.01 8.46 9.23
C PHE A 71 0.27 9.80 8.52
N ARG A 72 1.52 10.24 8.55
CA ARG A 72 1.94 11.49 7.90
C ARG A 72 2.96 11.21 6.80
N GLU A 73 3.14 12.18 5.90
CA GLU A 73 4.15 12.07 4.84
C GLU A 73 5.56 12.12 5.44
N GLY A 74 6.10 10.96 5.80
CA GLY A 74 7.41 10.88 6.42
C GLY A 74 7.52 9.75 7.45
N ASP A 75 6.39 9.19 7.85
CA ASP A 75 6.35 8.08 8.81
C ASP A 75 6.54 6.73 8.10
N VAL A 76 6.79 5.68 8.88
CA VAL A 76 6.97 4.33 8.33
C VAL A 76 5.68 3.51 8.49
N ILE A 77 5.17 2.93 7.40
CA ILE A 77 3.91 2.17 7.47
C ILE A 77 4.05 0.74 6.94
N ARG A 78 3.30 -0.16 7.54
CA ARG A 78 3.14 -1.54 7.05
C ARG A 78 1.69 -1.78 6.63
N ILE A 79 1.46 -1.97 5.34
CA ILE A 79 0.11 -2.26 4.84
C ILE A 79 -0.14 -3.76 4.80
N LYS A 80 -1.12 -4.22 5.58
CA LYS A 80 -1.36 -5.65 5.76
C LYS A 80 -2.43 -6.17 4.78
N ASP A 81 -2.09 -7.27 4.08
CA ASP A 81 -2.98 -7.92 3.11
C ASP A 81 -3.31 -7.04 1.89
N VAL A 82 -2.47 -7.12 0.86
CA VAL A 82 -2.71 -6.39 -0.41
C VAL A 82 -2.34 -7.25 -1.63
N ASN A 83 -2.69 -6.77 -2.82
CA ASN A 83 -2.35 -7.47 -4.07
C ASN A 83 -1.42 -6.63 -4.95
N ILE A 84 -0.29 -7.21 -5.36
CA ILE A 84 0.69 -6.52 -6.20
C ILE A 84 0.30 -6.59 -7.68
N ARG A 85 0.12 -5.43 -8.32
CA ARG A 85 -0.26 -5.39 -9.74
C ARG A 85 0.95 -5.16 -10.67
N GLY A 86 2.16 -5.20 -10.11
CA GLY A 86 3.37 -5.12 -10.92
C GLY A 86 3.83 -3.70 -11.23
N GLY A 87 2.91 -2.74 -11.26
CA GLY A 87 3.25 -1.36 -11.60
C GLY A 87 3.78 -1.22 -13.03
N PHE A 88 2.92 -1.51 -14.01
CA PHE A 88 3.30 -1.48 -15.42
C PHE A 88 4.00 -0.17 -15.81
N GLY A 89 5.32 -0.26 -16.02
CA GLY A 89 6.09 0.91 -16.44
C GLY A 89 7.41 1.05 -15.68
N GLY A 90 7.39 0.77 -14.38
CA GLY A 90 8.59 0.90 -13.56
C GLY A 90 8.34 0.67 -12.07
N ARG A 91 7.59 1.57 -11.44
CA ARG A 91 7.28 1.46 -10.02
C ARG A 91 6.13 0.47 -9.78
N LYS A 92 6.44 -0.66 -9.15
CA LYS A 92 5.42 -1.64 -8.76
C LYS A 92 4.37 -1.00 -7.84
N GLU A 93 3.17 -1.59 -7.83
CA GLU A 93 2.04 -1.00 -7.09
C GLU A 93 1.29 -2.06 -6.27
N ALA A 94 0.77 -1.62 -5.12
CA ALA A 94 0.00 -2.49 -4.22
C ALA A 94 -1.40 -1.90 -3.98
N HIS A 95 -2.43 -2.63 -4.41
CA HIS A 95 -3.82 -2.17 -4.26
C HIS A 95 -4.44 -2.71 -2.96
N LEU A 96 -5.07 -1.81 -2.21
CA LEU A 96 -5.68 -2.17 -0.92
C LEU A 96 -7.14 -2.65 -1.07
N MET A 97 -7.61 -3.36 -0.06
CA MET A 97 -8.98 -3.89 -0.02
C MET A 97 -9.68 -3.46 1.29
N PRO A 98 -11.03 -3.53 1.37
CA PRO A 98 -11.78 -3.14 2.59
C PRO A 98 -11.21 -3.76 3.89
N ARG A 99 -10.72 -4.99 3.78
CA ARG A 99 -10.19 -5.72 4.95
C ARG A 99 -8.68 -5.45 5.17
N SER A 100 -8.13 -4.48 4.45
CA SER A 100 -6.72 -4.10 4.59
C SER A 100 -6.52 -3.03 5.66
N THR A 101 -5.53 -3.22 6.52
CA THR A 101 -5.23 -2.27 7.60
C THR A 101 -3.75 -1.85 7.58
N VAL A 102 -3.44 -0.66 8.10
CA VAL A 102 -2.06 -0.15 8.11
C VAL A 102 -1.54 0.07 9.55
N GLU A 103 -0.37 -0.49 9.84
CA GLU A 103 0.27 -0.31 11.14
C GLU A 103 1.65 0.34 10.98
N VAL A 104 1.91 1.41 11.74
CA VAL A 104 3.16 2.17 11.62
C VAL A 104 4.34 1.48 12.33
N LEU A 105 5.52 1.58 11.72
CA LEU A 105 6.74 0.93 12.23
C LEU A 105 7.87 1.94 12.46
N ASP A 106 9.04 1.41 12.84
CA ASP A 106 10.22 2.21 13.22
C ASP A 106 10.08 2.70 14.70
N PRO A 107 9.23 3.71 15.05
CA PRO A 107 8.72 3.83 16.42
C PRO A 107 7.62 2.77 16.66
N LEU A 108 8.02 1.62 17.21
CA LEU A 108 7.11 0.46 17.28
C LEU A 108 5.91 0.69 18.21
N GLU A 109 4.83 1.15 17.60
CA GLU A 109 3.53 1.31 18.27
C GLU A 109 2.92 -0.06 18.63
N HIS A 110 3.30 -1.08 17.87
CA HIS A 110 2.70 -2.42 17.97
C HIS A 110 3.01 -3.12 19.32
N MET A 1 8.91 -29.09 6.34
CA MET A 1 8.09 -27.95 5.84
C MET A 1 8.96 -26.72 5.53
N LYS A 2 8.71 -26.09 4.39
CA LYS A 2 9.41 -24.86 4.00
C LYS A 2 8.63 -24.15 2.86
N PRO A 3 7.60 -23.37 3.21
CA PRO A 3 6.79 -22.62 2.25
C PRO A 3 7.33 -21.20 1.99
N GLU A 4 7.65 -20.90 0.73
CA GLU A 4 8.14 -19.56 0.36
C GLU A 4 6.98 -18.56 0.24
N HIS A 5 6.53 -18.04 1.39
CA HIS A 5 5.54 -16.97 1.42
C HIS A 5 5.65 -16.16 2.72
N ARG A 6 6.70 -15.35 2.80
CA ARG A 6 6.83 -14.36 3.88
C ARG A 6 6.26 -13.02 3.39
N MET A 7 6.66 -11.93 4.02
CA MET A 7 6.36 -10.61 3.46
C MET A 7 7.51 -10.17 2.55
N ASP A 8 7.43 -10.57 1.28
CA ASP A 8 8.47 -10.28 0.29
C ASP A 8 8.80 -8.78 0.22
N THR A 9 10.09 -8.46 0.15
CA THR A 9 10.54 -7.06 0.05
C THR A 9 10.18 -6.47 -1.32
N ILE A 10 10.29 -5.16 -1.46
CA ILE A 10 9.84 -4.47 -2.68
C ILE A 10 10.53 -4.99 -3.96
N SER A 11 11.75 -5.50 -3.82
CA SER A 11 12.42 -6.17 -4.95
C SER A 11 11.74 -7.50 -5.31
N LYS A 12 11.28 -8.23 -4.30
CA LYS A 12 10.65 -9.55 -4.50
C LYS A 12 9.12 -9.47 -4.69
N LEU A 13 8.54 -8.28 -4.53
CA LEU A 13 7.09 -8.11 -4.73
C LEU A 13 6.66 -8.59 -6.13
N GLU A 14 6.01 -9.74 -6.15
CA GLU A 14 5.60 -10.39 -7.40
C GLU A 14 4.13 -10.14 -7.73
N GLU A 15 3.83 -9.80 -8.98
CA GLU A 15 2.46 -9.53 -9.41
C GLU A 15 1.55 -10.76 -9.20
N GLY A 16 0.32 -10.50 -8.75
CA GLY A 16 -0.62 -11.59 -8.47
C GLY A 16 -0.47 -12.15 -7.06
N ALA A 17 0.63 -11.82 -6.39
CA ALA A 17 0.91 -12.32 -5.04
C ALA A 17 0.25 -11.46 -3.96
N GLU A 18 -0.45 -12.11 -3.02
CA GLU A 18 -1.02 -11.42 -1.86
C GLU A 18 -0.04 -11.46 -0.68
N THR A 19 0.49 -10.29 -0.32
CA THR A 19 1.44 -10.18 0.80
C THR A 19 1.36 -8.80 1.47
N PRO A 20 1.62 -8.72 2.79
CA PRO A 20 1.79 -7.43 3.48
C PRO A 20 3.10 -6.74 3.06
N VAL A 21 3.07 -5.42 2.94
CA VAL A 21 4.25 -4.65 2.48
C VAL A 21 4.65 -3.57 3.50
N THR A 22 5.95 -3.23 3.50
CA THR A 22 6.46 -2.19 4.39
C THR A 22 7.26 -1.15 3.60
N GLY A 23 7.11 0.12 3.96
CA GLY A 23 7.83 1.19 3.28
C GLY A 23 7.78 2.53 4.00
N ARG A 24 8.80 3.35 3.78
CA ARG A 24 8.86 4.68 4.40
C ARG A 24 8.11 5.71 3.54
N VAL A 25 7.05 6.30 4.09
CA VAL A 25 6.19 7.23 3.34
C VAL A 25 6.96 8.51 2.93
N MET A 26 7.22 8.65 1.63
CA MET A 26 7.91 9.83 1.12
C MET A 26 6.96 10.78 0.36
N LYS A 27 6.02 10.20 -0.39
CA LYS A 27 5.04 11.00 -1.16
C LYS A 27 3.60 10.56 -0.88
N ILE A 28 2.74 11.51 -0.51
CA ILE A 28 1.30 11.25 -0.36
C ILE A 28 0.47 12.14 -1.30
N SER A 29 -0.23 11.51 -2.24
CA SER A 29 -1.13 12.24 -3.15
C SER A 29 -2.57 12.21 -2.62
N SER A 30 -3.27 13.34 -2.73
CA SER A 30 -4.63 13.49 -2.19
C SER A 30 -5.62 12.50 -2.85
N PRO A 31 -6.66 12.08 -2.11
CA PRO A 31 -7.71 11.19 -2.65
C PRO A 31 -8.44 11.80 -3.85
N ARG A 32 -8.33 11.15 -5.01
CA ARG A 32 -9.00 11.61 -6.22
C ARG A 32 -10.37 10.91 -6.37
N THR A 33 -11.42 11.71 -6.57
CA THR A 33 -12.78 11.19 -6.64
C THR A 33 -13.17 10.84 -8.09
N PHE A 34 -13.91 9.73 -8.26
CA PHE A 34 -14.35 9.29 -9.60
C PHE A 34 -15.73 8.62 -9.54
N THR A 35 -16.52 8.77 -10.60
CA THR A 35 -17.90 8.27 -10.61
C THR A 35 -17.96 6.79 -11.02
N THR A 36 -18.22 5.91 -10.05
CA THR A 36 -18.45 4.48 -10.34
C THR A 36 -19.95 4.17 -10.39
N ARG A 37 -20.33 3.19 -11.21
CA ARG A 37 -21.73 2.81 -11.38
C ARG A 37 -22.21 1.91 -10.23
N LYS A 38 -21.34 1.63 -9.26
CA LYS A 38 -21.70 0.79 -8.11
C LYS A 38 -22.62 1.52 -7.12
N GLY A 39 -22.32 2.78 -6.82
CA GLY A 39 -23.15 3.55 -5.89
C GLY A 39 -22.37 4.56 -5.06
N ARG A 40 -21.12 4.23 -4.72
CA ARG A 40 -20.29 5.12 -3.89
C ARG A 40 -19.60 6.20 -4.74
N GLU A 41 -19.16 7.27 -4.10
CA GLU A 41 -18.60 8.43 -4.82
C GLU A 41 -17.24 8.12 -5.48
N GLY A 42 -16.63 6.99 -5.11
CA GLY A 42 -15.38 6.56 -5.74
C GLY A 42 -14.17 7.44 -5.40
N LYS A 43 -13.11 6.83 -4.86
CA LYS A 43 -11.88 7.55 -4.49
C LYS A 43 -10.65 6.66 -4.66
N LEU A 44 -9.52 7.28 -4.99
CA LEU A 44 -8.23 6.59 -5.05
C LEU A 44 -7.09 7.52 -4.63
N ALA A 45 -6.16 7.01 -3.84
CA ALA A 45 -5.02 7.79 -3.36
C ALA A 45 -3.69 7.09 -3.67
N ASN A 46 -2.70 7.86 -4.12
CA ASN A 46 -1.38 7.30 -4.44
C ASN A 46 -0.35 7.68 -3.38
N VAL A 47 0.09 6.68 -2.62
CA VAL A 47 1.13 6.89 -1.59
C VAL A 47 2.43 6.16 -1.98
N ILE A 48 3.49 6.92 -2.21
CA ILE A 48 4.78 6.33 -2.58
C ILE A 48 5.66 6.07 -1.35
N ILE A 49 5.86 4.80 -1.05
CA ILE A 49 6.68 4.38 0.09
C ILE A 49 8.03 3.83 -0.37
N ALA A 50 9.09 4.10 0.38
CA ALA A 50 10.44 3.71 -0.02
C ALA A 50 11.08 2.73 0.97
N ASP A 51 11.52 1.58 0.45
CA ASP A 51 12.26 0.59 1.24
C ASP A 51 13.73 0.54 0.76
N ASP A 52 14.58 -0.13 1.53
CA ASP A 52 15.99 -0.30 1.18
C ASP A 52 16.16 -0.92 -0.23
N THR A 53 15.22 -1.77 -0.62
CA THR A 53 15.34 -2.51 -1.90
C THR A 53 14.56 -1.86 -3.07
N GLY A 54 13.91 -0.73 -2.81
CA GLY A 54 13.11 -0.10 -3.87
C GLY A 54 11.91 0.69 -3.36
N GLU A 55 11.27 1.46 -4.25
CA GLU A 55 10.05 2.20 -3.89
C GLU A 55 8.80 1.46 -4.39
N LEU A 56 7.67 1.65 -3.69
CA LEU A 56 6.41 0.99 -4.05
C LEU A 56 5.26 2.00 -4.15
N ARG A 57 4.36 1.77 -5.11
CA ARG A 57 3.18 2.61 -5.28
C ARG A 57 1.98 2.02 -4.54
N ALA A 58 1.68 2.56 -3.37
CA ALA A 58 0.56 2.08 -2.54
C ALA A 58 -0.75 2.77 -2.96
N VAL A 59 -1.67 2.01 -3.53
CA VAL A 59 -2.95 2.56 -4.00
C VAL A 59 -4.06 2.38 -2.95
N PHE A 60 -4.45 3.49 -2.32
CA PHE A 60 -5.54 3.48 -1.34
C PHE A 60 -6.89 3.78 -2.01
N TRP A 61 -7.70 2.74 -2.21
CA TRP A 61 -9.03 2.88 -2.79
C TRP A 61 -10.04 3.44 -1.79
N THR A 62 -11.16 3.96 -2.28
CA THR A 62 -12.23 4.54 -1.45
C THR A 62 -12.49 3.76 -0.14
N GLU A 63 -12.31 2.45 -0.19
CA GLU A 63 -12.48 1.60 0.99
C GLU A 63 -11.47 1.94 2.10
N ASN A 64 -10.21 2.13 1.71
CA ASN A 64 -9.10 2.31 2.65
C ASN A 64 -8.75 3.78 2.94
N ILE A 65 -9.50 4.72 2.36
CA ILE A 65 -9.27 6.15 2.61
C ILE A 65 -9.26 6.48 4.12
N LYS A 66 -10.06 5.72 4.87
CA LYS A 66 -10.15 5.88 6.34
C LYS A 66 -8.79 5.65 7.05
N LEU A 67 -7.83 5.04 6.35
CA LEU A 67 -6.52 4.75 6.94
C LEU A 67 -5.54 5.93 6.79
N LEU A 68 -5.78 6.80 5.80
CA LEU A 68 -4.88 7.92 5.51
C LEU A 68 -4.70 8.85 6.73
N LYS A 69 -5.73 8.95 7.56
CA LYS A 69 -5.70 9.83 8.74
C LYS A 69 -4.79 9.30 9.87
N LYS A 70 -4.25 8.09 9.70
CA LYS A 70 -3.36 7.51 10.72
C LYS A 70 -1.92 8.04 10.63
N PHE A 71 -1.36 8.06 9.42
CA PHE A 71 0.07 8.38 9.25
C PHE A 71 0.29 9.74 8.57
N ARG A 72 1.54 10.22 8.64
CA ARG A 72 1.95 11.47 8.00
C ARG A 72 2.89 11.19 6.81
N GLU A 73 3.10 12.20 5.97
CA GLU A 73 4.04 12.07 4.85
C GLU A 73 5.49 12.09 5.37
N GLY A 74 5.92 10.97 5.93
CA GLY A 74 7.24 10.89 6.54
C GLY A 74 7.40 9.69 7.48
N ASP A 75 6.30 9.16 8.00
CA ASP A 75 6.33 7.97 8.86
C ASP A 75 6.57 6.69 8.05
N VAL A 76 7.07 5.65 8.70
CA VAL A 76 7.21 4.35 8.07
C VAL A 76 5.96 3.49 8.30
N ILE A 77 5.30 3.05 7.24
CA ILE A 77 4.05 2.28 7.38
C ILE A 77 4.19 0.83 6.89
N ARG A 78 3.36 -0.03 7.45
CA ARG A 78 3.29 -1.44 7.05
C ARG A 78 1.84 -1.78 6.66
N ILE A 79 1.61 -2.03 5.38
CA ILE A 79 0.26 -2.31 4.88
C ILE A 79 -0.02 -3.82 4.88
N LYS A 80 -1.09 -4.22 5.55
CA LYS A 80 -1.38 -5.64 5.76
C LYS A 80 -2.32 -6.21 4.68
N ASP A 81 -1.88 -7.30 4.04
CA ASP A 81 -2.66 -8.02 3.03
C ASP A 81 -3.02 -7.14 1.81
N VAL A 82 -2.12 -7.09 0.82
CA VAL A 82 -2.39 -6.37 -0.43
C VAL A 82 -2.04 -7.24 -1.66
N ASN A 83 -2.61 -6.87 -2.81
CA ASN A 83 -2.33 -7.57 -4.07
C ASN A 83 -1.37 -6.75 -4.93
N ILE A 84 -0.22 -7.33 -5.25
CA ILE A 84 0.79 -6.66 -6.06
C ILE A 84 0.44 -6.75 -7.56
N ARG A 85 0.36 -5.60 -8.23
CA ARG A 85 0.14 -5.58 -9.69
C ARG A 85 1.45 -5.31 -10.44
N GLY A 86 2.34 -4.53 -9.83
CA GLY A 86 3.62 -4.24 -10.46
C GLY A 86 3.54 -3.16 -11.54
N GLY A 87 3.81 -1.92 -11.16
CA GLY A 87 3.90 -0.84 -12.12
C GLY A 87 5.04 -1.05 -13.12
N PHE A 88 4.69 -1.11 -14.41
CA PHE A 88 5.68 -1.36 -15.46
C PHE A 88 6.77 -0.27 -15.49
N GLY A 89 6.40 0.96 -15.16
CA GLY A 89 7.36 2.06 -15.19
C GLY A 89 8.33 2.05 -14.00
N GLY A 90 9.25 1.08 -14.00
CA GLY A 90 10.28 1.01 -12.95
C GLY A 90 9.77 0.48 -11.61
N ARG A 91 9.07 1.34 -10.87
CA ARG A 91 8.62 1.00 -9.52
C ARG A 91 7.25 0.30 -9.52
N LYS A 92 7.14 -0.77 -8.72
CA LYS A 92 5.94 -1.60 -8.67
C LYS A 92 4.76 -0.89 -7.97
N GLU A 93 3.65 -1.62 -7.80
CA GLU A 93 2.44 -1.04 -7.20
C GLU A 93 1.63 -2.12 -6.44
N ALA A 94 0.97 -1.69 -5.37
CA ALA A 94 0.18 -2.60 -4.52
C ALA A 94 -1.22 -2.02 -4.26
N HIS A 95 -2.25 -2.82 -4.50
CA HIS A 95 -3.64 -2.40 -4.30
C HIS A 95 -4.22 -2.95 -2.98
N LEU A 96 -4.81 -2.06 -2.19
CA LEU A 96 -5.37 -2.42 -0.89
C LEU A 96 -6.79 -3.00 -1.00
N MET A 97 -7.24 -3.64 0.08
CA MET A 97 -8.56 -4.28 0.12
C MET A 97 -9.40 -3.67 1.26
N PRO A 98 -10.75 -3.77 1.19
CA PRO A 98 -11.64 -3.24 2.24
C PRO A 98 -11.21 -3.61 3.68
N ARG A 99 -10.65 -4.81 3.85
CA ARG A 99 -10.24 -5.29 5.18
C ARG A 99 -8.77 -4.97 5.50
N SER A 100 -8.01 -4.49 4.51
CA SER A 100 -6.58 -4.19 4.70
C SER A 100 -6.36 -3.07 5.72
N THR A 101 -5.56 -3.38 6.75
CA THR A 101 -5.21 -2.39 7.78
C THR A 101 -3.75 -1.97 7.66
N VAL A 102 -3.41 -0.78 8.18
CA VAL A 102 -2.02 -0.29 8.14
C VAL A 102 -1.46 -0.07 9.56
N GLU A 103 -0.30 -0.66 9.82
CA GLU A 103 0.38 -0.51 11.12
C GLU A 103 1.71 0.23 10.95
N VAL A 104 1.97 1.20 11.82
CA VAL A 104 3.17 2.04 11.70
C VAL A 104 4.44 1.38 12.30
N LEU A 105 5.54 1.48 11.58
CA LEU A 105 6.84 1.00 12.05
C LEU A 105 7.82 2.18 12.23
N ASP A 106 8.92 1.92 12.94
CA ASP A 106 9.86 2.97 13.43
C ASP A 106 9.45 3.43 14.85
N PRO A 107 8.22 3.99 15.04
CA PRO A 107 7.51 3.84 16.33
C PRO A 107 7.06 2.37 16.48
N LEU A 108 5.83 2.13 16.98
CA LEU A 108 5.28 0.76 16.96
C LEU A 108 3.81 0.74 17.44
N GLU A 109 2.98 -0.06 16.76
CA GLU A 109 1.59 -0.31 17.19
C GLU A 109 1.56 -1.27 18.40
N HIS A 110 2.22 -2.42 18.25
CA HIS A 110 2.36 -3.40 19.34
C HIS A 110 3.25 -2.88 20.48
N MET A 1 3.54 -24.01 -4.84
CA MET A 1 2.80 -25.26 -4.49
C MET A 1 3.25 -25.84 -3.12
N LYS A 2 4.21 -25.18 -2.47
CA LYS A 2 4.70 -25.61 -1.14
C LYS A 2 4.50 -24.50 -0.10
N PRO A 3 4.48 -24.83 1.21
CA PRO A 3 4.31 -23.82 2.27
C PRO A 3 5.31 -22.65 2.18
N GLU A 4 4.90 -21.58 1.49
CA GLU A 4 5.74 -20.40 1.32
C GLU A 4 5.52 -19.38 2.45
N HIS A 5 6.52 -19.27 3.33
CA HIS A 5 6.43 -18.36 4.49
C HIS A 5 7.77 -17.65 4.76
N ARG A 6 7.85 -16.38 4.40
CA ARG A 6 9.04 -15.55 4.63
C ARG A 6 8.65 -14.09 4.94
N MET A 7 9.65 -13.24 5.16
CA MET A 7 9.40 -11.81 5.45
C MET A 7 9.30 -10.98 4.16
N ASP A 8 8.29 -10.12 4.12
CA ASP A 8 8.00 -9.29 2.95
C ASP A 8 8.97 -8.10 2.80
N THR A 9 9.58 -8.00 1.62
CA THR A 9 10.39 -6.83 1.24
C THR A 9 10.01 -6.39 -0.17
N ILE A 10 10.34 -5.17 -0.55
CA ILE A 10 10.03 -4.68 -1.90
C ILE A 10 10.86 -5.43 -2.97
N SER A 11 11.98 -6.01 -2.54
CA SER A 11 12.78 -6.90 -3.42
C SER A 11 12.15 -8.30 -3.54
N LYS A 12 11.14 -8.57 -2.71
CA LYS A 12 10.39 -9.85 -2.76
C LYS A 12 8.99 -9.66 -3.38
N LEU A 13 8.58 -8.41 -3.60
CA LEU A 13 7.26 -8.12 -4.16
C LEU A 13 7.20 -8.48 -5.66
N GLU A 14 6.69 -9.68 -5.96
CA GLU A 14 6.49 -10.12 -7.35
C GLU A 14 5.07 -9.76 -7.83
N GLU A 15 4.98 -9.18 -9.03
CA GLU A 15 3.68 -8.77 -9.57
C GLU A 15 2.80 -9.99 -9.92
N GLY A 16 1.63 -10.04 -9.30
CA GLY A 16 0.77 -11.22 -9.39
C GLY A 16 0.68 -11.96 -8.07
N ALA A 17 1.54 -11.59 -7.12
CA ALA A 17 1.53 -12.20 -5.78
C ALA A 17 0.70 -11.38 -4.78
N GLU A 18 -0.02 -12.08 -3.90
CA GLU A 18 -0.77 -11.42 -2.83
C GLU A 18 0.02 -11.46 -1.51
N THR A 19 0.54 -10.31 -1.09
CA THR A 19 1.39 -10.22 0.11
C THR A 19 1.29 -8.85 0.77
N PRO A 20 1.57 -8.74 2.09
CA PRO A 20 1.75 -7.45 2.74
C PRO A 20 3.00 -6.71 2.20
N VAL A 21 2.97 -5.37 2.24
CA VAL A 21 4.08 -4.56 1.71
C VAL A 21 4.62 -3.59 2.78
N THR A 22 5.88 -3.16 2.61
CA THR A 22 6.54 -2.33 3.62
C THR A 22 7.31 -1.15 3.00
N GLY A 23 7.35 -0.01 3.70
CA GLY A 23 8.13 1.14 3.24
C GLY A 23 7.86 2.42 4.02
N ARG A 24 8.82 3.34 4.03
CA ARG A 24 8.66 4.65 4.66
C ARG A 24 7.86 5.61 3.76
N VAL A 25 6.91 6.35 4.32
CA VAL A 25 6.10 7.27 3.53
C VAL A 25 6.94 8.46 3.03
N MET A 26 7.23 8.45 1.73
CA MET A 26 8.05 9.50 1.13
C MET A 26 7.17 10.58 0.48
N LYS A 27 6.30 10.18 -0.44
CA LYS A 27 5.42 11.11 -1.17
C LYS A 27 3.97 10.61 -1.16
N ILE A 28 3.01 11.53 -0.99
CA ILE A 28 1.59 11.19 -1.04
C ILE A 28 0.85 11.97 -2.15
N SER A 29 0.12 11.26 -3.00
CA SER A 29 -0.72 11.87 -4.03
C SER A 29 -2.18 11.97 -3.56
N SER A 30 -2.79 13.15 -3.72
CA SER A 30 -4.18 13.38 -3.29
C SER A 30 -5.15 12.37 -3.90
N PRO A 31 -6.23 12.01 -3.18
CA PRO A 31 -7.23 11.05 -3.67
C PRO A 31 -7.95 11.53 -4.95
N ARG A 32 -8.06 10.64 -5.92
CA ARG A 32 -8.77 10.94 -7.17
C ARG A 32 -10.23 10.46 -7.08
N THR A 33 -11.17 11.39 -7.24
CA THR A 33 -12.60 11.07 -7.11
C THR A 33 -13.15 10.48 -8.41
N PHE A 34 -13.70 9.27 -8.34
CA PHE A 34 -14.25 8.59 -9.52
C PHE A 34 -15.72 8.21 -9.31
N THR A 35 -16.48 8.11 -10.40
CA THR A 35 -17.90 7.78 -10.32
C THR A 35 -18.11 6.25 -10.26
N THR A 36 -18.78 5.80 -9.20
CA THR A 36 -19.13 4.38 -9.05
C THR A 36 -20.63 4.14 -9.25
N ARG A 37 -21.02 2.88 -9.37
CA ARG A 37 -22.42 2.54 -9.65
C ARG A 37 -23.16 2.06 -8.38
N LYS A 38 -22.50 2.13 -7.23
CA LYS A 38 -23.10 1.68 -5.98
C LYS A 38 -23.84 2.83 -5.24
N GLY A 39 -23.16 3.95 -5.00
CA GLY A 39 -23.80 5.06 -4.30
C GLY A 39 -22.83 6.07 -3.66
N ARG A 40 -21.58 5.68 -3.45
CA ARG A 40 -20.58 6.58 -2.85
C ARG A 40 -19.90 7.46 -3.91
N GLU A 41 -19.28 8.56 -3.48
CA GLU A 41 -18.64 9.49 -4.41
C GLU A 41 -17.37 8.91 -5.05
N GLY A 42 -16.78 7.90 -4.40
CA GLY A 42 -15.64 7.19 -4.99
C GLY A 42 -14.31 7.95 -4.99
N LYS A 43 -13.28 7.35 -4.38
CA LYS A 43 -11.93 7.94 -4.36
C LYS A 43 -10.83 6.86 -4.27
N LEU A 44 -9.65 7.19 -4.80
CA LEU A 44 -8.46 6.33 -4.67
C LEU A 44 -7.20 7.21 -4.50
N ALA A 45 -6.32 6.81 -3.59
CA ALA A 45 -5.12 7.61 -3.28
C ALA A 45 -3.82 6.84 -3.57
N ASN A 46 -2.87 7.49 -4.24
CA ASN A 46 -1.57 6.87 -4.54
C ASN A 46 -0.50 7.34 -3.55
N VAL A 47 -0.03 6.43 -2.70
CA VAL A 47 1.03 6.73 -1.73
C VAL A 47 2.36 6.06 -2.12
N ILE A 48 3.41 6.87 -2.30
CA ILE A 48 4.73 6.36 -2.67
C ILE A 48 5.59 6.10 -1.43
N ILE A 49 5.86 4.83 -1.15
CA ILE A 49 6.67 4.44 0.00
C ILE A 49 8.06 3.96 -0.43
N ALA A 50 9.08 4.26 0.37
CA ALA A 50 10.46 3.90 0.06
C ALA A 50 11.08 2.99 1.13
N ASP A 51 11.58 1.83 0.69
CA ASP A 51 12.26 0.89 1.58
C ASP A 51 13.71 0.67 1.11
N ASP A 52 14.53 0.06 1.98
CA ASP A 52 15.94 -0.20 1.65
C ASP A 52 16.09 -1.07 0.39
N THR A 53 15.04 -1.80 0.02
CA THR A 53 15.08 -2.69 -1.15
C THR A 53 14.35 -2.11 -2.37
N GLY A 54 13.93 -0.85 -2.30
CA GLY A 54 13.19 -0.25 -3.42
C GLY A 54 11.99 0.59 -2.99
N GLU A 55 11.40 1.34 -3.92
CA GLU A 55 10.17 2.10 -3.64
C GLU A 55 8.95 1.38 -4.24
N LEU A 56 7.76 1.70 -3.71
CA LEU A 56 6.51 1.08 -4.16
C LEU A 56 5.36 2.10 -4.22
N ARG A 57 4.38 1.85 -5.10
CA ARG A 57 3.18 2.70 -5.20
C ARG A 57 1.94 1.99 -4.61
N ALA A 58 1.46 2.48 -3.47
CA ALA A 58 0.29 1.89 -2.80
C ALA A 58 -1.01 2.60 -3.21
N VAL A 59 -2.06 1.83 -3.48
CA VAL A 59 -3.36 2.39 -3.90
C VAL A 59 -4.43 2.22 -2.80
N PHE A 60 -4.79 3.34 -2.16
CA PHE A 60 -5.83 3.33 -1.12
C PHE A 60 -7.20 3.63 -1.71
N TRP A 61 -8.02 2.60 -1.82
CA TRP A 61 -9.39 2.73 -2.35
C TRP A 61 -10.33 3.43 -1.35
N THR A 62 -11.46 3.94 -1.86
CA THR A 62 -12.46 4.67 -1.05
C THR A 62 -12.67 4.09 0.37
N GLU A 63 -12.65 2.76 0.48
CA GLU A 63 -12.84 2.10 1.78
C GLU A 63 -11.66 2.36 2.73
N ASN A 64 -10.45 2.40 2.17
CA ASN A 64 -9.22 2.55 2.96
C ASN A 64 -8.88 4.02 3.25
N ILE A 65 -9.61 4.96 2.66
CA ILE A 65 -9.38 6.40 2.88
C ILE A 65 -9.36 6.76 4.38
N LYS A 66 -10.18 6.05 5.17
CA LYS A 66 -10.28 6.27 6.62
C LYS A 66 -8.96 5.94 7.36
N LEU A 67 -8.09 5.16 6.72
CA LEU A 67 -6.81 4.74 7.33
C LEU A 67 -5.71 5.79 7.12
N LEU A 68 -5.91 6.69 6.17
CA LEU A 68 -4.91 7.72 5.84
C LEU A 68 -4.54 8.58 7.07
N LYS A 69 -5.48 8.74 7.99
CA LYS A 69 -5.25 9.55 9.20
C LYS A 69 -4.22 8.89 10.15
N LYS A 70 -4.02 7.58 10.01
CA LYS A 70 -3.09 6.85 10.89
C LYS A 70 -1.63 7.26 10.65
N PHE A 71 -1.32 7.68 9.42
CA PHE A 71 0.04 8.02 9.05
C PHE A 71 0.10 9.34 8.27
N ARG A 72 1.28 9.93 8.25
CA ARG A 72 1.50 11.23 7.59
C ARG A 72 2.63 11.14 6.55
N GLU A 73 2.72 12.16 5.69
CA GLU A 73 3.80 12.20 4.69
C GLU A 73 5.14 12.45 5.40
N GLY A 74 5.79 11.36 5.80
CA GLY A 74 7.02 11.46 6.57
C GLY A 74 7.16 10.34 7.62
N ASP A 75 6.05 9.67 7.91
CA ASP A 75 6.06 8.54 8.85
C ASP A 75 6.47 7.22 8.16
N VAL A 76 6.45 6.12 8.90
CA VAL A 76 6.82 4.81 8.36
C VAL A 76 5.66 3.81 8.48
N ILE A 77 5.33 3.10 7.39
CA ILE A 77 4.17 2.20 7.41
C ILE A 77 4.45 0.82 6.78
N ARG A 78 3.55 -0.11 7.06
CA ARG A 78 3.55 -1.44 6.45
C ARG A 78 2.10 -1.86 6.18
N ILE A 79 1.77 -2.09 4.92
CA ILE A 79 0.38 -2.38 4.54
C ILE A 79 0.13 -3.90 4.49
N LYS A 80 -0.91 -4.35 5.17
CA LYS A 80 -1.15 -5.80 5.34
C LYS A 80 -2.14 -6.35 4.30
N ASP A 81 -1.76 -7.47 3.67
CA ASP A 81 -2.59 -8.20 2.70
C ASP A 81 -3.04 -7.31 1.52
N VAL A 82 -2.21 -7.23 0.48
CA VAL A 82 -2.56 -6.47 -0.74
C VAL A 82 -2.18 -7.23 -2.02
N ASN A 83 -2.69 -6.76 -3.15
CA ASN A 83 -2.38 -7.37 -4.46
C ASN A 83 -1.36 -6.54 -5.24
N ILE A 84 -0.21 -7.14 -5.54
CA ILE A 84 0.81 -6.47 -6.35
C ILE A 84 0.45 -6.56 -7.83
N ARG A 85 0.08 -5.42 -8.43
CA ARG A 85 -0.25 -5.38 -9.87
C ARG A 85 1.01 -5.17 -10.72
N GLY A 86 1.77 -4.14 -10.39
CA GLY A 86 3.04 -3.89 -11.07
C GLY A 86 2.91 -2.94 -12.26
N GLY A 87 3.36 -1.69 -12.06
CA GLY A 87 3.43 -0.74 -13.16
C GLY A 87 4.29 -1.27 -14.31
N PHE A 88 3.67 -1.42 -15.48
CA PHE A 88 4.34 -2.03 -16.64
C PHE A 88 5.66 -1.33 -16.98
N GLY A 89 6.78 -2.03 -16.80
CA GLY A 89 8.08 -1.51 -17.18
C GLY A 89 8.67 -0.49 -16.21
N GLY A 90 8.06 -0.35 -15.03
CA GLY A 90 8.57 0.58 -14.03
C GLY A 90 8.43 0.06 -12.60
N ARG A 91 8.19 0.96 -11.65
CA ARG A 91 7.97 0.56 -10.25
C ARG A 91 6.59 -0.07 -10.08
N LYS A 92 6.51 -1.06 -9.18
CA LYS A 92 5.28 -1.82 -9.01
C LYS A 92 4.26 -1.10 -8.12
N GLU A 93 3.07 -1.68 -8.01
CA GLU A 93 1.96 -1.05 -7.28
C GLU A 93 1.15 -2.09 -6.50
N ALA A 94 0.64 -1.69 -5.34
CA ALA A 94 -0.12 -2.58 -4.45
C ALA A 94 -1.52 -2.01 -4.14
N HIS A 95 -2.56 -2.74 -4.55
CA HIS A 95 -3.95 -2.32 -4.33
C HIS A 95 -4.50 -2.90 -3.03
N LEU A 96 -5.08 -2.03 -2.20
CA LEU A 96 -5.63 -2.44 -0.91
C LEU A 96 -7.06 -3.03 -1.05
N MET A 97 -7.52 -3.64 0.03
CA MET A 97 -8.85 -4.27 0.08
C MET A 97 -9.68 -3.64 1.22
N PRO A 98 -11.01 -3.86 1.26
CA PRO A 98 -11.88 -3.31 2.32
C PRO A 98 -11.38 -3.65 3.75
N ARG A 99 -10.63 -4.74 3.89
CA ARG A 99 -10.11 -5.16 5.21
C ARG A 99 -8.58 -5.04 5.32
N SER A 100 -7.94 -4.38 4.35
CA SER A 100 -6.48 -4.16 4.39
C SER A 100 -6.12 -3.01 5.33
N THR A 101 -5.48 -3.32 6.44
CA THR A 101 -5.09 -2.30 7.43
C THR A 101 -3.61 -1.93 7.31
N VAL A 102 -3.23 -0.82 7.93
CA VAL A 102 -1.84 -0.34 7.89
C VAL A 102 -1.21 -0.29 9.29
N GLU A 103 0.00 -0.82 9.41
CA GLU A 103 0.75 -0.80 10.68
C GLU A 103 2.01 0.06 10.55
N VAL A 104 2.21 0.97 11.51
CA VAL A 104 3.37 1.87 11.47
C VAL A 104 4.64 1.19 11.99
N LEU A 105 5.76 1.39 11.30
CA LEU A 105 7.05 0.78 11.67
C LEU A 105 7.99 1.81 12.30
N ASP A 106 9.25 1.40 12.54
CA ASP A 106 10.18 2.19 13.38
C ASP A 106 9.64 2.20 14.83
N PRO A 107 10.47 2.52 15.86
CA PRO A 107 10.24 2.05 17.24
C PRO A 107 8.99 1.17 17.39
N LEU A 108 9.19 -0.11 17.03
CA LEU A 108 8.09 -1.03 16.67
C LEU A 108 7.02 -1.24 17.75
N GLU A 109 5.77 -1.06 17.31
CA GLU A 109 4.59 -1.44 18.09
C GLU A 109 4.45 -2.96 18.19
N HIS A 110 5.07 -3.67 17.24
CA HIS A 110 4.99 -5.13 17.18
C HIS A 110 6.11 -5.79 18.03
N MET A 1 11.51 -28.70 -6.50
CA MET A 1 10.58 -28.70 -5.35
C MET A 1 11.31 -28.29 -4.06
N LYS A 2 11.07 -27.06 -3.60
CA LYS A 2 11.74 -26.53 -2.41
C LYS A 2 10.73 -26.19 -1.30
N PRO A 3 11.13 -26.31 -0.02
CA PRO A 3 10.34 -25.79 1.11
C PRO A 3 10.41 -24.25 1.16
N GLU A 4 10.02 -23.63 0.05
CA GLU A 4 10.20 -22.20 -0.18
C GLU A 4 9.16 -21.35 0.57
N HIS A 5 9.60 -20.66 1.61
CA HIS A 5 8.76 -19.71 2.36
C HIS A 5 9.61 -18.86 3.31
N ARG A 6 9.40 -17.54 3.26
CA ARG A 6 10.15 -16.61 4.10
C ARG A 6 9.60 -15.17 3.95
N MET A 7 9.74 -14.35 4.99
CA MET A 7 9.18 -12.98 4.99
C MET A 7 9.65 -12.15 3.79
N ASP A 8 8.79 -12.06 2.77
CA ASP A 8 9.09 -11.30 1.55
C ASP A 8 8.78 -9.80 1.71
N THR A 9 9.47 -8.97 0.93
CA THR A 9 9.33 -7.51 0.99
C THR A 9 9.22 -6.90 -0.43
N ILE A 10 9.41 -5.57 -0.53
CA ILE A 10 9.23 -4.85 -1.81
C ILE A 10 10.07 -5.43 -2.96
N SER A 11 11.31 -5.82 -2.67
CA SER A 11 12.19 -6.41 -3.70
C SER A 11 11.71 -7.82 -4.13
N LYS A 12 10.83 -8.42 -3.33
CA LYS A 12 10.37 -9.79 -3.58
C LYS A 12 8.95 -9.82 -4.19
N LEU A 13 8.34 -8.65 -4.35
CA LEU A 13 6.96 -8.56 -4.83
C LEU A 13 6.82 -8.91 -6.31
N GLU A 14 6.20 -10.05 -6.60
CA GLU A 14 5.86 -10.42 -7.99
C GLU A 14 4.40 -10.05 -8.30
N GLU A 15 4.12 -9.69 -9.55
CA GLU A 15 2.76 -9.33 -9.96
C GLU A 15 1.79 -10.52 -9.83
N GLY A 16 0.59 -10.26 -9.34
CA GLY A 16 -0.38 -11.33 -9.11
C GLY A 16 -0.31 -11.91 -7.70
N ALA A 17 0.74 -11.56 -6.96
CA ALA A 17 0.93 -12.06 -5.59
C ALA A 17 0.17 -11.20 -4.56
N GLU A 18 -0.19 -11.80 -3.44
CA GLU A 18 -0.89 -11.10 -2.36
C GLU A 18 -0.11 -11.17 -1.04
N THR A 19 0.47 -10.06 -0.63
CA THR A 19 1.30 -10.01 0.59
C THR A 19 1.33 -8.60 1.21
N PRO A 20 1.57 -8.50 2.54
CA PRO A 20 1.84 -7.19 3.19
C PRO A 20 3.19 -6.58 2.77
N VAL A 21 3.25 -5.25 2.69
CA VAL A 21 4.47 -4.54 2.29
C VAL A 21 4.89 -3.52 3.36
N THR A 22 6.17 -3.16 3.37
CA THR A 22 6.72 -2.24 4.39
C THR A 22 7.61 -1.16 3.75
N GLY A 23 7.47 0.07 4.22
CA GLY A 23 8.32 1.17 3.71
C GLY A 23 8.02 2.51 4.38
N ARG A 24 8.94 3.47 4.23
CA ARG A 24 8.74 4.81 4.77
C ARG A 24 8.03 5.72 3.76
N VAL A 25 7.10 6.53 4.23
CA VAL A 25 6.34 7.44 3.36
C VAL A 25 7.21 8.61 2.87
N MET A 26 7.15 8.91 1.58
CA MET A 26 7.86 10.07 1.03
C MET A 26 6.87 11.12 0.49
N LYS A 27 6.08 10.74 -0.52
CA LYS A 27 5.10 11.66 -1.13
C LYS A 27 3.69 11.03 -1.16
N ILE A 28 2.71 11.73 -0.61
CA ILE A 28 1.31 11.29 -0.64
C ILE A 28 0.50 12.14 -1.63
N SER A 29 0.03 11.51 -2.72
CA SER A 29 -0.81 12.19 -3.71
C SER A 29 -2.26 12.31 -3.21
N SER A 30 -2.92 13.41 -3.56
CA SER A 30 -4.27 13.68 -3.06
C SER A 30 -5.30 12.63 -3.54
N PRO A 31 -6.35 12.38 -2.74
CA PRO A 31 -7.41 11.41 -3.09
C PRO A 31 -8.19 11.83 -4.35
N ARG A 32 -8.15 10.98 -5.37
CA ARG A 32 -8.82 11.23 -6.65
C ARG A 32 -10.21 10.58 -6.67
N THR A 33 -11.25 11.39 -6.85
CA THR A 33 -12.64 10.92 -6.81
C THR A 33 -13.13 10.46 -8.19
N PHE A 34 -13.60 9.21 -8.26
CA PHE A 34 -14.22 8.66 -9.48
C PHE A 34 -15.66 8.24 -9.19
N THR A 35 -16.39 7.82 -10.22
CA THR A 35 -17.80 7.41 -10.06
C THR A 35 -17.94 5.88 -10.05
N THR A 36 -18.48 5.34 -8.95
CA THR A 36 -18.81 3.90 -8.89
C THR A 36 -20.34 3.69 -8.96
N ARG A 37 -20.77 2.43 -9.04
CA ARG A 37 -22.18 2.14 -9.29
C ARG A 37 -23.02 2.02 -7.99
N LYS A 38 -22.42 1.55 -6.90
CA LYS A 38 -23.21 1.21 -5.70
C LYS A 38 -22.64 1.82 -4.40
N GLY A 39 -23.55 2.34 -3.56
CA GLY A 39 -23.20 2.77 -2.21
C GLY A 39 -22.40 4.06 -2.15
N ARG A 40 -21.14 3.98 -2.54
CA ARG A 40 -20.20 5.10 -2.39
C ARG A 40 -20.07 5.95 -3.66
N GLU A 41 -19.53 7.15 -3.48
CA GLU A 41 -19.17 8.03 -4.60
C GLU A 41 -18.06 7.39 -5.47
N GLY A 42 -16.95 7.02 -4.84
CA GLY A 42 -15.79 6.48 -5.54
C GLY A 42 -14.52 7.32 -5.36
N LYS A 43 -13.49 6.74 -4.75
CA LYS A 43 -12.21 7.44 -4.53
C LYS A 43 -11.01 6.47 -4.52
N LEU A 44 -9.84 7.02 -4.86
CA LEU A 44 -8.57 6.28 -4.78
C LEU A 44 -7.41 7.25 -4.51
N ALA A 45 -6.33 6.76 -3.89
CA ALA A 45 -5.17 7.62 -3.59
C ALA A 45 -3.84 6.92 -3.88
N ASN A 46 -2.85 7.67 -4.34
CA ASN A 46 -1.51 7.13 -4.62
C ASN A 46 -0.49 7.58 -3.57
N VAL A 47 -0.02 6.64 -2.75
CA VAL A 47 1.01 6.92 -1.74
C VAL A 47 2.36 6.32 -2.16
N ILE A 48 3.37 7.18 -2.25
CA ILE A 48 4.72 6.76 -2.66
C ILE A 48 5.60 6.44 -1.44
N ILE A 49 5.85 5.15 -1.23
CA ILE A 49 6.72 4.70 -0.13
C ILE A 49 8.08 4.22 -0.66
N ALA A 50 9.11 4.30 0.18
CA ALA A 50 10.46 3.88 -0.19
C ALA A 50 11.10 3.03 0.91
N ASP A 51 11.69 1.90 0.51
CA ASP A 51 12.39 1.00 1.45
C ASP A 51 13.78 0.63 0.89
N ASP A 52 14.64 0.09 1.75
CA ASP A 52 15.97 -0.34 1.36
C ASP A 52 15.93 -1.38 0.21
N THR A 53 14.83 -2.13 0.12
CA THR A 53 14.67 -3.17 -0.91
C THR A 53 13.97 -2.63 -2.17
N GLY A 54 13.61 -1.35 -2.18
CA GLY A 54 12.94 -0.78 -3.35
C GLY A 54 11.80 0.17 -2.99
N GLU A 55 11.30 0.91 -4.00
CA GLU A 55 10.19 1.84 -3.81
C GLU A 55 8.88 1.24 -4.36
N LEU A 56 7.76 1.61 -3.76
CA LEU A 56 6.45 1.05 -4.16
C LEU A 56 5.36 2.13 -4.19
N ARG A 57 4.51 2.10 -5.22
CA ARG A 57 3.33 2.96 -5.26
C ARG A 57 2.09 2.22 -4.71
N ALA A 58 1.64 2.61 -3.53
CA ALA A 58 0.48 1.99 -2.89
C ALA A 58 -0.82 2.73 -3.22
N VAL A 59 -1.81 2.00 -3.75
CA VAL A 59 -3.10 2.58 -4.13
C VAL A 59 -4.16 2.36 -3.04
N PHE A 60 -4.55 3.43 -2.36
CA PHE A 60 -5.59 3.38 -1.33
C PHE A 60 -6.98 3.65 -1.93
N TRP A 61 -7.77 2.59 -2.07
CA TRP A 61 -9.12 2.69 -2.59
C TRP A 61 -10.09 3.31 -1.56
N THR A 62 -11.24 3.79 -2.06
CA THR A 62 -12.23 4.54 -1.23
C THR A 62 -12.40 3.99 0.19
N GLU A 63 -12.35 2.68 0.36
CA GLU A 63 -12.48 2.06 1.69
C GLU A 63 -11.25 2.37 2.57
N ASN A 64 -10.07 2.30 1.97
CA ASN A 64 -8.80 2.49 2.71
C ASN A 64 -8.44 3.97 2.91
N ILE A 65 -9.16 4.88 2.23
CA ILE A 65 -8.92 6.33 2.39
C ILE A 65 -8.95 6.75 3.87
N LYS A 66 -9.82 6.10 4.65
CA LYS A 66 -9.97 6.39 6.08
C LYS A 66 -8.67 6.13 6.86
N LEU A 67 -7.79 5.29 6.32
CA LEU A 67 -6.53 4.93 6.99
C LEU A 67 -5.48 6.04 6.90
N LEU A 68 -5.62 6.92 5.91
CA LEU A 68 -4.65 7.99 5.66
C LEU A 68 -4.49 8.96 6.86
N LYS A 69 -5.49 8.99 7.74
CA LYS A 69 -5.45 9.87 8.92
C LYS A 69 -4.56 9.30 10.06
N LYS A 70 -4.22 8.02 9.98
CA LYS A 70 -3.44 7.36 11.05
C LYS A 70 -2.00 7.92 11.12
N PHE A 71 -1.32 7.94 9.98
CA PHE A 71 0.09 8.35 9.92
C PHE A 71 0.26 9.71 9.24
N ARG A 72 1.51 10.17 9.14
CA ARG A 72 1.82 11.42 8.44
C ARG A 72 2.79 11.16 7.26
N GLU A 73 2.88 12.13 6.35
CA GLU A 73 3.79 12.02 5.21
C GLU A 73 5.26 12.04 5.65
N GLY A 74 5.78 10.87 6.00
CA GLY A 74 7.17 10.75 6.44
C GLY A 74 7.40 9.61 7.44
N ASP A 75 6.32 9.06 7.99
CA ASP A 75 6.42 7.96 8.97
C ASP A 75 6.65 6.59 8.28
N VAL A 76 6.94 5.58 9.10
CA VAL A 76 7.20 4.22 8.60
C VAL A 76 5.93 3.35 8.67
N ILE A 77 5.33 3.05 7.53
CA ILE A 77 4.08 2.28 7.49
C ILE A 77 4.27 0.86 6.94
N ARG A 78 3.49 -0.07 7.46
CA ARG A 78 3.41 -1.42 6.91
C ARG A 78 1.99 -1.69 6.42
N ILE A 79 1.83 -1.80 5.11
CA ILE A 79 0.51 -2.00 4.50
C ILE A 79 0.19 -3.50 4.42
N LYS A 80 -0.88 -3.91 5.07
CA LYS A 80 -1.11 -5.33 5.35
C LYS A 80 -2.03 -6.01 4.32
N ASP A 81 -1.50 -7.06 3.69
CA ASP A 81 -2.24 -7.91 2.74
C ASP A 81 -2.79 -7.10 1.54
N VAL A 82 -1.96 -6.97 0.49
CA VAL A 82 -2.35 -6.24 -0.72
C VAL A 82 -2.01 -7.03 -2.00
N ASN A 83 -2.54 -6.60 -3.14
CA ASN A 83 -2.27 -7.26 -4.43
C ASN A 83 -1.25 -6.46 -5.27
N ILE A 84 -0.19 -7.13 -5.70
CA ILE A 84 0.87 -6.48 -6.50
C ILE A 84 0.54 -6.51 -8.00
N ARG A 85 0.51 -5.33 -8.63
CA ARG A 85 0.24 -5.25 -10.08
C ARG A 85 1.53 -5.37 -10.91
N GLY A 86 2.67 -5.08 -10.28
CA GLY A 86 3.97 -5.18 -10.96
C GLY A 86 4.52 -3.83 -11.43
N GLY A 87 3.67 -2.80 -11.42
CA GLY A 87 4.08 -1.49 -11.89
C GLY A 87 4.50 -1.46 -13.36
N PHE A 88 5.57 -0.72 -13.65
CA PHE A 88 6.10 -0.63 -15.03
C PHE A 88 7.64 -0.66 -15.06
N GLY A 89 8.19 -1.84 -15.36
CA GLY A 89 9.63 -1.98 -15.64
C GLY A 89 10.55 -1.22 -14.69
N GLY A 90 10.42 -1.47 -13.39
CA GLY A 90 11.25 -0.77 -12.40
C GLY A 90 10.53 -0.56 -11.08
N ARG A 91 9.60 0.39 -11.06
CA ARG A 91 8.78 0.65 -9.86
C ARG A 91 7.46 -0.11 -9.93
N LYS A 92 7.20 -0.92 -8.90
CA LYS A 92 5.97 -1.70 -8.82
C LYS A 92 4.88 -0.95 -8.04
N GLU A 93 3.68 -1.53 -7.97
CA GLU A 93 2.56 -0.93 -7.25
C GLU A 93 1.69 -1.99 -6.58
N ALA A 94 0.99 -1.59 -5.52
CA ALA A 94 0.15 -2.51 -4.74
C ALA A 94 -1.21 -1.87 -4.41
N HIS A 95 -2.28 -2.61 -4.69
CA HIS A 95 -3.65 -2.12 -4.44
C HIS A 95 -4.22 -2.67 -3.12
N LEU A 96 -4.83 -1.78 -2.35
CA LEU A 96 -5.40 -2.15 -1.05
C LEU A 96 -6.86 -2.64 -1.18
N MET A 97 -7.28 -3.44 -0.20
CA MET A 97 -8.64 -4.00 -0.17
C MET A 97 -9.44 -3.37 0.98
N PRO A 98 -10.79 -3.42 0.93
CA PRO A 98 -11.65 -2.92 2.02
C PRO A 98 -11.21 -3.45 3.40
N ARG A 99 -10.64 -4.66 3.41
CA ARG A 99 -10.20 -5.32 4.66
C ARG A 99 -8.74 -4.99 5.01
N SER A 100 -7.99 -4.46 4.03
CA SER A 100 -6.57 -4.14 4.23
C SER A 100 -6.39 -3.04 5.27
N THR A 101 -5.43 -3.23 6.17
CA THR A 101 -5.10 -2.26 7.22
C THR A 101 -3.69 -1.70 7.03
N VAL A 102 -3.41 -0.53 7.63
CA VAL A 102 -2.06 0.01 7.63
C VAL A 102 -1.53 0.14 9.07
N GLU A 103 -0.42 -0.52 9.34
CA GLU A 103 0.16 -0.56 10.67
C GLU A 103 1.59 0.03 10.68
N VAL A 104 1.77 1.13 11.40
CA VAL A 104 3.05 1.81 11.49
C VAL A 104 4.05 1.04 12.38
N LEU A 105 5.31 0.98 11.95
CA LEU A 105 6.33 0.21 12.68
C LEU A 105 7.26 1.09 13.52
N ASP A 106 7.07 2.41 13.44
CA ASP A 106 7.89 3.34 14.22
C ASP A 106 7.44 3.35 15.70
N PRO A 107 6.12 3.57 15.99
CA PRO A 107 5.56 3.29 17.32
C PRO A 107 5.14 1.81 17.45
N LEU A 108 5.11 1.12 16.31
CA LEU A 108 4.78 -0.32 16.24
C LEU A 108 3.29 -0.57 16.59
N GLU A 109 2.53 -1.01 15.59
CA GLU A 109 1.10 -1.33 15.77
C GLU A 109 0.87 -2.82 16.08
N HIS A 110 1.28 -3.71 15.15
CA HIS A 110 1.09 -5.17 15.33
C HIS A 110 2.43 -5.94 15.33
N MET A 1 -6.93 -23.04 -3.10
CA MET A 1 -6.75 -23.75 -1.81
C MET A 1 -5.28 -23.83 -1.39
N LYS A 2 -4.39 -23.12 -2.09
CA LYS A 2 -2.96 -23.09 -1.74
C LYS A 2 -2.46 -21.64 -1.56
N PRO A 3 -2.60 -21.08 -0.34
CA PRO A 3 -2.09 -19.73 -0.05
C PRO A 3 -0.61 -19.73 0.34
N GLU A 4 0.27 -19.56 -0.65
CA GLU A 4 1.72 -19.54 -0.39
C GLU A 4 2.14 -18.26 0.36
N HIS A 5 2.00 -18.30 1.69
CA HIS A 5 2.31 -17.14 2.53
C HIS A 5 3.82 -16.94 2.67
N ARG A 6 4.33 -15.88 2.04
CA ARG A 6 5.75 -15.54 2.13
C ARG A 6 5.93 -14.15 2.79
N MET A 7 7.18 -13.71 2.89
CA MET A 7 7.48 -12.36 3.38
C MET A 7 8.15 -11.54 2.27
N ASP A 8 7.42 -11.36 1.17
CA ASP A 8 7.98 -10.69 -0.01
C ASP A 8 8.15 -9.18 0.23
N THR A 9 9.41 -8.75 0.31
CA THR A 9 9.73 -7.32 0.41
C THR A 9 9.47 -6.63 -0.92
N ILE A 10 9.64 -5.30 -0.96
CA ILE A 10 9.44 -4.55 -2.21
C ILE A 10 10.37 -5.06 -3.32
N SER A 11 11.46 -5.72 -2.92
CA SER A 11 12.40 -6.35 -3.86
C SER A 11 11.79 -7.62 -4.51
N LYS A 12 10.95 -8.33 -3.77
CA LYS A 12 10.37 -9.61 -4.23
C LYS A 12 8.86 -9.54 -4.56
N LEU A 13 8.32 -8.33 -4.67
CA LEU A 13 6.90 -8.16 -5.02
C LEU A 13 6.62 -8.62 -6.46
N GLU A 14 6.30 -9.90 -6.61
CA GLU A 14 5.94 -10.47 -7.91
C GLU A 14 4.47 -10.19 -8.25
N GLU A 15 4.21 -9.87 -9.52
CA GLU A 15 2.85 -9.62 -9.99
C GLU A 15 1.91 -10.79 -9.65
N GLY A 16 0.75 -10.47 -9.09
CA GLY A 16 -0.24 -11.49 -8.73
C GLY A 16 -0.15 -11.96 -7.28
N ALA A 17 1.00 -11.70 -6.63
CA ALA A 17 1.23 -12.18 -5.26
C ALA A 17 0.46 -11.38 -4.20
N GLU A 18 0.15 -12.03 -3.08
CA GLU A 18 -0.48 -11.38 -1.93
C GLU A 18 0.44 -11.44 -0.70
N THR A 19 0.97 -10.29 -0.31
CA THR A 19 1.95 -10.21 0.79
C THR A 19 1.88 -8.85 1.51
N PRO A 20 2.26 -8.78 2.80
CA PRO A 20 2.39 -7.50 3.51
C PRO A 20 3.62 -6.70 3.03
N VAL A 21 3.49 -5.38 2.91
CA VAL A 21 4.58 -4.53 2.40
C VAL A 21 4.97 -3.43 3.41
N THR A 22 6.26 -3.15 3.52
CA THR A 22 6.77 -2.11 4.43
C THR A 22 7.54 -1.03 3.65
N GLY A 23 7.39 0.23 4.06
CA GLY A 23 8.10 1.30 3.39
C GLY A 23 8.01 2.64 4.11
N ARG A 24 8.98 3.52 3.85
CA ARG A 24 9.01 4.85 4.44
C ARG A 24 8.37 5.89 3.48
N VAL A 25 7.28 6.51 3.93
CA VAL A 25 6.49 7.41 3.07
C VAL A 25 7.30 8.63 2.60
N MET A 26 7.34 8.83 1.27
CA MET A 26 8.02 10.00 0.69
C MET A 26 7.00 10.99 0.08
N LYS A 27 6.15 10.48 -0.82
CA LYS A 27 5.16 11.33 -1.51
C LYS A 27 3.74 10.76 -1.37
N ILE A 28 2.78 11.61 -1.02
CA ILE A 28 1.37 11.19 -0.99
C ILE A 28 0.52 12.03 -1.96
N SER A 29 -0.05 11.36 -2.97
CA SER A 29 -0.97 12.01 -3.91
C SER A 29 -2.39 12.05 -3.34
N SER A 30 -2.94 13.26 -3.20
CA SER A 30 -4.28 13.45 -2.60
C SER A 30 -5.35 12.56 -3.27
N PRO A 31 -6.40 12.18 -2.51
CA PRO A 31 -7.48 11.32 -3.03
C PRO A 31 -8.20 11.91 -4.26
N ARG A 32 -8.19 11.17 -5.37
CA ARG A 32 -8.85 11.60 -6.59
C ARG A 32 -10.27 11.02 -6.68
N THR A 33 -11.27 11.89 -6.82
CA THR A 33 -12.67 11.46 -6.82
C THR A 33 -13.17 11.13 -8.24
N PHE A 34 -13.65 9.90 -8.43
CA PHE A 34 -14.19 9.45 -9.72
C PHE A 34 -15.68 9.08 -9.58
N THR A 35 -16.33 8.75 -10.70
CA THR A 35 -17.74 8.34 -10.68
C THR A 35 -17.89 6.80 -10.60
N THR A 36 -18.26 6.29 -9.42
CA THR A 36 -18.43 4.84 -9.22
C THR A 36 -19.80 4.35 -9.71
N ARG A 37 -20.13 3.09 -9.42
CA ARG A 37 -21.36 2.44 -9.90
C ARG A 37 -22.63 3.18 -9.41
N LYS A 38 -22.88 3.18 -8.09
CA LYS A 38 -24.08 3.81 -7.54
C LYS A 38 -23.97 4.09 -6.03
N GLY A 39 -24.66 5.14 -5.56
CA GLY A 39 -24.71 5.45 -4.13
C GLY A 39 -23.56 6.34 -3.68
N ARG A 40 -22.36 5.80 -3.71
CA ARG A 40 -21.15 6.54 -3.31
C ARG A 40 -20.58 7.35 -4.47
N GLU A 41 -19.75 8.34 -4.14
CA GLU A 41 -19.01 9.10 -5.15
C GLU A 41 -17.89 8.24 -5.78
N GLY A 42 -16.93 7.79 -4.95
CA GLY A 42 -15.78 7.03 -5.45
C GLY A 42 -14.47 7.82 -5.37
N LYS A 43 -13.50 7.30 -4.61
CA LYS A 43 -12.17 7.92 -4.50
C LYS A 43 -11.03 6.89 -4.57
N LEU A 44 -9.85 7.36 -5.01
CA LEU A 44 -8.62 6.56 -5.01
C LEU A 44 -7.42 7.44 -4.60
N ALA A 45 -6.42 6.83 -3.97
CA ALA A 45 -5.23 7.58 -3.52
C ALA A 45 -3.93 6.82 -3.83
N ASN A 46 -2.83 7.56 -3.96
CA ASN A 46 -1.52 6.96 -4.27
C ASN A 46 -0.46 7.39 -3.25
N VAL A 47 0.01 6.44 -2.44
CA VAL A 47 1.07 6.70 -1.47
C VAL A 47 2.38 6.04 -1.90
N ILE A 48 3.42 6.86 -2.11
CA ILE A 48 4.72 6.37 -2.53
C ILE A 48 5.64 6.12 -1.32
N ILE A 49 5.81 4.84 -0.98
CA ILE A 49 6.66 4.44 0.15
C ILE A 49 7.99 3.84 -0.35
N ALA A 50 9.10 4.21 0.29
CA ALA A 50 10.41 3.69 -0.13
C ALA A 50 11.14 2.98 1.01
N ASP A 51 11.50 1.73 0.77
CA ASP A 51 12.31 0.94 1.70
C ASP A 51 13.72 0.75 1.13
N ASP A 52 14.65 0.26 1.95
CA ASP A 52 16.03 0.05 1.52
C ASP A 52 16.14 -1.04 0.43
N THR A 53 15.14 -1.91 0.35
CA THR A 53 15.09 -2.94 -0.70
C THR A 53 14.42 -2.43 -1.99
N GLY A 54 13.79 -1.25 -1.90
CA GLY A 54 13.07 -0.69 -3.04
C GLY A 54 11.84 0.12 -2.63
N GLU A 55 11.26 0.88 -3.57
CA GLU A 55 10.06 1.68 -3.29
C GLU A 55 8.83 1.18 -4.08
N LEU A 56 7.64 1.46 -3.55
CA LEU A 56 6.39 0.93 -4.11
C LEU A 56 5.29 1.99 -4.17
N ARG A 57 4.39 1.85 -5.16
CA ARG A 57 3.20 2.69 -5.27
C ARG A 57 1.99 2.01 -4.60
N ALA A 58 1.61 2.50 -3.42
CA ALA A 58 0.46 1.95 -2.68
C ALA A 58 -0.85 2.64 -3.10
N VAL A 59 -1.81 1.87 -3.61
CA VAL A 59 -3.09 2.42 -4.07
C VAL A 59 -4.20 2.28 -3.00
N PHE A 60 -4.57 3.39 -2.38
CA PHE A 60 -5.63 3.41 -1.37
C PHE A 60 -7.00 3.75 -1.99
N TRP A 61 -7.85 2.75 -2.14
CA TRP A 61 -9.21 2.92 -2.65
C TRP A 61 -10.14 3.52 -1.57
N THR A 62 -11.30 4.05 -2.01
CA THR A 62 -12.27 4.68 -1.09
C THR A 62 -12.53 3.88 0.21
N GLU A 63 -12.39 2.55 0.15
CA GLU A 63 -12.56 1.70 1.34
C GLU A 63 -11.34 1.79 2.30
N ASN A 64 -10.17 2.09 1.74
CA ASN A 64 -8.93 2.18 2.52
C ASN A 64 -8.59 3.63 2.94
N ILE A 65 -9.36 4.61 2.46
CA ILE A 65 -9.12 6.02 2.84
C ILE A 65 -9.13 6.21 4.37
N LYS A 66 -9.95 5.43 5.06
CA LYS A 66 -10.03 5.46 6.53
C LYS A 66 -8.68 5.13 7.20
N LEU A 67 -7.77 4.54 6.44
CA LEU A 67 -6.43 4.20 6.95
C LEU A 67 -5.46 5.40 6.86
N LEU A 68 -5.75 6.34 5.95
CA LEU A 68 -4.87 7.49 5.73
C LEU A 68 -4.72 8.36 6.99
N LYS A 69 -5.80 8.51 7.76
CA LYS A 69 -5.77 9.36 8.97
C LYS A 69 -4.80 8.81 10.04
N LYS A 70 -4.39 7.55 9.89
CA LYS A 70 -3.52 6.90 10.89
C LYS A 70 -2.06 7.39 10.78
N PHE A 71 -1.66 7.86 9.60
CA PHE A 71 -0.29 8.31 9.37
C PHE A 71 -0.25 9.56 8.49
N ARG A 72 0.96 10.11 8.29
CA ARG A 72 1.15 11.27 7.41
C ARG A 72 2.37 11.11 6.49
N GLU A 73 2.57 12.07 5.59
CA GLU A 73 3.67 12.04 4.63
C GLU A 73 5.03 12.23 5.34
N GLY A 74 5.77 11.13 5.49
CA GLY A 74 7.06 11.17 6.18
C GLY A 74 7.22 10.03 7.18
N ASP A 75 6.11 9.43 7.58
CA ASP A 75 6.12 8.32 8.54
C ASP A 75 6.50 6.97 7.88
N VAL A 76 6.89 6.01 8.70
CA VAL A 76 7.20 4.66 8.22
C VAL A 76 5.98 3.74 8.41
N ILE A 77 5.45 3.17 7.33
CA ILE A 77 4.24 2.35 7.42
C ILE A 77 4.45 0.93 6.88
N ARG A 78 3.58 0.02 7.35
CA ARG A 78 3.57 -1.37 6.90
C ARG A 78 2.14 -1.81 6.57
N ILE A 79 1.85 -2.04 5.30
CA ILE A 79 0.51 -2.40 4.87
C ILE A 79 0.32 -3.92 4.79
N LYS A 80 -0.62 -4.45 5.56
CA LYS A 80 -0.87 -5.90 5.59
C LYS A 80 -2.01 -6.31 4.64
N ASP A 81 -1.77 -7.38 3.88
CA ASP A 81 -2.76 -7.94 2.93
C ASP A 81 -2.99 -7.03 1.71
N VAL A 82 -2.15 -7.17 0.69
CA VAL A 82 -2.33 -6.44 -0.58
C VAL A 82 -2.00 -7.34 -1.79
N ASN A 83 -2.50 -6.97 -2.96
CA ASN A 83 -2.20 -7.70 -4.20
C ASN A 83 -1.33 -6.85 -5.14
N ILE A 84 -0.20 -7.39 -5.56
CA ILE A 84 0.73 -6.68 -6.45
C ILE A 84 0.28 -6.76 -7.91
N ARG A 85 0.06 -5.61 -8.53
CA ARG A 85 -0.37 -5.56 -9.93
C ARG A 85 0.82 -5.43 -10.88
N GLY A 86 1.97 -5.04 -10.34
CA GLY A 86 3.21 -4.94 -11.13
C GLY A 86 3.16 -3.83 -12.18
N GLY A 87 3.02 -2.59 -11.72
CA GLY A 87 3.01 -1.45 -12.62
C GLY A 87 4.26 -1.36 -13.50
N PHE A 88 4.07 -1.32 -14.81
CA PHE A 88 5.17 -1.22 -15.76
C PHE A 88 5.83 0.17 -15.73
N GLY A 89 7.16 0.20 -15.71
CA GLY A 89 7.89 1.46 -15.64
C GLY A 89 8.99 1.46 -14.58
N GLY A 90 9.07 0.37 -13.81
CA GLY A 90 10.08 0.24 -12.76
C GLY A 90 9.46 0.10 -11.38
N ARG A 91 9.07 1.21 -10.78
CA ARG A 91 8.47 1.21 -9.44
C ARG A 91 7.04 0.63 -9.49
N LYS A 92 6.87 -0.56 -8.92
CA LYS A 92 5.60 -1.32 -9.02
C LYS A 92 4.43 -0.65 -8.28
N GLU A 93 3.28 -1.34 -8.27
CA GLU A 93 2.06 -0.84 -7.62
C GLU A 93 1.37 -1.97 -6.83
N ALA A 94 0.71 -1.61 -5.74
CA ALA A 94 -0.02 -2.58 -4.91
C ALA A 94 -1.41 -2.05 -4.53
N HIS A 95 -2.44 -2.88 -4.70
CA HIS A 95 -3.81 -2.47 -4.40
C HIS A 95 -4.29 -3.07 -3.07
N LEU A 96 -4.88 -2.21 -2.24
CA LEU A 96 -5.34 -2.59 -0.91
C LEU A 96 -6.78 -3.13 -0.94
N MET A 97 -7.16 -3.80 0.15
CA MET A 97 -8.49 -4.41 0.26
C MET A 97 -9.31 -3.73 1.37
N PRO A 98 -10.66 -3.77 1.30
CA PRO A 98 -11.53 -3.17 2.33
C PRO A 98 -11.19 -3.66 3.75
N ARG A 99 -10.65 -4.88 3.84
CA ARG A 99 -10.28 -5.49 5.14
C ARG A 99 -8.83 -5.15 5.54
N SER A 100 -8.03 -4.66 4.60
CA SER A 100 -6.59 -4.39 4.83
C SER A 100 -6.36 -3.36 5.94
N THR A 101 -5.25 -3.51 6.65
CA THR A 101 -4.86 -2.59 7.74
C THR A 101 -3.43 -2.09 7.56
N VAL A 102 -3.13 -0.92 8.12
CA VAL A 102 -1.76 -0.37 8.08
C VAL A 102 -1.20 -0.16 9.49
N GLU A 103 0.01 -0.65 9.72
CA GLU A 103 0.70 -0.49 11.01
C GLU A 103 1.96 0.38 10.85
N VAL A 104 2.17 1.29 11.79
CA VAL A 104 3.27 2.27 11.68
C VAL A 104 4.50 1.87 12.52
N LEU A 105 5.68 2.12 11.97
CA LEU A 105 6.94 1.81 12.66
C LEU A 105 7.59 3.09 13.21
N ASP A 106 8.46 2.91 14.22
CA ASP A 106 9.02 3.99 15.06
C ASP A 106 8.11 4.25 16.29
N PRO A 107 6.84 4.72 16.14
CA PRO A 107 5.81 4.46 17.18
C PRO A 107 5.54 2.94 17.26
N LEU A 108 6.54 2.24 17.79
CA LEU A 108 6.69 0.78 17.63
C LEU A 108 5.38 -0.01 17.78
N GLU A 109 4.83 -0.45 16.64
CA GLU A 109 3.78 -1.47 16.60
C GLU A 109 4.34 -2.75 15.96
N HIS A 110 5.20 -3.46 16.70
CA HIS A 110 5.89 -4.68 16.21
C HIS A 110 6.99 -4.34 15.16
N MET A 1 2.05 -19.20 18.24
CA MET A 1 1.21 -19.60 17.07
C MET A 1 0.86 -18.40 16.18
N LYS A 2 1.39 -18.39 14.96
CA LYS A 2 1.08 -17.35 13.97
C LYS A 2 1.67 -17.73 12.60
N PRO A 3 0.95 -18.56 11.81
CA PRO A 3 1.42 -19.01 10.48
C PRO A 3 1.56 -17.87 9.46
N GLU A 4 2.73 -17.26 9.41
CA GLU A 4 2.99 -16.14 8.50
C GLU A 4 3.77 -16.58 7.24
N HIS A 5 3.04 -16.73 6.14
CA HIS A 5 3.66 -17.08 4.85
C HIS A 5 3.09 -16.19 3.73
N ARG A 6 3.68 -16.27 2.54
CA ARG A 6 3.37 -15.35 1.43
C ARG A 6 3.78 -13.91 1.78
N MET A 7 4.73 -13.79 2.70
CA MET A 7 5.21 -12.47 3.16
C MET A 7 6.59 -12.14 2.57
N ASP A 8 6.62 -11.22 1.61
CA ASP A 8 7.87 -10.77 1.02
C ASP A 8 7.89 -9.24 0.83
N THR A 9 9.09 -8.67 0.75
CA THR A 9 9.27 -7.20 0.67
C THR A 9 9.38 -6.72 -0.79
N ILE A 10 9.42 -5.40 -0.98
CA ILE A 10 9.32 -4.76 -2.31
C ILE A 10 10.15 -5.43 -3.43
N SER A 11 11.40 -5.81 -3.16
CA SER A 11 12.24 -6.48 -4.18
C SER A 11 11.61 -7.78 -4.71
N LYS A 12 10.90 -8.49 -3.84
CA LYS A 12 10.37 -9.83 -4.17
C LYS A 12 8.91 -9.79 -4.65
N LEU A 13 8.29 -8.62 -4.66
CA LEU A 13 6.87 -8.48 -5.05
C LEU A 13 6.59 -9.06 -6.44
N GLU A 14 5.95 -10.21 -6.48
CA GLU A 14 5.59 -10.85 -7.75
C GLU A 14 4.30 -10.26 -8.33
N GLU A 15 4.30 -10.00 -9.63
CA GLU A 15 3.11 -9.49 -10.32
C GLU A 15 1.94 -10.50 -10.26
N GLY A 16 1.13 -10.38 -9.20
CA GLY A 16 0.04 -11.32 -8.97
C GLY A 16 0.06 -11.91 -7.55
N ALA A 17 1.03 -11.48 -6.75
CA ALA A 17 1.20 -12.00 -5.38
C ALA A 17 0.41 -11.19 -4.34
N GLU A 18 0.23 -11.79 -3.17
CA GLU A 18 -0.44 -11.11 -2.05
C GLU A 18 0.47 -11.11 -0.82
N THR A 19 0.98 -9.94 -0.46
CA THR A 19 1.95 -9.82 0.64
C THR A 19 1.88 -8.44 1.32
N PRO A 20 2.24 -8.35 2.62
CA PRO A 20 2.42 -7.07 3.31
C PRO A 20 3.73 -6.37 2.90
N VAL A 21 3.67 -5.05 2.72
CA VAL A 21 4.82 -4.27 2.26
C VAL A 21 5.17 -3.14 3.24
N THR A 22 6.46 -2.99 3.53
CA THR A 22 6.93 -1.93 4.45
C THR A 22 7.65 -0.82 3.68
N GLY A 23 7.61 0.40 4.20
CA GLY A 23 8.34 1.49 3.57
C GLY A 23 8.20 2.84 4.28
N ARG A 24 9.18 3.71 4.06
CA ARG A 24 9.14 5.08 4.59
C ARG A 24 8.30 5.98 3.67
N VAL A 25 7.21 6.54 4.20
CA VAL A 25 6.33 7.42 3.42
C VAL A 25 7.07 8.68 2.96
N MET A 26 7.23 8.81 1.65
CA MET A 26 7.88 9.98 1.06
C MET A 26 6.84 11.00 0.59
N LYS A 27 5.97 10.58 -0.33
CA LYS A 27 4.92 11.46 -0.88
C LYS A 27 3.54 10.80 -0.78
N ILE A 28 2.52 11.60 -0.45
CA ILE A 28 1.13 11.13 -0.45
C ILE A 28 0.29 11.94 -1.43
N SER A 29 0.00 11.37 -2.60
CA SER A 29 -0.86 12.02 -3.60
C SER A 29 -2.32 11.97 -3.13
N SER A 30 -2.88 13.13 -2.82
CA SER A 30 -4.23 13.23 -2.24
C SER A 30 -5.28 12.48 -3.09
N PRO A 31 -6.29 11.87 -2.42
CA PRO A 31 -7.31 11.03 -3.08
C PRO A 31 -8.01 11.71 -4.28
N ARG A 32 -8.02 11.01 -5.42
CA ARG A 32 -8.78 11.44 -6.59
C ARG A 32 -10.17 10.77 -6.60
N THR A 33 -11.21 11.57 -6.69
CA THR A 33 -12.59 11.05 -6.65
C THR A 33 -13.12 10.75 -8.06
N PHE A 34 -13.79 9.60 -8.22
CA PHE A 34 -14.41 9.22 -9.49
C PHE A 34 -15.82 8.68 -9.24
N THR A 35 -16.72 8.86 -10.20
CA THR A 35 -18.11 8.41 -10.04
C THR A 35 -18.26 6.94 -10.45
N THR A 36 -18.53 6.08 -9.46
CA THR A 36 -18.70 4.64 -9.70
C THR A 36 -20.17 4.25 -9.87
N ARG A 37 -20.39 3.01 -10.30
CA ARG A 37 -21.76 2.48 -10.52
C ARG A 37 -22.43 2.08 -9.19
N LYS A 38 -21.65 2.08 -8.11
CA LYS A 38 -22.17 1.76 -6.78
C LYS A 38 -22.58 3.05 -6.03
N GLY A 39 -23.34 2.91 -4.94
CA GLY A 39 -23.73 4.06 -4.13
C GLY A 39 -22.58 4.66 -3.31
N ARG A 40 -21.36 4.18 -3.55
CA ARG A 40 -20.16 4.70 -2.88
C ARG A 40 -19.57 5.90 -3.64
N GLU A 41 -18.81 6.73 -2.93
CA GLU A 41 -18.23 7.96 -3.52
C GLU A 41 -17.24 7.65 -4.67
N GLY A 42 -16.35 6.67 -4.45
CA GLY A 42 -15.35 6.33 -5.45
C GLY A 42 -14.11 7.21 -5.36
N LYS A 43 -13.00 6.64 -4.86
CA LYS A 43 -11.73 7.39 -4.72
C LYS A 43 -10.51 6.47 -4.86
N LEU A 44 -9.39 7.07 -5.30
CA LEU A 44 -8.11 6.37 -5.36
C LEU A 44 -6.97 7.32 -4.98
N ALA A 45 -6.03 6.84 -4.17
CA ALA A 45 -4.89 7.67 -3.73
C ALA A 45 -3.55 6.95 -3.94
N ASN A 46 -2.54 7.72 -4.36
CA ASN A 46 -1.20 7.15 -4.60
C ASN A 46 -0.24 7.54 -3.46
N VAL A 47 0.16 6.55 -2.66
CA VAL A 47 1.11 6.77 -1.56
C VAL A 47 2.45 6.09 -1.86
N ILE A 48 3.52 6.88 -1.94
CA ILE A 48 4.84 6.36 -2.30
C ILE A 48 5.70 6.10 -1.05
N ILE A 49 5.99 4.82 -0.79
CA ILE A 49 6.82 4.42 0.36
C ILE A 49 8.17 3.84 -0.13
N ALA A 50 9.26 4.19 0.56
CA ALA A 50 10.59 3.72 0.16
C ALA A 50 11.25 2.87 1.26
N ASP A 51 11.63 1.65 0.90
CA ASP A 51 12.28 0.71 1.83
C ASP A 51 13.72 0.41 1.36
N ASP A 52 14.47 -0.32 2.20
CA ASP A 52 15.84 -0.73 1.85
C ASP A 52 15.89 -1.56 0.56
N THR A 53 14.78 -2.24 0.25
CA THR A 53 14.69 -3.10 -0.93
C THR A 53 14.05 -2.40 -2.14
N GLY A 54 13.85 -1.09 -2.06
CA GLY A 54 13.21 -0.35 -3.16
C GLY A 54 11.99 0.46 -2.71
N GLU A 55 11.49 1.32 -3.58
CA GLU A 55 10.25 2.07 -3.30
C GLU A 55 9.05 1.49 -4.06
N LEU A 56 7.85 1.68 -3.51
CA LEU A 56 6.63 1.08 -4.06
C LEU A 56 5.47 2.10 -4.11
N ARG A 57 4.55 1.90 -5.05
CA ARG A 57 3.35 2.75 -5.16
C ARG A 57 2.12 2.04 -4.56
N ALA A 58 1.68 2.52 -3.40
CA ALA A 58 0.49 1.97 -2.74
C ALA A 58 -0.80 2.69 -3.21
N VAL A 59 -1.82 1.91 -3.56
CA VAL A 59 -3.09 2.46 -4.05
C VAL A 59 -4.19 2.38 -2.98
N PHE A 60 -4.54 3.53 -2.39
CA PHE A 60 -5.61 3.60 -1.40
C PHE A 60 -6.96 3.93 -2.04
N TRP A 61 -7.81 2.91 -2.16
CA TRP A 61 -9.17 3.07 -2.70
C TRP A 61 -10.11 3.70 -1.67
N THR A 62 -11.26 4.22 -2.15
CA THR A 62 -12.28 4.85 -1.27
C THR A 62 -12.48 4.12 0.07
N GLU A 63 -12.37 2.79 0.07
CA GLU A 63 -12.54 1.98 1.29
C GLU A 63 -11.33 2.12 2.23
N ASN A 64 -10.15 2.37 1.67
CA ASN A 64 -8.91 2.49 2.44
C ASN A 64 -8.54 3.95 2.75
N ILE A 65 -9.33 4.91 2.25
CA ILE A 65 -9.08 6.33 2.56
C ILE A 65 -9.10 6.56 4.08
N LYS A 66 -9.93 5.80 4.79
CA LYS A 66 -10.01 5.86 6.26
C LYS A 66 -8.66 5.52 6.92
N LEU A 67 -7.75 4.90 6.16
CA LEU A 67 -6.43 4.52 6.67
C LEU A 67 -5.40 5.66 6.51
N LEU A 68 -5.64 6.55 5.54
CA LEU A 68 -4.72 7.67 5.26
C LEU A 68 -4.49 8.55 6.50
N LYS A 69 -5.51 8.65 7.35
CA LYS A 69 -5.42 9.49 8.55
C LYS A 69 -4.65 8.81 9.70
N LYS A 70 -4.32 7.53 9.53
CA LYS A 70 -3.57 6.78 10.56
C LYS A 70 -2.09 7.18 10.57
N PHE A 71 -1.61 7.70 9.45
CA PHE A 71 -0.21 8.13 9.31
C PHE A 71 -0.13 9.49 8.60
N ARG A 72 1.06 10.07 8.56
CA ARG A 72 1.27 11.36 7.90
C ARG A 72 2.43 11.27 6.88
N GLU A 73 2.53 12.29 6.04
CA GLU A 73 3.50 12.30 4.94
C GLU A 73 4.95 12.42 5.47
N GLY A 74 5.52 11.28 5.87
CA GLY A 74 6.89 11.26 6.38
C GLY A 74 7.16 10.13 7.38
N ASP A 75 6.10 9.47 7.86
CA ASP A 75 6.25 8.36 8.81
C ASP A 75 6.55 7.03 8.09
N VAL A 76 6.87 5.99 8.85
CA VAL A 76 7.10 4.66 8.29
C VAL A 76 5.87 3.77 8.50
N ILE A 77 5.41 3.07 7.45
CA ILE A 77 4.22 2.23 7.56
C ILE A 77 4.43 0.86 6.91
N ARG A 78 3.66 -0.12 7.37
CA ARG A 78 3.60 -1.44 6.73
C ARG A 78 2.17 -1.77 6.33
N ILE A 79 1.92 -1.89 5.04
CA ILE A 79 0.58 -2.17 4.50
C ILE A 79 0.38 -3.67 4.29
N LYS A 80 -0.67 -4.23 4.92
CA LYS A 80 -0.90 -5.67 4.86
C LYS A 80 -2.22 -6.01 4.14
N ASP A 81 -2.30 -7.26 3.63
CA ASP A 81 -3.52 -7.79 2.99
C ASP A 81 -3.78 -7.17 1.60
N VAL A 82 -2.71 -6.95 0.82
CA VAL A 82 -2.83 -6.30 -0.49
C VAL A 82 -2.30 -7.19 -1.64
N ASN A 83 -2.70 -6.87 -2.88
CA ASN A 83 -2.23 -7.60 -4.06
C ASN A 83 -1.32 -6.72 -4.94
N ILE A 84 -0.22 -7.31 -5.41
CA ILE A 84 0.70 -6.62 -6.33
C ILE A 84 0.34 -6.90 -7.79
N ARG A 85 0.01 -5.86 -8.56
CA ARG A 85 -0.39 -6.05 -9.97
C ARG A 85 0.83 -6.15 -10.91
N GLY A 86 1.58 -5.06 -11.04
CA GLY A 86 2.75 -5.08 -11.93
C GLY A 86 3.50 -3.75 -12.00
N GLY A 87 2.76 -2.65 -12.02
CA GLY A 87 3.39 -1.33 -12.16
C GLY A 87 3.76 -0.99 -13.60
N PHE A 88 3.08 -0.01 -14.19
CA PHE A 88 3.37 0.43 -15.56
C PHE A 88 4.77 1.05 -15.67
N GLY A 89 5.69 0.35 -16.32
CA GLY A 89 7.05 0.86 -16.50
C GLY A 89 8.08 0.13 -15.64
N GLY A 90 7.79 -0.04 -14.36
CA GLY A 90 8.72 -0.71 -13.47
C GLY A 90 8.33 -0.61 -11.99
N ARG A 91 7.87 0.57 -11.58
CA ARG A 91 7.42 0.78 -10.20
C ARG A 91 6.10 0.05 -9.94
N LYS A 92 6.20 -1.14 -9.36
CA LYS A 92 5.04 -1.99 -9.08
C LYS A 92 4.01 -1.30 -8.16
N GLU A 93 2.81 -1.85 -8.14
CA GLU A 93 1.67 -1.21 -7.47
C GLU A 93 0.99 -2.18 -6.49
N ALA A 94 0.64 -1.66 -5.31
CA ALA A 94 -0.04 -2.46 -4.28
C ALA A 94 -1.47 -1.96 -4.05
N HIS A 95 -2.45 -2.78 -4.44
CA HIS A 95 -3.87 -2.39 -4.31
C HIS A 95 -4.47 -2.86 -2.99
N LEU A 96 -4.96 -1.90 -2.22
CA LEU A 96 -5.54 -2.16 -0.91
C LEU A 96 -7.01 -2.57 -1.03
N MET A 97 -7.46 -3.42 -0.11
CA MET A 97 -8.83 -3.90 -0.07
C MET A 97 -9.59 -3.29 1.13
N PRO A 98 -10.93 -3.29 1.12
CA PRO A 98 -11.72 -2.78 2.25
C PRO A 98 -11.32 -3.41 3.60
N ARG A 99 -10.72 -4.59 3.54
CA ARG A 99 -10.33 -5.35 4.76
C ARG A 99 -8.81 -5.23 5.03
N SER A 100 -8.11 -4.43 4.23
CA SER A 100 -6.66 -4.25 4.38
C SER A 100 -6.35 -3.29 5.54
N THR A 101 -5.17 -3.46 6.15
CA THR A 101 -4.78 -2.67 7.33
C THR A 101 -3.34 -2.16 7.22
N VAL A 102 -3.08 -0.99 7.82
CA VAL A 102 -1.74 -0.39 7.82
C VAL A 102 -1.26 -0.13 9.26
N GLU A 103 0.05 -0.21 9.49
CA GLU A 103 0.63 0.03 10.82
C GLU A 103 1.88 0.91 10.74
N VAL A 104 2.01 1.86 11.67
CA VAL A 104 3.17 2.75 11.72
C VAL A 104 4.35 2.10 12.48
N LEU A 105 5.55 2.22 11.92
CA LEU A 105 6.73 1.50 12.43
C LEU A 105 8.00 2.37 12.48
N ASP A 106 9.07 1.76 12.97
CA ASP A 106 10.44 2.31 12.90
C ASP A 106 10.65 3.67 13.61
N PRO A 107 10.39 3.75 14.92
CA PRO A 107 10.95 4.76 15.80
C PRO A 107 12.09 4.14 16.65
N LEU A 108 12.62 3.01 16.16
CA LEU A 108 13.50 2.13 16.93
C LEU A 108 14.75 1.73 16.11
N GLU A 109 15.92 1.79 16.75
CA GLU A 109 17.20 1.46 16.11
C GLU A 109 17.32 -0.04 15.73
N HIS A 110 17.24 -0.90 16.75
CA HIS A 110 17.51 -2.35 16.63
C HIS A 110 17.00 -2.98 15.32
N MET A 1 13.26 -9.78 7.24
CA MET A 1 13.20 -10.94 6.31
C MET A 1 12.70 -12.20 7.02
N LYS A 2 13.48 -12.66 8.02
CA LYS A 2 13.15 -13.89 8.78
C LYS A 2 13.24 -15.15 7.89
N PRO A 3 14.20 -16.05 8.18
CA PRO A 3 14.48 -17.24 7.34
C PRO A 3 13.23 -18.04 6.91
N GLU A 4 13.01 -18.05 5.59
CA GLU A 4 11.95 -18.85 4.96
C GLU A 4 10.54 -18.49 5.48
N HIS A 5 10.09 -17.27 5.17
CA HIS A 5 8.73 -16.82 5.49
C HIS A 5 8.24 -15.81 4.44
N ARG A 6 6.93 -15.76 4.21
CA ARG A 6 6.34 -14.78 3.29
C ARG A 6 6.22 -13.40 3.94
N MET A 7 7.37 -12.73 4.07
CA MET A 7 7.45 -11.34 4.55
C MET A 7 8.25 -10.52 3.54
N ASP A 8 7.98 -10.80 2.26
CA ASP A 8 8.74 -10.25 1.15
C ASP A 8 8.67 -8.72 1.06
N THR A 9 9.83 -8.10 0.85
CA THR A 9 9.92 -6.65 0.67
C THR A 9 9.78 -6.26 -0.81
N ILE A 10 9.89 -4.96 -1.08
CA ILE A 10 9.66 -4.41 -2.42
C ILE A 10 10.52 -5.09 -3.51
N SER A 11 11.76 -5.43 -3.17
CA SER A 11 12.66 -6.15 -4.10
C SER A 11 12.10 -7.52 -4.48
N LYS A 12 11.43 -8.17 -3.53
CA LYS A 12 10.88 -9.51 -3.72
C LYS A 12 9.50 -9.50 -4.41
N LEU A 13 8.74 -8.42 -4.20
CA LEU A 13 7.36 -8.30 -4.71
C LEU A 13 7.22 -8.64 -6.20
N GLU A 14 6.21 -9.44 -6.53
CA GLU A 14 5.93 -9.84 -7.91
C GLU A 14 4.47 -9.56 -8.29
N GLU A 15 4.26 -9.08 -9.51
CA GLU A 15 2.90 -8.82 -10.02
C GLU A 15 2.08 -10.12 -10.09
N GLY A 16 0.89 -10.08 -9.50
CA GLY A 16 0.03 -11.27 -9.46
C GLY A 16 0.05 -11.96 -8.10
N ALA A 17 0.95 -11.55 -7.21
CA ALA A 17 1.05 -12.11 -5.86
C ALA A 17 0.25 -11.28 -4.83
N GLU A 18 -0.36 -11.95 -3.85
CA GLU A 18 -1.04 -11.27 -2.75
C GLU A 18 -0.22 -11.39 -1.45
N THR A 19 0.37 -10.27 -1.04
CA THR A 19 1.25 -10.23 0.15
C THR A 19 1.24 -8.85 0.82
N PRO A 20 1.44 -8.77 2.15
CA PRO A 20 1.59 -7.48 2.85
C PRO A 20 2.92 -6.77 2.50
N VAL A 21 2.93 -5.43 2.60
CA VAL A 21 4.13 -4.64 2.26
C VAL A 21 4.54 -3.70 3.41
N THR A 22 5.84 -3.44 3.52
CA THR A 22 6.39 -2.56 4.57
C THR A 22 7.39 -1.55 3.97
N GLY A 23 7.42 -0.33 4.53
CA GLY A 23 8.36 0.68 4.06
C GLY A 23 8.10 2.07 4.64
N ARG A 24 8.94 3.03 4.27
CA ARG A 24 8.77 4.42 4.76
C ARG A 24 7.93 5.26 3.79
N VAL A 25 7.09 6.12 4.35
CA VAL A 25 6.27 7.04 3.54
C VAL A 25 7.11 8.23 3.06
N MET A 26 7.34 8.30 1.75
CA MET A 26 8.14 9.40 1.19
C MET A 26 7.25 10.52 0.64
N LYS A 27 6.32 10.16 -0.25
CA LYS A 27 5.38 11.12 -0.83
C LYS A 27 3.93 10.62 -0.73
N ILE A 28 2.98 11.53 -0.53
CA ILE A 28 1.56 11.17 -0.51
C ILE A 28 0.76 12.04 -1.50
N SER A 29 0.00 11.40 -2.39
CA SER A 29 -0.85 12.12 -3.36
C SER A 29 -2.29 12.23 -2.86
N SER A 30 -2.99 13.30 -3.24
CA SER A 30 -4.39 13.51 -2.82
C SER A 30 -5.33 12.47 -3.47
N PRO A 31 -6.46 12.16 -2.80
CA PRO A 31 -7.44 11.18 -3.31
C PRO A 31 -8.27 11.70 -4.50
N ARG A 32 -8.25 10.95 -5.61
CA ARG A 32 -9.04 11.29 -6.80
C ARG A 32 -10.39 10.55 -6.79
N THR A 33 -11.45 11.23 -7.23
CA THR A 33 -12.79 10.65 -7.30
C THR A 33 -13.07 10.06 -8.68
N PHE A 34 -13.69 8.88 -8.73
CA PHE A 34 -14.01 8.23 -10.01
C PHE A 34 -15.47 7.77 -10.07
N THR A 35 -15.90 7.29 -11.24
CA THR A 35 -17.28 6.87 -11.44
C THR A 35 -17.45 5.35 -11.23
N THR A 36 -18.10 4.98 -10.12
CA THR A 36 -18.43 3.57 -9.84
C THR A 36 -19.96 3.38 -9.79
N ARG A 37 -20.40 2.16 -9.53
CA ARG A 37 -21.83 1.87 -9.38
C ARG A 37 -22.39 2.64 -8.16
N LYS A 38 -23.53 3.30 -8.35
CA LYS A 38 -24.01 4.28 -7.38
C LYS A 38 -24.52 3.66 -6.06
N GLY A 39 -23.56 3.33 -5.22
CA GLY A 39 -23.81 2.96 -3.84
C GLY A 39 -22.90 3.76 -2.92
N ARG A 40 -21.62 3.82 -3.31
CA ARG A 40 -20.65 4.76 -2.74
C ARG A 40 -20.04 5.61 -3.86
N GLU A 41 -19.48 6.77 -3.51
CA GLU A 41 -18.97 7.72 -4.51
C GLU A 41 -17.82 7.14 -5.36
N GLY A 42 -16.85 6.51 -4.70
CA GLY A 42 -15.69 5.97 -5.42
C GLY A 42 -14.50 6.94 -5.49
N LYS A 43 -13.39 6.55 -4.87
CA LYS A 43 -12.14 7.34 -4.86
C LYS A 43 -10.91 6.43 -4.84
N LEU A 44 -9.76 6.99 -5.20
CA LEU A 44 -8.48 6.27 -5.16
C LEU A 44 -7.33 7.25 -4.86
N ALA A 45 -6.30 6.78 -4.17
CA ALA A 45 -5.15 7.62 -3.82
C ALA A 45 -3.83 6.86 -4.00
N ASN A 46 -2.78 7.58 -4.38
CA ASN A 46 -1.46 6.96 -4.58
C ASN A 46 -0.43 7.49 -3.57
N VAL A 47 0.00 6.61 -2.66
CA VAL A 47 1.04 6.93 -1.68
C VAL A 47 2.37 6.31 -2.09
N ILE A 48 3.41 7.15 -2.23
CA ILE A 48 4.71 6.68 -2.67
C ILE A 48 5.60 6.33 -1.46
N ILE A 49 5.80 5.03 -1.25
CA ILE A 49 6.65 4.55 -0.15
C ILE A 49 7.98 4.03 -0.68
N ALA A 50 9.03 4.14 0.11
CA ALA A 50 10.38 3.73 -0.29
C ALA A 50 11.07 2.90 0.79
N ASP A 51 11.87 1.94 0.35
CA ASP A 51 12.67 1.11 1.26
C ASP A 51 14.05 0.83 0.65
N ASP A 52 14.96 0.33 1.48
CA ASP A 52 16.32 0.00 1.02
C ASP A 52 16.31 -1.12 -0.04
N THR A 53 15.14 -1.74 -0.25
CA THR A 53 15.00 -2.80 -1.27
C THR A 53 14.20 -2.34 -2.50
N GLY A 54 13.85 -1.06 -2.57
CA GLY A 54 13.08 -0.56 -3.71
C GLY A 54 11.97 0.43 -3.33
N GLU A 55 11.38 1.07 -4.34
CA GLU A 55 10.22 1.97 -4.12
C GLU A 55 8.91 1.28 -4.56
N LEU A 56 7.78 1.71 -3.99
CA LEU A 56 6.48 1.11 -4.32
C LEU A 56 5.35 2.15 -4.30
N ARG A 57 4.37 2.00 -5.21
CA ARG A 57 3.19 2.86 -5.24
C ARG A 57 2.00 2.19 -4.54
N ALA A 58 1.66 2.65 -3.34
CA ALA A 58 0.53 2.11 -2.58
C ALA A 58 -0.81 2.74 -3.01
N VAL A 59 -1.73 1.93 -3.51
CA VAL A 59 -3.02 2.43 -3.99
C VAL A 59 -4.12 2.32 -2.92
N PHE A 60 -4.48 3.45 -2.33
CA PHE A 60 -5.53 3.51 -1.31
C PHE A 60 -6.90 3.82 -1.94
N TRP A 61 -7.76 2.81 -2.04
CA TRP A 61 -9.12 3.00 -2.55
C TRP A 61 -10.01 3.72 -1.52
N THR A 62 -11.11 4.31 -1.99
CA THR A 62 -12.00 5.12 -1.14
C THR A 62 -12.30 4.47 0.23
N GLU A 63 -12.43 3.15 0.27
CA GLU A 63 -12.66 2.44 1.52
C GLU A 63 -11.46 2.63 2.49
N ASN A 64 -10.25 2.55 1.93
CA ASN A 64 -9.01 2.64 2.71
C ASN A 64 -8.52 4.09 2.90
N ILE A 65 -9.21 5.06 2.31
CA ILE A 65 -8.87 6.49 2.51
C ILE A 65 -8.86 6.84 4.00
N LYS A 66 -9.70 6.14 4.77
CA LYS A 66 -9.78 6.31 6.23
C LYS A 66 -8.43 6.09 6.93
N LEU A 67 -7.51 5.41 6.26
CA LEU A 67 -6.20 5.07 6.84
C LEU A 67 -5.20 6.24 6.73
N LEU A 68 -5.44 7.14 5.79
CA LEU A 68 -4.52 8.27 5.54
C LEU A 68 -4.42 9.23 6.76
N LYS A 69 -5.39 9.15 7.67
CA LYS A 69 -5.42 9.99 8.87
C LYS A 69 -4.53 9.41 9.99
N LYS A 70 -4.12 8.16 9.84
CA LYS A 70 -3.36 7.45 10.89
C LYS A 70 -1.88 7.85 10.90
N PHE A 71 -1.21 7.66 9.77
CA PHE A 71 0.22 7.97 9.66
C PHE A 71 0.47 9.32 8.97
N ARG A 72 1.71 9.78 8.99
CA ARG A 72 2.08 11.04 8.34
C ARG A 72 3.20 10.84 7.32
N GLU A 73 3.30 11.76 6.37
CA GLU A 73 4.33 11.70 5.32
C GLU A 73 5.75 11.74 5.92
N GLY A 74 6.35 10.56 6.11
CA GLY A 74 7.69 10.47 6.68
C GLY A 74 7.88 9.27 7.60
N ASP A 75 6.78 8.72 8.14
CA ASP A 75 6.85 7.63 9.11
C ASP A 75 7.10 6.25 8.45
N VAL A 76 7.39 5.25 9.28
CA VAL A 76 7.59 3.87 8.81
C VAL A 76 6.31 3.03 9.03
N ILE A 77 5.64 2.66 7.95
CA ILE A 77 4.35 1.95 8.07
C ILE A 77 4.40 0.55 7.43
N ARG A 78 3.42 -0.26 7.79
CA ARG A 78 3.22 -1.58 7.18
C ARG A 78 1.76 -1.72 6.70
N ILE A 79 1.59 -1.97 5.41
CA ILE A 79 0.27 -2.17 4.83
C ILE A 79 -0.03 -3.67 4.72
N LYS A 80 -0.97 -4.15 5.55
CA LYS A 80 -1.25 -5.58 5.65
C LYS A 80 -2.37 -6.00 4.68
N ASP A 81 -2.16 -7.12 3.97
CA ASP A 81 -3.12 -7.66 2.99
C ASP A 81 -3.31 -6.71 1.78
N VAL A 82 -2.45 -6.86 0.76
CA VAL A 82 -2.57 -6.07 -0.48
C VAL A 82 -2.26 -6.92 -1.74
N ASN A 83 -2.58 -6.36 -2.90
CA ASN A 83 -2.36 -7.06 -4.18
C ASN A 83 -1.37 -6.30 -5.08
N ILE A 84 -0.25 -6.94 -5.42
CA ILE A 84 0.74 -6.33 -6.31
C ILE A 84 0.32 -6.50 -7.78
N ARG A 85 -0.04 -5.39 -8.43
CA ARG A 85 -0.53 -5.44 -9.81
C ARG A 85 0.61 -5.32 -10.85
N GLY A 86 1.70 -4.65 -10.49
CA GLY A 86 2.87 -4.61 -11.37
C GLY A 86 3.44 -3.23 -11.61
N GLY A 87 2.60 -2.20 -11.57
CA GLY A 87 3.05 -0.84 -11.87
C GLY A 87 3.55 -0.68 -13.30
N PHE A 88 2.65 -0.28 -14.21
CA PHE A 88 2.99 -0.16 -15.63
C PHE A 88 4.13 0.85 -15.88
N GLY A 89 5.28 0.34 -16.31
CA GLY A 89 6.40 1.21 -16.67
C GLY A 89 7.40 1.45 -15.54
N GLY A 90 7.78 0.39 -14.82
CA GLY A 90 8.83 0.50 -13.81
C GLY A 90 8.34 0.39 -12.37
N ARG A 91 7.73 1.45 -11.86
CA ARG A 91 7.35 1.52 -10.45
C ARG A 91 6.10 0.70 -10.14
N LYS A 92 6.29 -0.43 -9.45
CA LYS A 92 5.21 -1.35 -9.08
C LYS A 92 4.16 -0.70 -8.16
N GLU A 93 3.05 -1.41 -7.96
CA GLU A 93 1.90 -0.88 -7.21
C GLU A 93 1.25 -1.96 -6.33
N ALA A 94 0.63 -1.52 -5.22
CA ALA A 94 -0.06 -2.43 -4.30
C ALA A 94 -1.46 -1.91 -3.94
N HIS A 95 -2.50 -2.68 -4.30
CA HIS A 95 -3.89 -2.28 -4.04
C HIS A 95 -4.40 -2.83 -2.71
N LEU A 96 -5.09 -1.98 -1.94
CA LEU A 96 -5.63 -2.37 -0.63
C LEU A 96 -7.05 -2.98 -0.75
N MET A 97 -7.64 -3.31 0.40
CA MET A 97 -8.95 -3.98 0.45
C MET A 97 -9.84 -3.36 1.54
N PRO A 98 -11.19 -3.42 1.38
CA PRO A 98 -12.13 -2.84 2.37
C PRO A 98 -11.92 -3.33 3.82
N ARG A 99 -11.16 -4.41 4.01
CA ARG A 99 -10.84 -4.93 5.37
C ARG A 99 -9.36 -4.77 5.73
N SER A 100 -8.52 -4.37 4.78
CA SER A 100 -7.07 -4.27 5.04
C SER A 100 -6.68 -2.91 5.63
N THR A 101 -5.81 -2.92 6.64
CA THR A 101 -5.42 -1.69 7.34
C THR A 101 -3.90 -1.49 7.37
N VAL A 102 -3.48 -0.31 7.85
CA VAL A 102 -2.06 0.03 7.95
C VAL A 102 -1.65 0.29 9.41
N GLU A 103 -0.38 0.10 9.73
CA GLU A 103 0.12 0.27 11.09
C GLU A 103 1.52 0.91 11.11
N VAL A 104 1.86 1.60 12.20
CA VAL A 104 3.19 2.18 12.37
C VAL A 104 4.11 1.25 13.17
N LEU A 105 5.31 0.99 12.65
CA LEU A 105 6.22 0.02 13.27
C LEU A 105 7.39 0.69 14.01
N ASP A 106 8.29 1.33 13.27
CA ASP A 106 9.53 1.87 13.83
C ASP A 106 9.46 3.35 14.31
N PRO A 107 8.36 4.13 14.09
CA PRO A 107 8.15 5.40 14.82
C PRO A 107 7.89 5.14 16.32
N LEU A 108 8.83 4.40 16.93
CA LEU A 108 8.63 3.78 18.24
C LEU A 108 9.44 4.50 19.34
N GLU A 109 8.81 4.72 20.48
CA GLU A 109 9.45 5.45 21.60
C GLU A 109 10.31 4.54 22.50
N HIS A 110 9.80 3.36 22.82
CA HIS A 110 10.44 2.45 23.79
C HIS A 110 11.85 2.00 23.35
#